data_6X14
#
_entry.id   6X14
#
_cell.length_a   1.00
_cell.length_b   1.00
_cell.length_c   1.00
_cell.angle_alpha   90.00
_cell.angle_beta   90.00
_cell.angle_gamma   90.00
#
_symmetry.space_group_name_H-M   'P 1'
#
loop_
_entity.id
_entity.type
_entity.pdbx_description
1 polymer 'Glutamate transporter homologue GltPh'
2 non-polymer '(2~{S},3~{S})-2-azanyl-3-[[3-[[4-(trifluoromethyl)phenyl]carbonylamino]phenyl]methoxy]butanedioic acid'
3 non-polymer '[(2~{R})-1-[2-azanylethoxy(oxidanyl)phosphoryl]oxy-3-hexadecanoyloxy-propan-2-yl] (~{Z})-octadec-9-enoate'
#
_entity_poly.entity_id   1
_entity_poly.type   'polypeptide(L)'
_entity_poly.pdbx_seq_one_letter_code
;(FME)GLYRKYIEYPVLQKILIGLILGAIVGLILGHYGYAHAVHTYVKPFGDLFVRLLCMLVMPIVFASLVVGAASISPA
RLGRVGVKIVVYYLLTSAFAVTLGIIMARLFNPGAGIHLAVGGQQFQPHQAPPLVHILLDIVPTNPFGALANGQVLPTIF
FAIILGIAITYLMNSENEKVRKSAETLLDAINGLAEAMYKIVNGVMQYAPIGVFALIAYVMAEQGVHVVGELAKVTAAVY
VGLTLQILLVYFVLLKIYGIDPISFIKHAKDAMLTAFVTRSSSGTLPVTMRVAKEMGISEGIYSFTLPLGATINMDGTAL
YQGVATFFIANALGSHLTVGQQLTIVLTAVLASIGTAGVPGAGAIMLCMVLHSVGLPLTDPNVAAAYAMILGIDAILDMG
RTMVNVTGDLTGTAIVAKTEGTLVPR
;
_entity_poly.pdbx_strand_id   A,B,C
#
loop_
_chem_comp.id
_chem_comp.type
_chem_comp.name
_chem_comp.formula
6OU non-polymer '[(2~{R})-1-[2-azanylethoxy(oxidanyl)phosphoryl]oxy-3-hexadecanoyloxy-propan-2-yl] (~{Z})-octadec-9-enoate' 'C39 H76 N O8 P'
7O9 non-polymer '(2~{S},3~{S})-2-azanyl-3-[[3-[[4-(trifluoromethyl)phenyl]carbonylamino]phenyl]methoxy]butanedioic acid' 'C19 H17 F3 N2 O6'
#
# COMPACT_ATOMS: atom_id res chain seq x y z
N TYR A 4 -1.86 -13.07 -35.68
CA TYR A 4 -2.09 -12.36 -34.42
C TYR A 4 -3.56 -12.00 -34.26
N ARG A 5 -4.09 -11.24 -35.22
CA ARG A 5 -5.49 -10.87 -35.17
C ARG A 5 -6.39 -12.08 -35.37
N LYS A 6 -5.97 -13.03 -36.20
CA LYS A 6 -6.72 -14.26 -36.38
C LYS A 6 -6.67 -15.14 -35.13
N TYR A 7 -5.63 -14.98 -34.32
CA TYR A 7 -5.48 -15.70 -33.07
C TYR A 7 -6.28 -15.06 -31.93
N ILE A 8 -6.42 -13.73 -31.95
CA ILE A 8 -7.19 -13.05 -30.91
C ILE A 8 -8.68 -13.30 -31.11
N GLU A 9 -9.16 -13.24 -32.36
CA GLU A 9 -10.59 -13.36 -32.63
C GLU A 9 -11.13 -14.77 -32.39
N TYR A 10 -10.28 -15.76 -32.16
CA TYR A 10 -10.72 -17.08 -31.74
C TYR A 10 -11.37 -16.97 -30.36
N PRO A 11 -12.41 -17.76 -30.10
CA PRO A 11 -13.00 -17.76 -28.75
C PRO A 11 -12.06 -18.37 -27.73
N VAL A 12 -12.00 -17.75 -26.55
CA VAL A 12 -10.90 -17.99 -25.63
C VAL A 12 -11.03 -19.32 -24.89
N LEU A 13 -12.26 -19.82 -24.69
CA LEU A 13 -12.41 -21.07 -23.94
C LEU A 13 -12.04 -22.29 -24.77
N GLN A 14 -12.48 -22.33 -26.04
CA GLN A 14 -12.01 -23.37 -26.94
C GLN A 14 -10.52 -23.23 -27.24
N LYS A 15 -10.00 -22.00 -27.20
CA LYS A 15 -8.58 -21.76 -27.36
C LYS A 15 -7.78 -22.41 -26.23
N ILE A 16 -8.19 -22.18 -24.98
CA ILE A 16 -7.43 -22.73 -23.87
C ILE A 16 -7.66 -24.23 -23.74
N LEU A 17 -8.81 -24.74 -24.22
CA LEU A 17 -9.02 -26.18 -24.20
C LEU A 17 -8.17 -26.89 -25.24
N ILE A 18 -8.06 -26.31 -26.45
CA ILE A 18 -7.20 -26.93 -27.45
C ILE A 18 -5.73 -26.72 -27.10
N GLY A 19 -5.42 -25.69 -26.30
CA GLY A 19 -4.07 -25.56 -25.78
C GLY A 19 -3.74 -26.65 -24.77
N LEU A 20 -4.72 -26.99 -23.91
CA LEU A 20 -4.56 -28.11 -22.98
C LEU A 20 -4.36 -29.44 -23.71
N ILE A 21 -5.18 -29.68 -24.73
CA ILE A 21 -5.12 -30.95 -25.44
C ILE A 21 -3.84 -31.06 -26.26
N LEU A 22 -3.41 -29.97 -26.90
CA LEU A 22 -2.14 -29.99 -27.61
C LEU A 22 -0.95 -30.02 -26.66
N GLY A 23 -1.13 -29.58 -25.41
CA GLY A 23 -0.06 -29.64 -24.45
C GLY A 23 0.19 -31.01 -23.88
N ALA A 24 -0.89 -31.73 -23.57
CA ALA A 24 -0.77 -32.99 -22.83
C ALA A 24 -0.04 -34.06 -23.65
N ILE A 25 -0.45 -34.26 -24.90
CA ILE A 25 0.12 -35.32 -25.73
C ILE A 25 1.57 -35.01 -26.08
N VAL A 26 1.86 -33.75 -26.38
CA VAL A 26 3.21 -33.33 -26.75
C VAL A 26 4.15 -33.44 -25.56
N GLY A 27 3.68 -33.07 -24.37
CA GLY A 27 4.48 -33.26 -23.17
C GLY A 27 4.72 -34.73 -22.86
N LEU A 28 3.73 -35.58 -23.15
CA LEU A 28 3.91 -37.01 -22.90
C LEU A 28 4.94 -37.62 -23.85
N ILE A 29 4.92 -37.25 -25.13
CA ILE A 29 5.90 -37.87 -26.03
C ILE A 29 7.29 -37.27 -25.84
N LEU A 30 7.39 -35.99 -25.45
CA LEU A 30 8.70 -35.45 -25.10
C LEU A 30 9.24 -36.06 -23.80
N GLY A 31 8.36 -36.41 -22.87
CA GLY A 31 8.82 -37.08 -21.67
C GLY A 31 9.23 -38.52 -21.91
N HIS A 32 8.56 -39.18 -22.88
CA HIS A 32 8.94 -40.56 -23.17
C HIS A 32 10.23 -40.63 -23.99
N TYR A 33 10.43 -39.70 -24.93
CA TYR A 33 11.62 -39.80 -25.78
C TYR A 33 12.90 -39.33 -25.10
N GLY A 34 12.81 -38.73 -23.91
CA GLY A 34 14.00 -38.39 -23.16
C GLY A 34 14.44 -36.94 -23.24
N TYR A 35 13.70 -36.10 -23.95
CA TYR A 35 14.04 -34.67 -24.03
C TYR A 35 13.33 -33.87 -22.94
N ALA A 36 13.48 -34.29 -21.68
CA ALA A 36 12.80 -33.61 -20.59
C ALA A 36 13.59 -32.41 -20.08
N HIS A 37 14.92 -32.49 -20.07
CA HIS A 37 15.74 -31.40 -19.55
C HIS A 37 15.70 -30.19 -20.46
N ALA A 38 15.60 -30.40 -21.77
CA ALA A 38 15.43 -29.27 -22.69
C ALA A 38 14.09 -28.60 -22.50
N VAL A 39 13.05 -29.38 -22.18
CA VAL A 39 11.74 -28.82 -21.87
C VAL A 39 11.81 -27.98 -20.60
N HIS A 40 12.43 -28.53 -19.55
CA HIS A 40 12.57 -27.84 -18.28
C HIS A 40 13.43 -26.59 -18.38
N THR A 41 14.36 -26.54 -19.34
CA THR A 41 15.19 -25.35 -19.43
C THR A 41 14.67 -24.32 -20.43
N TYR A 42 13.79 -24.71 -21.38
CA TYR A 42 13.36 -23.76 -22.41
C TYR A 42 11.88 -23.45 -22.43
N VAL A 43 11.01 -24.29 -21.86
CA VAL A 43 9.57 -24.10 -21.95
C VAL A 43 8.96 -23.67 -20.63
N LYS A 44 9.49 -24.13 -19.49
CA LYS A 44 8.95 -23.81 -18.18
C LYS A 44 8.86 -22.32 -17.82
N PRO A 45 9.77 -21.42 -18.24
CA PRO A 45 9.52 -19.98 -18.00
C PRO A 45 8.26 -19.43 -18.64
N PHE A 46 7.78 -20.01 -19.74
CA PHE A 46 6.52 -19.56 -20.32
C PHE A 46 5.32 -19.94 -19.46
N GLY A 47 5.45 -20.93 -18.59
CA GLY A 47 4.39 -21.29 -17.67
C GLY A 47 4.53 -20.57 -16.34
N ASP A 48 5.78 -20.31 -15.95
CA ASP A 48 6.01 -19.52 -14.74
C ASP A 48 5.58 -18.08 -14.93
N LEU A 49 5.75 -17.54 -16.14
CA LEU A 49 5.20 -16.23 -16.47
C LEU A 49 3.68 -16.22 -16.36
N PHE A 50 3.01 -17.31 -16.73
CA PHE A 50 1.56 -17.34 -16.65
C PHE A 50 1.08 -17.47 -15.21
N VAL A 51 1.76 -18.26 -14.39
CA VAL A 51 1.31 -18.34 -13.00
C VAL A 51 1.66 -17.07 -12.24
N ARG A 52 2.68 -16.33 -12.68
CA ARG A 52 2.94 -15.02 -12.11
C ARG A 52 1.86 -14.02 -12.51
N LEU A 53 1.43 -14.06 -13.78
CA LEU A 53 0.35 -13.20 -14.23
C LEU A 53 -0.98 -13.55 -13.57
N LEU A 54 -1.16 -14.80 -13.17
CA LEU A 54 -2.37 -15.17 -12.44
C LEU A 54 -2.30 -14.77 -10.98
N CYS A 55 -1.12 -14.81 -10.36
CA CYS A 55 -1.00 -14.35 -8.99
C CYS A 55 -1.03 -12.83 -8.88
N MET A 56 -0.73 -12.11 -9.98
CA MET A 56 -0.78 -10.66 -9.93
C MET A 56 -2.21 -10.14 -9.74
N LEU A 57 -3.17 -10.73 -10.43
CA LEU A 57 -4.50 -10.15 -10.52
C LEU A 57 -5.38 -10.42 -9.31
N VAL A 58 -4.96 -11.28 -8.39
CA VAL A 58 -5.86 -11.73 -7.33
C VAL A 58 -6.00 -10.69 -6.22
N MET A 59 -5.02 -9.83 -6.02
CA MET A 59 -5.13 -8.86 -4.93
C MET A 59 -5.96 -7.60 -5.20
N PRO A 60 -5.87 -6.90 -6.35
CA PRO A 60 -6.76 -5.75 -6.53
C PRO A 60 -8.20 -6.11 -6.80
N ILE A 61 -8.46 -7.28 -7.39
CA ILE A 61 -9.83 -7.69 -7.68
C ILE A 61 -10.60 -7.96 -6.40
N VAL A 62 -9.99 -8.72 -5.48
CA VAL A 62 -10.66 -9.10 -4.24
C VAL A 62 -10.86 -7.92 -3.30
N PHE A 63 -10.17 -6.80 -3.52
CA PHE A 63 -10.45 -5.58 -2.79
C PHE A 63 -11.51 -4.72 -3.49
N ALA A 64 -11.27 -4.38 -4.75
CA ALA A 64 -12.12 -3.42 -5.46
C ALA A 64 -13.51 -3.98 -5.77
N SER A 65 -13.58 -5.23 -6.24
CA SER A 65 -14.87 -5.84 -6.55
C SER A 65 -15.70 -6.03 -5.30
N LEU A 66 -15.05 -6.37 -4.18
CA LEU A 66 -15.77 -6.55 -2.93
C LEU A 66 -16.26 -5.23 -2.37
N VAL A 67 -15.47 -4.16 -2.54
CA VAL A 67 -15.89 -2.85 -2.07
C VAL A 67 -17.12 -2.36 -2.86
N VAL A 68 -17.07 -2.51 -4.18
CA VAL A 68 -18.19 -2.05 -5.02
C VAL A 68 -19.43 -2.92 -4.79
N GLY A 69 -19.23 -4.23 -4.64
CA GLY A 69 -20.36 -5.12 -4.43
C GLY A 69 -21.01 -4.93 -3.07
N ALA A 70 -20.21 -4.69 -2.03
CA ALA A 70 -20.79 -4.42 -0.72
C ALA A 70 -21.41 -3.04 -0.67
N ALA A 71 -20.93 -2.11 -1.49
CA ALA A 71 -21.56 -0.81 -1.57
C ALA A 71 -22.86 -0.82 -2.37
N SER A 72 -23.07 -1.82 -3.21
CA SER A 72 -24.23 -1.85 -4.09
C SER A 72 -25.49 -2.42 -3.43
N ILE A 73 -25.36 -3.11 -2.29
CA ILE A 73 -26.50 -3.81 -1.69
C ILE A 73 -27.39 -2.82 -0.95
N SER A 74 -28.63 -3.21 -0.76
CA SER A 74 -29.58 -2.48 0.08
C SER A 74 -30.61 -3.48 0.57
N PRO A 75 -30.63 -3.79 1.88
CA PRO A 75 -31.49 -4.88 2.37
C PRO A 75 -32.97 -4.55 2.36
N ALA A 76 -33.37 -3.29 2.19
CA ALA A 76 -34.77 -2.96 2.02
C ALA A 76 -35.19 -2.97 0.57
N ARG A 77 -34.29 -2.61 -0.35
CA ARG A 77 -34.58 -2.68 -1.77
C ARG A 77 -34.55 -4.13 -2.25
N LEU A 78 -33.53 -4.88 -1.85
CA LEU A 78 -33.50 -6.33 -2.07
C LEU A 78 -34.56 -6.97 -1.19
N GLY A 79 -35.53 -7.62 -1.81
CA GLY A 79 -36.70 -8.09 -1.10
C GLY A 79 -36.42 -9.27 -0.17
N ARG A 80 -37.49 -9.75 0.46
CA ARG A 80 -37.40 -10.89 1.36
C ARG A 80 -37.07 -12.17 0.61
N VAL A 81 -37.57 -12.29 -0.62
CA VAL A 81 -37.20 -13.40 -1.51
C VAL A 81 -35.70 -13.37 -1.78
N GLY A 82 -35.14 -12.17 -1.95
CA GLY A 82 -33.71 -12.05 -2.18
C GLY A 82 -32.86 -12.47 -0.99
N VAL A 83 -33.26 -12.07 0.22
CA VAL A 83 -32.45 -12.42 1.38
C VAL A 83 -32.63 -13.90 1.73
N LYS A 84 -33.79 -14.49 1.45
CA LYS A 84 -33.95 -15.93 1.67
C LYS A 84 -33.11 -16.73 0.68
N ILE A 85 -33.05 -16.28 -0.59
CA ILE A 85 -32.23 -17.03 -1.54
C ILE A 85 -30.73 -16.77 -1.34
N VAL A 86 -30.34 -15.65 -0.75
CA VAL A 86 -28.93 -15.46 -0.41
C VAL A 86 -28.53 -16.36 0.74
N VAL A 87 -29.40 -16.47 1.75
CA VAL A 87 -29.16 -17.41 2.86
C VAL A 87 -29.06 -18.84 2.35
N TYR A 88 -29.95 -19.21 1.41
CA TYR A 88 -29.91 -20.55 0.85
C TYR A 88 -28.64 -20.80 0.04
N TYR A 89 -28.23 -19.83 -0.78
CA TYR A 89 -27.05 -20.01 -1.63
C TYR A 89 -25.79 -20.14 -0.79
N LEU A 90 -25.63 -19.30 0.25
CA LEU A 90 -24.43 -19.39 1.07
C LEU A 90 -24.42 -20.65 1.93
N LEU A 91 -25.59 -21.08 2.42
CA LEU A 91 -25.65 -22.32 3.20
C LEU A 91 -25.32 -23.53 2.33
N THR A 92 -25.86 -23.58 1.10
CA THR A 92 -25.61 -24.72 0.24
C THR A 92 -24.17 -24.72 -0.27
N SER A 93 -23.57 -23.54 -0.47
CA SER A 93 -22.17 -23.50 -0.87
C SER A 93 -21.25 -23.95 0.26
N ALA A 94 -21.58 -23.58 1.50
CA ALA A 94 -20.79 -24.06 2.64
C ALA A 94 -20.90 -25.56 2.81
N PHE A 95 -22.11 -26.10 2.63
CA PHE A 95 -22.28 -27.56 2.68
C PHE A 95 -21.57 -28.26 1.53
N ALA A 96 -21.48 -27.61 0.37
CA ALA A 96 -20.76 -28.20 -0.75
C ALA A 96 -19.26 -28.27 -0.51
N VAL A 97 -18.68 -27.22 0.09
CA VAL A 97 -17.25 -27.27 0.41
C VAL A 97 -16.98 -28.30 1.50
N THR A 98 -17.89 -28.40 2.49
CA THR A 98 -17.71 -29.40 3.54
C THR A 98 -17.79 -30.82 3.00
N LEU A 99 -18.74 -31.07 2.08
CA LEU A 99 -18.86 -32.40 1.51
C LEU A 99 -17.71 -32.72 0.57
N GLY A 100 -17.15 -31.70 -0.10
CA GLY A 100 -15.97 -31.93 -0.92
C GLY A 100 -14.74 -32.25 -0.10
N ILE A 101 -14.59 -31.59 1.05
CA ILE A 101 -13.50 -31.90 1.97
C ILE A 101 -13.66 -33.31 2.54
N ILE A 102 -14.91 -33.72 2.81
CA ILE A 102 -15.17 -35.08 3.30
C ILE A 102 -14.80 -36.11 2.23
N MET A 103 -15.24 -35.89 0.99
CA MET A 103 -14.95 -36.84 -0.07
C MET A 103 -13.52 -36.74 -0.59
N ALA A 104 -12.76 -35.74 -0.16
CA ALA A 104 -11.33 -35.74 -0.42
C ALA A 104 -10.52 -36.33 0.72
N ARG A 105 -11.06 -36.35 1.94
CA ARG A 105 -10.40 -37.11 3.00
C ARG A 105 -10.70 -38.60 2.90
N LEU A 106 -11.84 -38.97 2.33
CA LEU A 106 -12.21 -40.38 2.26
C LEU A 106 -11.44 -41.12 1.16
N PHE A 107 -11.00 -40.41 0.13
CA PHE A 107 -10.36 -41.03 -1.01
C PHE A 107 -8.84 -40.96 -0.99
N ASN A 108 -8.28 -39.93 -0.33
CA ASN A 108 -6.87 -39.54 -0.32
C ASN A 108 -6.30 -39.42 -1.73
N PRO A 109 -6.65 -38.39 -2.50
CA PRO A 109 -6.05 -38.24 -3.83
C PRO A 109 -4.70 -37.53 -3.74
N GLY A 110 -3.75 -38.01 -4.54
CA GLY A 110 -2.42 -37.44 -4.57
C GLY A 110 -1.48 -37.96 -3.50
N ALA A 111 -1.95 -38.75 -2.55
CA ALA A 111 -1.09 -39.32 -1.54
C ALA A 111 -0.27 -40.45 -2.15
N GLY A 112 1.02 -40.22 -2.34
CA GLY A 112 1.88 -41.23 -2.92
C GLY A 112 2.66 -40.73 -4.12
N ILE A 113 2.71 -39.42 -4.30
CA ILE A 113 3.44 -38.81 -5.40
C ILE A 113 4.85 -38.42 -4.98
N HIS A 114 4.98 -37.79 -3.81
CA HIS A 114 6.23 -37.25 -3.27
C HIS A 114 6.90 -36.30 -4.25
N LEU A 115 6.17 -35.23 -4.57
CA LEU A 115 6.62 -34.29 -5.59
C LEU A 115 7.72 -33.40 -5.03
N ALA A 116 8.80 -33.24 -5.80
CA ALA A 116 9.88 -32.34 -5.45
C ALA A 116 10.49 -31.85 -6.75
N VAL A 117 10.30 -30.57 -7.05
CA VAL A 117 10.75 -30.03 -8.33
C VAL A 117 12.22 -29.60 -8.26
N GLY A 118 12.54 -28.73 -7.30
CA GLY A 118 13.89 -28.19 -7.22
C GLY A 118 14.91 -29.17 -6.68
N GLY A 119 14.46 -30.15 -5.90
CA GLY A 119 15.37 -31.08 -5.27
C GLY A 119 15.09 -31.18 -3.79
N GLN A 120 14.10 -30.42 -3.33
CA GLN A 120 13.66 -30.46 -1.95
C GLN A 120 12.15 -30.43 -1.90
N GLN A 121 11.59 -30.90 -0.79
CA GLN A 121 10.15 -30.93 -0.64
C GLN A 121 9.63 -29.58 -0.17
N PHE A 122 8.31 -29.45 -0.15
CA PHE A 122 7.67 -28.23 0.30
C PHE A 122 7.67 -28.18 1.82
N GLN A 123 8.33 -27.19 2.39
CA GLN A 123 8.35 -27.05 3.84
C GLN A 123 7.06 -26.38 4.31
N PRO A 124 6.25 -27.06 5.12
CA PRO A 124 4.99 -26.45 5.56
C PRO A 124 5.21 -25.43 6.67
N HIS A 125 4.26 -24.50 6.76
CA HIS A 125 4.31 -23.48 7.79
C HIS A 125 3.51 -23.92 9.00
N GLN A 126 3.89 -23.39 10.16
CA GLN A 126 3.23 -23.77 11.41
C GLN A 126 1.83 -23.17 11.47
N ALA A 127 0.84 -24.01 11.56
CA ALA A 127 -0.54 -23.54 11.59
C ALA A 127 -0.90 -23.08 13.00
N PRO A 128 -1.51 -21.91 13.15
CA PRO A 128 -1.95 -21.45 14.48
C PRO A 128 -3.15 -22.24 14.95
N PRO A 129 -3.50 -22.17 16.25
CA PRO A 129 -4.71 -22.87 16.73
C PRO A 129 -6.01 -22.30 16.22
N LEU A 130 -7.14 -22.88 16.65
CA LEU A 130 -8.43 -22.55 16.07
C LEU A 130 -8.90 -21.15 16.45
N VAL A 131 -8.68 -20.75 17.71
CA VAL A 131 -9.09 -19.43 18.16
C VAL A 131 -8.28 -18.32 17.52
N HIS A 132 -7.00 -18.57 17.26
CA HIS A 132 -6.10 -17.53 16.77
C HIS A 132 -6.29 -17.21 15.29
N ILE A 133 -7.10 -17.97 14.57
CA ILE A 133 -7.37 -17.67 13.17
C ILE A 133 -8.61 -16.80 13.02
N LEU A 134 -9.64 -17.05 13.82
CA LEU A 134 -10.83 -16.20 13.83
C LEU A 134 -10.55 -14.83 14.41
N LEU A 135 -9.46 -14.67 15.17
CA LEU A 135 -8.98 -13.35 15.53
C LEU A 135 -8.02 -12.77 14.51
N ASP A 136 -7.46 -13.60 13.64
CA ASP A 136 -6.65 -13.13 12.52
C ASP A 136 -7.49 -12.83 11.28
N ILE A 137 -8.80 -13.03 11.36
CA ILE A 137 -9.70 -12.56 10.31
C ILE A 137 -9.65 -11.04 10.20
N VAL A 138 -9.80 -10.36 11.33
CA VAL A 138 -9.72 -8.90 11.37
C VAL A 138 -8.26 -8.47 11.26
N PRO A 139 -7.92 -7.57 10.33
CA PRO A 139 -6.51 -7.24 10.12
C PRO A 139 -5.98 -6.30 11.19
N THR A 140 -4.71 -6.50 11.54
CA THR A 140 -4.03 -5.54 12.41
C THR A 140 -3.78 -4.23 11.68
N ASN A 141 -3.32 -4.31 10.44
CA ASN A 141 -3.06 -3.13 9.62
C ASN A 141 -3.78 -3.35 8.29
N PRO A 142 -4.71 -2.48 7.91
CA PRO A 142 -5.44 -2.71 6.65
C PRO A 142 -4.61 -2.43 5.41
N PHE A 143 -3.54 -1.65 5.52
CA PHE A 143 -2.62 -1.51 4.39
C PHE A 143 -1.62 -2.66 4.38
N GLY A 144 -1.22 -3.13 5.56
CA GLY A 144 -0.32 -4.27 5.65
C GLY A 144 -0.96 -5.60 5.32
N ALA A 145 -2.29 -5.66 5.26
CA ALA A 145 -2.96 -6.85 4.78
C ALA A 145 -3.01 -6.91 3.26
N LEU A 146 -3.02 -5.74 2.61
CA LEU A 146 -2.95 -5.68 1.16
C LEU A 146 -1.52 -5.73 0.64
N ALA A 147 -0.56 -5.25 1.43
CA ALA A 147 0.84 -5.32 1.01
C ALA A 147 1.37 -6.74 1.02
N ASN A 148 0.93 -7.56 1.97
CA ASN A 148 1.19 -8.99 1.95
C ASN A 148 0.03 -9.66 1.21
N GLY A 149 -0.03 -10.99 1.24
CA GLY A 149 -1.14 -11.64 0.58
C GLY A 149 -2.45 -11.48 1.32
N GLN A 150 -2.62 -12.23 2.40
CA GLN A 150 -3.63 -12.06 3.46
C GLN A 150 -5.04 -11.82 2.90
N VAL A 151 -5.57 -12.86 2.27
CA VAL A 151 -6.86 -12.78 1.59
C VAL A 151 -8.00 -12.55 2.59
N LEU A 152 -8.01 -13.30 3.67
CA LEU A 152 -9.05 -13.10 4.68
C LEU A 152 -8.92 -11.80 5.49
N PRO A 153 -7.72 -11.28 5.81
CA PRO A 153 -7.68 -9.93 6.39
C PRO A 153 -7.91 -8.80 5.40
N THR A 154 -8.16 -9.05 4.11
CA THR A 154 -8.56 -7.96 3.23
C THR A 154 -9.98 -8.07 2.71
N ILE A 155 -10.57 -9.28 2.74
CA ILE A 155 -12.00 -9.42 2.43
C ILE A 155 -12.84 -8.68 3.48
N PHE A 156 -12.49 -8.87 4.75
CA PHE A 156 -13.20 -8.20 5.84
C PHE A 156 -13.08 -6.68 5.75
N PHE A 157 -11.89 -6.18 5.39
CA PHE A 157 -11.70 -4.74 5.28
C PHE A 157 -12.44 -4.17 4.08
N ALA A 158 -12.50 -4.91 2.97
CA ALA A 158 -13.23 -4.43 1.80
C ALA A 158 -14.73 -4.38 2.06
N ILE A 159 -15.27 -5.40 2.73
CA ILE A 159 -16.70 -5.40 3.06
C ILE A 159 -17.03 -4.30 4.05
N ILE A 160 -16.17 -4.12 5.07
CA ILE A 160 -16.43 -3.11 6.08
C ILE A 160 -16.19 -1.70 5.55
N LEU A 161 -15.48 -1.55 4.43
CA LEU A 161 -15.39 -0.24 3.80
C LEU A 161 -16.60 0.02 2.91
N GLY A 162 -17.08 -1.01 2.22
CA GLY A 162 -18.25 -0.83 1.36
C GLY A 162 -19.52 -0.51 2.13
N ILE A 163 -19.71 -1.13 3.29
CA ILE A 163 -20.87 -0.82 4.11
C ILE A 163 -20.82 0.61 4.64
N ALA A 164 -19.62 1.08 5.00
CA ALA A 164 -19.47 2.46 5.46
C ALA A 164 -19.69 3.46 4.33
N ILE A 165 -19.29 3.11 3.10
CA ILE A 165 -19.55 3.99 1.96
C ILE A 165 -21.04 4.05 1.66
N THR A 166 -21.74 2.93 1.84
CA THR A 166 -23.21 2.94 1.71
C THR A 166 -23.87 3.81 2.77
N TYR A 167 -23.43 3.72 4.01
CA TYR A 167 -23.95 4.61 5.05
C TYR A 167 -23.57 6.07 4.85
N LEU A 168 -22.48 6.34 4.14
CA LEU A 168 -22.07 7.71 3.84
C LEU A 168 -22.84 8.33 2.68
N MET A 169 -23.21 7.52 1.70
CA MET A 169 -23.75 8.06 0.44
C MET A 169 -25.15 8.62 0.62
N ASN A 170 -25.90 8.12 1.59
CA ASN A 170 -27.24 8.63 1.87
C ASN A 170 -27.26 9.59 3.06
N SER A 171 -26.14 10.23 3.36
CA SER A 171 -26.10 11.17 4.46
C SER A 171 -26.77 12.49 4.07
N GLU A 172 -27.01 13.33 5.08
CA GLU A 172 -27.73 14.57 4.85
C GLU A 172 -26.82 15.70 4.38
N ASN A 173 -25.56 15.71 4.82
CA ASN A 173 -24.61 16.69 4.35
C ASN A 173 -24.25 16.41 2.89
N GLU A 174 -23.80 17.46 2.19
CA GLU A 174 -23.55 17.37 0.76
C GLU A 174 -22.10 17.10 0.39
N LYS A 175 -21.16 17.69 1.13
CA LYS A 175 -19.74 17.50 0.83
C LYS A 175 -19.31 16.06 1.11
N VAL A 176 -19.86 15.46 2.16
CA VAL A 176 -19.51 14.07 2.47
C VAL A 176 -20.13 13.12 1.46
N ARG A 177 -21.29 13.49 0.89
CA ARG A 177 -21.91 12.68 -0.15
C ARG A 177 -21.10 12.75 -1.44
N LYS A 178 -20.62 13.95 -1.79
CA LYS A 178 -19.75 14.11 -2.94
C LYS A 178 -18.44 13.34 -2.77
N SER A 179 -17.89 13.37 -1.56
CA SER A 179 -16.61 12.70 -1.30
C SER A 179 -16.75 11.19 -1.37
N ALA A 180 -17.81 10.64 -0.76
CA ALA A 180 -18.04 9.19 -0.83
C ALA A 180 -18.39 8.74 -2.24
N GLU A 181 -19.07 9.59 -3.01
CA GLU A 181 -19.39 9.25 -4.39
C GLU A 181 -18.13 9.20 -5.25
N THR A 182 -17.22 10.16 -5.08
CA THR A 182 -15.98 10.13 -5.85
C THR A 182 -15.07 8.97 -5.42
N LEU A 183 -15.08 8.60 -4.14
CA LEU A 183 -14.30 7.45 -3.70
C LEU A 183 -14.83 6.15 -4.28
N LEU A 184 -16.16 5.98 -4.28
CA LEU A 184 -16.74 4.76 -4.85
C LEU A 184 -16.53 4.70 -6.36
N ASP A 185 -16.57 5.85 -7.04
CA ASP A 185 -16.30 5.84 -8.47
C ASP A 185 -14.84 5.53 -8.78
N ALA A 186 -13.91 5.97 -7.92
CA ALA A 186 -12.50 5.63 -8.16
C ALA A 186 -12.24 4.15 -7.96
N ILE A 187 -12.83 3.55 -6.91
CA ILE A 187 -12.63 2.12 -6.70
C ILE A 187 -13.35 1.29 -7.77
N ASN A 188 -14.48 1.79 -8.29
CA ASN A 188 -15.13 1.11 -9.40
C ASN A 188 -14.29 1.19 -10.67
N GLY A 189 -13.59 2.30 -10.88
CA GLY A 189 -12.67 2.39 -12.01
C GLY A 189 -11.51 1.42 -11.90
N LEU A 190 -10.99 1.24 -10.68
CA LEU A 190 -9.93 0.25 -10.46
C LEU A 190 -10.44 -1.17 -10.71
N ALA A 191 -11.67 -1.46 -10.30
CA ALA A 191 -12.25 -2.79 -10.53
C ALA A 191 -12.44 -3.08 -12.00
N GLU A 192 -12.92 -2.10 -12.77
CA GLU A 192 -13.11 -2.35 -14.20
C GLU A 192 -11.79 -2.38 -14.95
N ALA A 193 -10.77 -1.66 -14.47
CA ALA A 193 -9.45 -1.78 -15.06
C ALA A 193 -8.87 -3.16 -14.83
N MET A 194 -9.09 -3.72 -13.64
CA MET A 194 -8.68 -5.10 -13.39
C MET A 194 -9.44 -6.09 -14.26
N TYR A 195 -10.74 -5.83 -14.50
CA TYR A 195 -11.51 -6.69 -15.38
C TYR A 195 -11.06 -6.60 -16.83
N LYS A 196 -10.44 -5.48 -17.23
CA LYS A 196 -9.86 -5.41 -18.56
C LYS A 196 -8.48 -6.08 -18.63
N ILE A 197 -7.70 -6.05 -17.55
CA ILE A 197 -6.41 -6.74 -17.58
C ILE A 197 -6.60 -8.26 -17.56
N VAL A 198 -7.65 -8.73 -16.89
CA VAL A 198 -7.99 -10.15 -16.88
C VAL A 198 -8.29 -10.65 -18.29
N ASN A 199 -8.95 -9.82 -19.11
CA ASN A 199 -9.27 -10.23 -20.48
C ASN A 199 -8.08 -10.19 -21.42
N GLY A 200 -6.88 -9.84 -20.96
CA GLY A 200 -5.69 -9.97 -21.76
C GLY A 200 -4.81 -11.10 -21.25
N VAL A 201 -4.81 -11.27 -19.92
CA VAL A 201 -4.11 -12.41 -19.34
C VAL A 201 -4.77 -13.73 -19.76
N MET A 202 -6.10 -13.73 -19.89
CA MET A 202 -6.77 -14.90 -20.43
C MET A 202 -6.49 -15.11 -21.90
N GLN A 203 -6.14 -14.06 -22.65
CA GLN A 203 -5.68 -14.25 -24.02
C GLN A 203 -4.28 -14.84 -24.06
N TYR A 204 -3.45 -14.49 -23.09
CA TYR A 204 -2.12 -15.11 -23.03
C TYR A 204 -2.19 -16.56 -22.55
N ALA A 205 -3.24 -16.90 -21.81
CA ALA A 205 -3.37 -18.23 -21.17
C ALA A 205 -3.19 -19.48 -22.06
N PRO A 206 -3.60 -19.54 -23.33
CA PRO A 206 -3.33 -20.76 -24.11
C PRO A 206 -1.89 -20.93 -24.59
N ILE A 207 -0.93 -20.17 -24.07
CA ILE A 207 0.48 -20.44 -24.26
C ILE A 207 1.13 -20.90 -22.95
N GLY A 208 0.85 -20.19 -21.86
CA GLY A 208 1.36 -20.59 -20.57
C GLY A 208 0.77 -21.88 -20.05
N VAL A 209 -0.50 -22.16 -20.39
CA VAL A 209 -1.11 -23.42 -19.99
C VAL A 209 -0.46 -24.58 -20.75
N PHE A 210 -0.19 -24.37 -22.05
CA PHE A 210 0.52 -25.36 -22.84
C PHE A 210 1.93 -25.60 -22.30
N ALA A 211 2.59 -24.53 -21.84
CA ALA A 211 3.93 -24.67 -21.26
C ALA A 211 3.89 -25.45 -19.95
N LEU A 212 2.89 -25.18 -19.10
CA LEU A 212 2.78 -25.91 -17.84
C LEU A 212 2.51 -27.38 -18.04
N ILE A 213 1.60 -27.72 -18.97
CA ILE A 213 1.30 -29.14 -19.17
C ILE A 213 2.45 -29.85 -19.86
N ALA A 214 3.08 -29.21 -20.86
CA ALA A 214 4.21 -29.80 -21.54
C ALA A 214 5.44 -29.91 -20.66
N TYR A 215 5.50 -29.14 -19.57
CA TYR A 215 6.54 -29.36 -18.57
C TYR A 215 6.19 -30.52 -17.64
N VAL A 216 4.98 -30.51 -17.08
CA VAL A 216 4.66 -31.42 -15.99
C VAL A 216 4.49 -32.86 -16.51
N MET A 217 3.80 -33.02 -17.63
CA MET A 217 3.64 -34.35 -18.20
C MET A 217 4.93 -34.88 -18.81
N ALA A 218 5.91 -34.02 -19.09
CA ALA A 218 7.22 -34.51 -19.47
C ALA A 218 8.06 -34.89 -18.25
N GLU A 219 7.82 -34.23 -17.12
CA GLU A 219 8.54 -34.59 -15.91
C GLU A 219 8.06 -35.92 -15.34
N GLN A 220 6.76 -36.03 -15.09
CA GLN A 220 6.24 -37.23 -14.41
C GLN A 220 5.79 -38.30 -15.40
N GLY A 221 4.78 -38.00 -16.22
CA GLY A 221 4.40 -38.88 -17.30
C GLY A 221 3.33 -39.92 -17.06
N VAL A 222 3.62 -40.94 -16.26
CA VAL A 222 2.83 -42.17 -16.24
C VAL A 222 1.91 -42.24 -15.03
N HIS A 223 2.45 -42.04 -13.82
CA HIS A 223 1.66 -42.22 -12.60
C HIS A 223 0.61 -41.12 -12.42
N VAL A 224 0.79 -39.99 -13.11
CA VAL A 224 -0.15 -38.89 -12.97
C VAL A 224 -1.51 -39.23 -13.56
N VAL A 225 -1.58 -40.13 -14.54
CA VAL A 225 -2.90 -40.45 -15.08
C VAL A 225 -3.69 -41.30 -14.07
N GLY A 226 -3.01 -42.11 -13.27
CA GLY A 226 -3.71 -42.83 -12.20
C GLY A 226 -4.11 -41.90 -11.08
N GLU A 227 -3.25 -40.94 -10.75
CA GLU A 227 -3.59 -39.98 -9.70
C GLU A 227 -4.76 -39.08 -10.10
N LEU A 228 -4.78 -38.59 -11.35
CA LEU A 228 -5.90 -37.76 -11.78
C LEU A 228 -7.16 -38.59 -12.04
N ALA A 229 -7.02 -39.89 -12.31
CA ALA A 229 -8.21 -40.74 -12.36
C ALA A 229 -8.83 -40.90 -10.98
N LYS A 230 -7.99 -41.04 -9.95
CA LYS A 230 -8.50 -41.04 -8.58
C LYS A 230 -9.09 -39.69 -8.20
N VAL A 231 -8.52 -38.60 -8.73
CA VAL A 231 -9.05 -37.25 -8.47
C VAL A 231 -10.44 -37.09 -9.06
N THR A 232 -10.61 -37.47 -10.33
CA THR A 232 -11.92 -37.29 -10.96
C THR A 232 -12.94 -38.29 -10.43
N ALA A 233 -12.50 -39.46 -9.94
CA ALA A 233 -13.44 -40.35 -9.25
C ALA A 233 -13.91 -39.75 -7.94
N ALA A 234 -12.98 -39.18 -7.16
CA ALA A 234 -13.33 -38.54 -5.90
C ALA A 234 -14.12 -37.26 -6.09
N VAL A 235 -14.03 -36.63 -7.27
CA VAL A 235 -14.92 -35.51 -7.57
C VAL A 235 -16.31 -36.02 -7.91
N TYR A 236 -16.42 -37.00 -8.80
CA TYR A 236 -17.73 -37.38 -9.32
C TYR A 236 -18.58 -38.15 -8.30
N VAL A 237 -17.98 -38.98 -7.44
CA VAL A 237 -18.82 -39.69 -6.49
C VAL A 237 -19.33 -38.73 -5.41
N GLY A 238 -18.51 -37.75 -5.00
CA GLY A 238 -18.98 -36.73 -4.10
C GLY A 238 -19.92 -35.75 -4.76
N LEU A 239 -19.84 -35.63 -6.08
CA LEU A 239 -20.70 -34.72 -6.81
C LEU A 239 -22.11 -35.28 -6.93
N THR A 240 -22.21 -36.56 -7.29
CA THR A 240 -23.50 -37.24 -7.28
C THR A 240 -24.05 -37.38 -5.87
N LEU A 241 -23.18 -37.57 -4.87
CA LEU A 241 -23.64 -37.61 -3.49
C LEU A 241 -24.12 -36.23 -3.03
N GLN A 242 -23.51 -35.16 -3.54
CA GLN A 242 -23.97 -33.80 -3.28
C GLN A 242 -25.39 -33.60 -3.79
N ILE A 243 -25.62 -33.94 -5.07
CA ILE A 243 -26.96 -33.83 -5.67
C ILE A 243 -27.97 -34.64 -4.88
N LEU A 244 -27.68 -35.95 -4.67
CA LEU A 244 -28.61 -36.86 -4.01
C LEU A 244 -28.93 -36.42 -2.59
N LEU A 245 -27.93 -36.38 -1.72
CA LEU A 245 -28.14 -36.04 -0.30
C LEU A 245 -28.70 -34.64 -0.13
N VAL A 246 -27.97 -33.61 -0.56
CA VAL A 246 -28.34 -32.24 -0.22
C VAL A 246 -29.61 -31.84 -0.93
N TYR A 247 -29.70 -32.06 -2.25
CA TYR A 247 -30.86 -31.55 -2.96
C TYR A 247 -32.09 -32.41 -2.72
N PHE A 248 -31.96 -33.72 -2.54
CA PHE A 248 -33.15 -34.51 -2.30
C PHE A 248 -33.67 -34.35 -0.88
N VAL A 249 -32.78 -34.11 0.11
CA VAL A 249 -33.28 -33.80 1.44
C VAL A 249 -33.91 -32.41 1.48
N LEU A 250 -33.27 -31.41 0.85
CA LEU A 250 -33.84 -30.07 0.84
C LEU A 250 -35.06 -29.93 -0.06
N LEU A 251 -35.34 -30.91 -0.92
CA LEU A 251 -36.58 -30.92 -1.67
C LEU A 251 -37.67 -31.73 -1.00
N LYS A 252 -37.33 -32.85 -0.35
CA LYS A 252 -38.34 -33.65 0.34
C LYS A 252 -38.74 -33.04 1.68
N ILE A 253 -37.92 -32.16 2.25
CA ILE A 253 -38.30 -31.53 3.51
C ILE A 253 -39.35 -30.44 3.28
N TYR A 254 -39.49 -29.95 2.04
CA TYR A 254 -40.47 -28.91 1.72
C TYR A 254 -41.62 -29.43 0.89
N GLY A 255 -41.68 -30.73 0.62
CA GLY A 255 -42.85 -31.36 0.04
C GLY A 255 -42.85 -31.51 -1.46
N ILE A 256 -41.83 -31.03 -2.15
CA ILE A 256 -41.76 -31.18 -3.60
C ILE A 256 -41.21 -32.57 -3.92
N ASP A 257 -41.91 -33.30 -4.77
CA ASP A 257 -41.49 -34.63 -5.20
C ASP A 257 -40.22 -34.51 -6.04
N PRO A 258 -39.08 -35.02 -5.60
CA PRO A 258 -37.82 -34.75 -6.31
C PRO A 258 -37.70 -35.48 -7.64
N ILE A 259 -38.32 -36.65 -7.79
CA ILE A 259 -38.23 -37.38 -9.05
C ILE A 259 -39.03 -36.68 -10.13
N SER A 260 -40.27 -36.25 -9.79
CA SER A 260 -41.08 -35.49 -10.73
C SER A 260 -40.54 -34.10 -10.97
N PHE A 261 -39.76 -33.56 -10.04
CA PHE A 261 -39.09 -32.28 -10.27
C PHE A 261 -37.95 -32.44 -11.25
N ILE A 262 -37.07 -33.43 -11.00
CA ILE A 262 -35.88 -33.56 -11.83
C ILE A 262 -36.20 -34.14 -13.21
N LYS A 263 -37.30 -34.88 -13.36
CA LYS A 263 -37.67 -35.37 -14.68
C LYS A 263 -38.23 -34.28 -15.57
N HIS A 264 -38.69 -33.17 -14.98
CA HIS A 264 -38.99 -31.97 -15.75
C HIS A 264 -37.76 -31.11 -15.94
N ALA A 265 -36.88 -31.04 -14.94
CA ALA A 265 -35.69 -30.20 -15.01
C ALA A 265 -34.60 -30.77 -15.90
N LYS A 266 -34.70 -32.04 -16.32
CA LYS A 266 -33.64 -32.69 -17.08
C LYS A 266 -33.43 -32.06 -18.46
N ASP A 267 -34.49 -31.48 -19.04
CA ASP A 267 -34.42 -30.96 -20.40
C ASP A 267 -33.46 -29.78 -20.51
N ALA A 268 -33.28 -29.03 -19.43
CA ALA A 268 -32.26 -27.99 -19.36
C ALA A 268 -31.13 -28.33 -18.42
N MET A 269 -31.22 -29.43 -17.67
CA MET A 269 -30.08 -29.90 -16.91
C MET A 269 -29.05 -30.57 -17.81
N LEU A 270 -29.51 -31.28 -18.85
CA LEU A 270 -28.60 -32.04 -19.70
C LEU A 270 -27.77 -31.15 -20.62
N THR A 271 -28.26 -29.96 -20.96
CA THR A 271 -27.48 -29.07 -21.83
C THR A 271 -26.32 -28.42 -21.08
N ALA A 272 -26.35 -28.44 -19.74
CA ALA A 272 -25.20 -27.97 -18.97
C ALA A 272 -24.04 -28.95 -19.08
N PHE A 273 -24.33 -30.23 -19.30
CA PHE A 273 -23.26 -31.22 -19.41
C PHE A 273 -22.51 -31.09 -20.72
N VAL A 274 -23.14 -30.54 -21.75
CA VAL A 274 -22.52 -30.41 -23.06
C VAL A 274 -22.19 -28.96 -23.43
N THR A 275 -22.62 -28.00 -22.63
CA THR A 275 -22.35 -26.60 -22.92
C THR A 275 -21.16 -26.05 -22.14
N ARG A 276 -20.92 -26.57 -20.93
CA ARG A 276 -19.82 -26.17 -20.04
C ARG A 276 -19.87 -24.68 -19.70
N SER A 277 -21.07 -24.12 -19.56
CA SER A 277 -21.22 -22.71 -19.24
C SER A 277 -22.54 -22.52 -18.52
N SER A 278 -22.48 -22.09 -17.26
CA SER A 278 -23.68 -21.88 -16.48
C SER A 278 -24.38 -20.56 -16.81
N SER A 279 -23.78 -19.72 -17.64
CA SER A 279 -24.43 -18.50 -18.10
C SER A 279 -24.91 -18.58 -19.54
N GLY A 280 -24.29 -19.43 -20.36
CA GLY A 280 -24.76 -19.67 -21.72
C GLY A 280 -25.94 -20.60 -21.83
N THR A 281 -26.38 -21.18 -20.71
CA THR A 281 -27.60 -21.98 -20.65
C THR A 281 -28.71 -21.28 -19.89
N LEU A 282 -28.53 -19.98 -19.59
CA LEU A 282 -29.55 -19.23 -18.88
C LEU A 282 -30.87 -19.06 -19.65
N PRO A 283 -30.90 -18.75 -20.97
CA PRO A 283 -32.22 -18.77 -21.63
C PRO A 283 -32.82 -20.15 -21.76
N VAL A 284 -32.01 -21.21 -21.71
CA VAL A 284 -32.55 -22.56 -21.74
C VAL A 284 -33.20 -22.92 -20.41
N THR A 285 -32.54 -22.59 -19.30
CA THR A 285 -33.12 -22.89 -18.00
C THR A 285 -34.22 -21.91 -17.60
N MET A 286 -34.33 -20.76 -18.28
CA MET A 286 -35.51 -19.92 -18.09
C MET A 286 -36.78 -20.62 -18.55
N ARG A 287 -36.68 -21.42 -19.63
CA ARG A 287 -37.82 -22.19 -20.10
C ARG A 287 -38.27 -23.23 -19.09
N VAL A 288 -37.31 -23.93 -18.47
CA VAL A 288 -37.70 -24.97 -17.53
C VAL A 288 -38.10 -24.37 -16.19
N ALA A 289 -37.67 -23.15 -15.87
CA ALA A 289 -38.24 -22.46 -14.73
C ALA A 289 -39.66 -22.02 -15.02
N LYS A 290 -39.95 -21.65 -16.28
CA LYS A 290 -41.31 -21.36 -16.69
C LYS A 290 -42.18 -22.61 -16.73
N GLU A 291 -41.58 -23.78 -16.94
CA GLU A 291 -42.34 -25.02 -17.11
C GLU A 291 -43.00 -25.49 -15.82
N MET A 292 -42.52 -25.06 -14.68
CA MET A 292 -43.16 -25.37 -13.40
C MET A 292 -44.14 -24.26 -13.07
N GLY A 293 -44.65 -24.26 -11.84
CA GLY A 293 -45.63 -23.27 -11.45
C GLY A 293 -45.04 -22.07 -10.74
N ILE A 294 -43.83 -21.69 -11.12
CA ILE A 294 -43.13 -20.57 -10.50
C ILE A 294 -43.68 -19.27 -11.08
N SER A 295 -44.00 -18.31 -10.22
CA SER A 295 -44.45 -17.01 -10.67
C SER A 295 -43.29 -16.22 -11.29
N GLU A 296 -43.65 -15.22 -12.09
CA GLU A 296 -42.66 -14.48 -12.88
C GLU A 296 -41.74 -13.63 -12.02
N GLY A 297 -42.25 -13.07 -10.93
CA GLY A 297 -41.47 -12.19 -10.07
C GLY A 297 -40.38 -12.88 -9.28
N ILE A 298 -40.37 -14.20 -9.25
CA ILE A 298 -39.31 -14.96 -8.59
C ILE A 298 -38.25 -15.43 -9.57
N TYR A 299 -38.65 -16.11 -10.64
CA TYR A 299 -37.70 -16.67 -11.58
C TYR A 299 -37.20 -15.66 -12.61
N SER A 300 -37.78 -14.47 -12.67
CA SER A 300 -37.18 -13.42 -13.49
C SER A 300 -35.96 -12.83 -12.83
N PHE A 301 -35.87 -12.92 -11.51
CA PHE A 301 -34.80 -12.33 -10.72
C PHE A 301 -33.79 -13.34 -10.21
N THR A 302 -34.24 -14.55 -9.84
CA THR A 302 -33.40 -15.43 -9.04
C THR A 302 -32.35 -16.15 -9.89
N LEU A 303 -32.74 -16.67 -11.04
CA LEU A 303 -31.83 -17.46 -11.88
C LEU A 303 -30.67 -16.66 -12.47
N PRO A 304 -30.81 -15.38 -12.87
CA PRO A 304 -29.60 -14.59 -13.16
C PRO A 304 -28.74 -14.31 -11.93
N LEU A 305 -29.31 -14.34 -10.72
CA LEU A 305 -28.48 -14.25 -9.53
C LEU A 305 -27.85 -15.60 -9.21
N GLY A 306 -28.58 -16.69 -9.43
CA GLY A 306 -28.05 -18.01 -9.17
C GLY A 306 -26.97 -18.45 -10.14
N ALA A 307 -26.96 -17.90 -11.36
CA ALA A 307 -25.91 -18.21 -12.31
C ALA A 307 -24.60 -17.49 -12.01
N THR A 308 -24.61 -16.53 -11.09
CA THR A 308 -23.42 -15.73 -10.78
C THR A 308 -22.93 -15.90 -9.36
N ILE A 309 -23.83 -16.08 -8.41
CA ILE A 309 -23.45 -16.23 -7.01
C ILE A 309 -23.42 -17.70 -6.60
N ASN A 310 -24.47 -18.45 -6.96
CA ASN A 310 -24.64 -19.81 -6.48
C ASN A 310 -23.78 -20.75 -7.31
N MET A 311 -22.62 -21.11 -6.77
CA MET A 311 -21.72 -22.07 -7.41
C MET A 311 -21.43 -23.18 -6.42
N ASP A 312 -21.96 -24.37 -6.67
CA ASP A 312 -21.87 -25.51 -5.77
C ASP A 312 -20.83 -26.53 -6.20
N GLY A 313 -20.87 -26.95 -7.47
CA GLY A 313 -19.86 -27.87 -7.97
C GLY A 313 -18.48 -27.25 -8.00
N THR A 314 -18.39 -25.96 -8.30
CA THR A 314 -17.13 -25.24 -8.20
C THR A 314 -16.66 -25.17 -6.75
N ALA A 315 -17.60 -25.08 -5.81
CA ALA A 315 -17.25 -25.06 -4.40
C ALA A 315 -16.75 -26.41 -3.91
N LEU A 316 -17.29 -27.51 -4.44
CA LEU A 316 -16.81 -28.84 -4.08
C LEU A 316 -15.45 -29.11 -4.72
N TYR A 317 -15.29 -28.71 -5.98
CA TYR A 317 -14.02 -28.89 -6.67
C TYR A 317 -12.92 -28.03 -6.06
N GLN A 318 -13.26 -26.89 -5.46
CA GLN A 318 -12.28 -26.09 -4.74
C GLN A 318 -11.96 -26.63 -3.35
N GLY A 319 -12.52 -27.77 -2.96
CA GLY A 319 -12.06 -28.46 -1.78
C GLY A 319 -11.25 -29.68 -2.17
N VAL A 320 -11.72 -30.39 -3.21
CA VAL A 320 -10.99 -31.58 -3.65
C VAL A 320 -9.66 -31.21 -4.28
N ALA A 321 -9.66 -30.18 -5.15
CA ALA A 321 -8.42 -29.77 -5.79
C ALA A 321 -7.57 -28.85 -4.93
N THR A 322 -7.97 -28.59 -3.68
CA THR A 322 -7.05 -28.00 -2.73
C THR A 322 -6.58 -28.99 -1.68
N PHE A 323 -7.23 -30.15 -1.57
CA PHE A 323 -6.61 -31.25 -0.85
C PHE A 323 -5.64 -32.04 -1.71
N PHE A 324 -5.82 -32.02 -3.03
CA PHE A 324 -4.87 -32.69 -3.91
C PHE A 324 -3.50 -32.04 -3.85
N ILE A 325 -3.46 -30.71 -3.76
CA ILE A 325 -2.18 -29.99 -3.69
C ILE A 325 -1.46 -30.32 -2.39
N ALA A 326 -2.21 -30.32 -1.27
CA ALA A 326 -1.61 -30.56 0.03
C ALA A 326 -1.22 -32.01 0.23
N ASN A 327 -1.90 -32.94 -0.45
CA ASN A 327 -1.51 -34.34 -0.35
C ASN A 327 -0.44 -34.73 -1.35
N ALA A 328 -0.27 -33.96 -2.42
CA ALA A 328 0.86 -34.21 -3.32
C ALA A 328 2.13 -33.54 -2.83
N LEU A 329 2.00 -32.46 -2.06
CA LEU A 329 3.17 -31.74 -1.57
C LEU A 329 3.70 -32.28 -0.25
N GLY A 330 3.08 -33.33 0.29
CA GLY A 330 3.51 -33.89 1.56
C GLY A 330 3.03 -33.16 2.79
N SER A 331 2.32 -32.04 2.63
CA SER A 331 1.83 -31.29 3.78
C SER A 331 0.62 -32.00 4.41
N HIS A 332 0.22 -31.51 5.57
CA HIS A 332 -0.90 -32.08 6.31
C HIS A 332 -1.76 -30.94 6.84
N LEU A 333 -2.93 -30.76 6.24
CA LEU A 333 -3.80 -29.65 6.62
C LEU A 333 -4.55 -30.00 7.89
N THR A 334 -4.26 -29.27 8.97
CA THR A 334 -4.92 -29.48 10.24
C THR A 334 -6.31 -28.85 10.24
N VAL A 335 -7.09 -29.18 11.26
CA VAL A 335 -8.35 -28.49 11.49
C VAL A 335 -8.06 -27.09 11.99
N GLY A 336 -8.76 -26.11 11.42
CA GLY A 336 -8.47 -24.72 11.70
C GLY A 336 -8.06 -24.02 10.42
N GLN A 337 -7.21 -24.67 9.63
CA GLN A 337 -7.00 -24.29 8.25
C GLN A 337 -7.76 -25.20 7.30
N GLN A 338 -8.62 -26.06 7.86
CA GLN A 338 -9.53 -26.89 7.09
C GLN A 338 -10.89 -26.26 6.93
N LEU A 339 -11.37 -25.55 7.96
CA LEU A 339 -12.55 -24.71 7.84
C LEU A 339 -12.23 -23.33 7.27
N THR A 340 -10.95 -22.96 7.23
CA THR A 340 -10.54 -21.77 6.51
C THR A 340 -10.80 -21.93 5.01
N ILE A 341 -10.70 -23.16 4.50
CA ILE A 341 -11.06 -23.45 3.11
C ILE A 341 -12.56 -23.22 2.89
N VAL A 342 -13.39 -23.58 3.86
CA VAL A 342 -14.83 -23.36 3.76
C VAL A 342 -15.14 -21.86 3.78
N LEU A 343 -14.59 -21.16 4.77
CA LEU A 343 -14.86 -19.73 4.94
C LEU A 343 -14.28 -18.89 3.79
N THR A 344 -13.24 -19.40 3.13
CA THR A 344 -12.68 -18.69 1.99
C THR A 344 -13.39 -19.04 0.69
N ALA A 345 -13.80 -20.30 0.51
CA ALA A 345 -14.47 -20.69 -0.73
C ALA A 345 -15.91 -20.19 -0.80
N VAL A 346 -16.57 -19.95 0.35
CA VAL A 346 -17.89 -19.33 0.31
C VAL A 346 -17.76 -17.85 -0.06
N LEU A 347 -16.87 -17.14 0.63
CA LEU A 347 -16.72 -15.71 0.42
C LEU A 347 -16.01 -15.38 -0.89
N ALA A 348 -15.33 -16.36 -1.48
CA ALA A 348 -14.79 -16.18 -2.82
C ALA A 348 -15.88 -16.24 -3.87
N SER A 349 -16.88 -17.09 -3.66
CA SER A 349 -18.03 -17.12 -4.56
C SER A 349 -18.87 -15.87 -4.40
N ILE A 350 -19.04 -15.39 -3.16
CA ILE A 350 -19.80 -14.16 -2.97
C ILE A 350 -19.00 -12.92 -3.38
N GLY A 351 -17.67 -13.01 -3.45
CA GLY A 351 -16.87 -11.86 -3.80
C GLY A 351 -16.63 -11.70 -5.28
N THR A 352 -16.04 -12.72 -5.89
CA THR A 352 -15.69 -12.67 -7.31
C THR A 352 -16.87 -13.14 -8.15
N ALA A 353 -17.90 -12.30 -8.16
CA ALA A 353 -19.12 -12.54 -8.93
C ALA A 353 -19.12 -11.60 -10.13
N GLY A 354 -18.96 -12.15 -11.32
CA GLY A 354 -18.94 -11.36 -12.53
C GLY A 354 -17.58 -11.04 -13.10
N VAL A 355 -16.51 -11.51 -12.48
CA VAL A 355 -15.16 -11.36 -13.01
C VAL A 355 -15.01 -12.32 -14.18
N PRO A 356 -14.26 -11.97 -15.24
CA PRO A 356 -14.05 -12.93 -16.32
C PRO A 356 -13.04 -14.02 -16.01
N GLY A 357 -12.28 -13.88 -14.93
CA GLY A 357 -11.29 -14.88 -14.57
C GLY A 357 -11.59 -15.53 -13.24
N ALA A 358 -12.87 -15.85 -12.99
CA ALA A 358 -13.29 -16.33 -11.68
C ALA A 358 -12.74 -17.71 -11.36
N GLY A 359 -12.63 -18.58 -12.36
CA GLY A 359 -12.26 -19.96 -12.12
C GLY A 359 -10.81 -20.17 -11.71
N ALA A 360 -9.94 -19.21 -12.02
CA ALA A 360 -8.54 -19.30 -11.65
C ALA A 360 -8.23 -18.52 -10.39
N ILE A 361 -8.73 -17.30 -10.28
CA ILE A 361 -8.46 -16.51 -9.08
C ILE A 361 -9.26 -17.02 -7.90
N MET A 362 -10.37 -17.74 -8.14
CA MET A 362 -11.16 -18.30 -7.04
C MET A 362 -10.44 -19.47 -6.39
N LEU A 363 -9.50 -20.10 -7.08
CA LEU A 363 -8.63 -21.10 -6.49
C LEU A 363 -7.31 -20.50 -6.01
N CYS A 364 -6.85 -19.43 -6.67
CA CYS A 364 -5.65 -18.73 -6.23
C CYS A 364 -5.84 -18.12 -4.85
N MET A 365 -7.01 -17.53 -4.59
CA MET A 365 -7.24 -16.91 -3.30
C MET A 365 -7.66 -17.91 -2.22
N VAL A 366 -7.84 -19.18 -2.56
CA VAL A 366 -7.98 -20.22 -1.55
C VAL A 366 -6.62 -20.81 -1.20
N LEU A 367 -5.79 -21.06 -2.23
CA LEU A 367 -4.44 -21.56 -1.99
C LEU A 367 -3.56 -20.50 -1.33
N HIS A 368 -3.87 -19.22 -1.52
CA HIS A 368 -3.19 -18.19 -0.75
C HIS A 368 -3.64 -18.19 0.70
N SER A 369 -4.93 -18.44 0.93
CA SER A 369 -5.47 -18.39 2.28
C SER A 369 -5.08 -19.60 3.12
N VAL A 370 -4.79 -20.73 2.47
CA VAL A 370 -4.31 -21.88 3.22
C VAL A 370 -2.85 -21.70 3.60
N GLY A 371 -2.04 -21.19 2.69
CA GLY A 371 -0.62 -21.01 2.94
C GLY A 371 0.23 -21.70 1.91
N LEU A 372 -0.34 -21.93 0.72
CA LEU A 372 0.31 -22.65 -0.37
C LEU A 372 0.34 -21.72 -1.59
N PRO A 373 1.29 -20.79 -1.66
CA PRO A 373 1.29 -19.83 -2.76
C PRO A 373 1.75 -20.46 -4.06
N LEU A 374 1.25 -19.91 -5.17
CA LEU A 374 1.46 -20.52 -6.48
C LEU A 374 2.81 -20.19 -7.09
N THR A 375 3.67 -19.43 -6.41
CA THR A 375 5.00 -19.17 -6.94
C THR A 375 6.02 -20.19 -6.46
N ASP A 376 5.70 -20.97 -5.44
CA ASP A 376 6.53 -22.08 -5.03
C ASP A 376 6.49 -23.15 -6.11
N PRO A 377 7.63 -23.64 -6.61
CA PRO A 377 7.62 -24.54 -7.78
C PRO A 377 7.03 -25.91 -7.49
N ASN A 378 6.83 -26.30 -6.24
CA ASN A 378 6.12 -27.54 -5.96
C ASN A 378 4.61 -27.38 -6.15
N VAL A 379 4.08 -26.19 -5.89
CA VAL A 379 2.63 -25.97 -5.98
C VAL A 379 2.19 -25.90 -7.44
N ALA A 380 3.04 -25.32 -8.30
CA ALA A 380 2.66 -25.09 -9.69
C ALA A 380 2.54 -26.40 -10.47
N ALA A 381 3.32 -27.42 -10.11
CA ALA A 381 3.25 -28.70 -10.82
C ALA A 381 1.92 -29.41 -10.55
N ALA A 382 1.53 -29.49 -9.27
CA ALA A 382 0.26 -30.12 -8.95
C ALA A 382 -0.93 -29.28 -9.41
N TYR A 383 -0.78 -27.95 -9.41
CA TYR A 383 -1.79 -27.08 -10.00
C TYR A 383 -1.92 -27.32 -11.49
N ALA A 384 -0.81 -27.62 -12.16
CA ALA A 384 -0.87 -27.95 -13.58
C ALA A 384 -1.53 -29.31 -13.80
N MET A 385 -1.34 -30.25 -12.88
CA MET A 385 -2.04 -31.53 -13.00
C MET A 385 -3.56 -31.34 -12.87
N ILE A 386 -3.97 -30.47 -11.94
CA ILE A 386 -5.39 -30.15 -11.79
C ILE A 386 -5.94 -29.47 -13.05
N LEU A 387 -5.19 -28.50 -13.59
CA LEU A 387 -5.63 -27.84 -14.83
C LEU A 387 -5.62 -28.78 -16.03
N GLY A 388 -4.78 -29.81 -16.01
CA GLY A 388 -4.81 -30.79 -17.09
C GLY A 388 -6.03 -31.67 -17.02
N ILE A 389 -6.46 -32.04 -15.81
CA ILE A 389 -7.67 -32.85 -15.68
C ILE A 389 -8.94 -32.00 -15.68
N ASP A 390 -8.82 -30.67 -15.68
CA ASP A 390 -9.91 -29.72 -15.40
C ASP A 390 -11.12 -29.80 -16.34
N ALA A 391 -11.01 -30.42 -17.52
CA ALA A 391 -12.10 -30.31 -18.51
C ALA A 391 -13.32 -31.13 -18.12
N ILE A 392 -13.11 -32.41 -17.77
CA ILE A 392 -14.23 -33.28 -17.42
C ILE A 392 -14.83 -32.84 -16.08
N LEU A 393 -13.98 -32.35 -15.18
CA LEU A 393 -14.47 -31.75 -13.94
C LEU A 393 -15.28 -30.49 -14.20
N ASP A 394 -14.94 -29.71 -15.24
CA ASP A 394 -15.74 -28.54 -15.58
C ASP A 394 -17.09 -28.94 -16.13
N MET A 395 -17.14 -30.05 -16.88
CA MET A 395 -18.42 -30.60 -17.35
C MET A 395 -19.34 -30.95 -16.17
N GLY A 396 -18.83 -31.75 -15.23
CA GLY A 396 -19.63 -32.09 -14.05
C GLY A 396 -19.95 -30.90 -13.15
N ARG A 397 -19.03 -29.94 -13.09
CA ARG A 397 -19.22 -28.74 -12.29
C ARG A 397 -20.37 -27.89 -12.82
N THR A 398 -20.43 -27.71 -14.15
CA THR A 398 -21.54 -26.98 -14.75
C THR A 398 -22.85 -27.74 -14.59
N MET A 399 -22.78 -29.09 -14.66
CA MET A 399 -23.95 -29.94 -14.48
C MET A 399 -24.59 -29.75 -13.11
N VAL A 400 -23.78 -29.63 -12.07
CA VAL A 400 -24.35 -29.36 -10.74
C VAL A 400 -24.66 -27.87 -10.54
N ASN A 401 -23.85 -26.99 -11.15
CA ASN A 401 -24.00 -25.56 -10.99
C ASN A 401 -25.30 -25.03 -11.58
N VAL A 402 -25.85 -25.74 -12.55
CA VAL A 402 -27.16 -25.34 -13.09
C VAL A 402 -28.31 -25.92 -12.27
N THR A 403 -28.16 -27.17 -11.80
CA THR A 403 -29.19 -27.81 -10.99
C THR A 403 -29.39 -27.12 -9.65
N GLY A 404 -28.32 -26.52 -9.12
CA GLY A 404 -28.36 -25.85 -7.82
C GLY A 404 -29.23 -24.61 -7.76
N ASP A 405 -29.68 -24.09 -8.90
CA ASP A 405 -30.60 -22.95 -8.94
C ASP A 405 -32.04 -23.40 -9.15
N LEU A 406 -32.24 -24.44 -9.96
CA LEU A 406 -33.57 -24.98 -10.15
C LEU A 406 -34.07 -25.68 -8.90
N THR A 407 -33.17 -26.18 -8.06
CA THR A 407 -33.62 -26.67 -6.75
C THR A 407 -33.73 -25.56 -5.72
N GLY A 408 -33.38 -24.33 -6.08
CA GLY A 408 -33.42 -23.24 -5.13
C GLY A 408 -34.60 -22.31 -5.30
N THR A 409 -35.01 -22.09 -6.54
CA THR A 409 -36.20 -21.26 -6.76
C THR A 409 -37.48 -21.99 -6.39
N ALA A 410 -37.48 -23.33 -6.46
CA ALA A 410 -38.67 -24.09 -6.12
C ALA A 410 -38.97 -24.03 -4.62
N ILE A 411 -37.94 -23.97 -3.78
CA ILE A 411 -38.14 -23.83 -2.35
C ILE A 411 -38.76 -22.48 -2.01
N VAL A 412 -38.25 -21.42 -2.66
CA VAL A 412 -38.76 -20.07 -2.43
C VAL A 412 -40.18 -19.92 -2.94
N ALA A 413 -40.48 -20.51 -4.10
CA ALA A 413 -41.85 -20.54 -4.61
C ALA A 413 -42.76 -21.41 -3.75
N LYS A 414 -42.20 -22.37 -2.99
CA LYS A 414 -43.02 -23.14 -2.07
C LYS A 414 -43.34 -22.37 -0.80
N THR A 415 -42.41 -21.58 -0.25
CA THR A 415 -42.75 -20.85 0.96
C THR A 415 -43.63 -19.64 0.66
N GLU A 416 -43.30 -18.89 -0.39
CA GLU A 416 -44.15 -17.77 -0.79
C GLU A 416 -45.45 -18.26 -1.44
N TYR B 4 15.60 34.51 3.63
CA TYR B 4 14.76 33.39 3.27
C TYR B 4 14.12 33.58 1.91
N ARG B 5 13.36 34.68 1.77
CA ARG B 5 12.74 35.00 0.49
C ARG B 5 13.78 35.34 -0.57
N LYS B 6 14.87 36.00 -0.16
CA LYS B 6 15.95 36.29 -1.09
C LYS B 6 16.71 35.04 -1.49
N TYR B 7 16.67 34.00 -0.64
CA TYR B 7 17.28 32.73 -0.94
C TYR B 7 16.41 31.84 -1.82
N ILE B 8 15.09 31.95 -1.69
CA ILE B 8 14.19 31.16 -2.52
C ILE B 8 14.16 31.70 -3.95
N GLU B 9 14.14 33.02 -4.11
CA GLU B 9 14.02 33.62 -5.44
C GLU B 9 15.28 33.46 -6.29
N TYR B 10 16.38 32.99 -5.73
CA TYR B 10 17.56 32.62 -6.50
C TYR B 10 17.21 31.43 -7.41
N PRO B 11 17.77 31.39 -8.62
CA PRO B 11 17.54 30.23 -9.49
C PRO B 11 18.21 28.99 -8.93
N VAL B 12 17.51 27.86 -9.02
CA VAL B 12 17.86 26.69 -8.23
C VAL B 12 19.08 25.95 -8.78
N LEU B 13 19.32 26.01 -10.11
CA LEU B 13 20.45 25.28 -10.67
C LEU B 13 21.78 25.94 -10.36
N GLN B 14 21.87 27.27 -10.50
CA GLN B 14 23.05 27.98 -10.06
C GLN B 14 23.21 27.93 -8.55
N LYS B 15 22.09 27.81 -7.82
CA LYS B 15 22.14 27.64 -6.37
C LYS B 15 22.81 26.34 -5.99
N ILE B 16 22.40 25.23 -6.62
CA ILE B 16 22.98 23.94 -6.25
C ILE B 16 24.39 23.81 -6.80
N LEU B 17 24.71 24.52 -7.89
CA LEU B 17 26.09 24.49 -8.39
C LEU B 17 27.03 25.26 -7.48
N ILE B 18 26.60 26.43 -6.98
CA ILE B 18 27.46 27.16 -6.06
C ILE B 18 27.48 26.49 -4.70
N GLY B 19 26.46 25.69 -4.38
CA GLY B 19 26.53 24.86 -3.18
C GLY B 19 27.57 23.75 -3.31
N LEU B 20 27.65 23.14 -4.50
CA LEU B 20 28.68 22.14 -4.78
C LEU B 20 30.07 22.74 -4.70
N ILE B 21 30.27 23.92 -5.29
CA ILE B 21 31.60 24.53 -5.33
C ILE B 21 32.00 25.02 -3.94
N LEU B 22 31.07 25.59 -3.18
CA LEU B 22 31.39 25.98 -1.80
C LEU B 22 31.53 24.76 -0.89
N GLY B 23 30.97 23.62 -1.26
CA GLY B 23 31.13 22.43 -0.46
C GLY B 23 32.47 21.75 -0.63
N ALA B 24 32.95 21.67 -1.87
CA ALA B 24 34.14 20.87 -2.16
C ALA B 24 35.39 21.44 -1.51
N ILE B 25 35.62 22.74 -1.64
CA ILE B 25 36.85 23.36 -1.13
C ILE B 25 36.83 23.37 0.39
N VAL B 26 35.67 23.66 0.99
CA VAL B 26 35.55 23.72 2.44
C VAL B 26 35.72 22.33 3.05
N GLY B 27 35.16 21.30 2.40
CA GLY B 27 35.39 19.94 2.85
C GLY B 27 36.84 19.51 2.73
N LEU B 28 37.52 19.99 1.68
CA LEU B 28 38.93 19.64 1.52
C LEU B 28 39.80 20.28 2.59
N ILE B 29 39.55 21.55 2.93
CA ILE B 29 40.41 22.16 3.95
C ILE B 29 40.06 21.66 5.35
N LEU B 30 38.80 21.32 5.61
CA LEU B 30 38.48 20.70 6.90
C LEU B 30 39.04 19.29 7.00
N GLY B 31 39.14 18.57 5.87
CA GLY B 31 39.78 17.27 5.91
C GLY B 31 41.28 17.35 6.07
N HIS B 32 41.89 18.39 5.52
CA HIS B 32 43.34 18.54 5.67
C HIS B 32 43.72 19.02 7.06
N TYR B 33 42.93 19.93 7.66
CA TYR B 33 43.32 20.47 8.96
C TYR B 33 43.03 19.51 10.12
N GLY B 34 42.33 18.41 9.89
CA GLY B 34 42.13 17.41 10.92
C GLY B 34 40.81 17.46 11.65
N TYR B 35 39.90 18.36 11.27
CA TYR B 35 38.58 18.42 11.90
C TYR B 35 37.57 17.57 11.13
N ALA B 36 37.89 16.29 10.92
CA ALA B 36 37.01 15.43 10.16
C ALA B 36 35.93 14.80 11.02
N HIS B 37 36.25 14.47 12.27
CA HIS B 37 35.28 13.81 13.15
C HIS B 37 34.17 14.77 13.56
N ALA B 38 34.48 16.06 13.72
CA ALA B 38 33.43 17.03 13.99
C ALA B 38 32.50 17.20 12.79
N VAL B 39 33.05 17.11 11.58
CA VAL B 39 32.23 17.15 10.37
C VAL B 39 31.32 15.93 10.31
N HIS B 40 31.88 14.74 10.56
CA HIS B 40 31.11 13.50 10.54
C HIS B 40 30.04 13.46 11.64
N THR B 41 30.26 14.17 12.75
CA THR B 41 29.24 14.11 13.80
C THR B 41 28.24 15.26 13.73
N TYR B 42 28.54 16.37 13.04
CA TYR B 42 27.63 17.51 13.05
C TYR B 42 27.06 17.91 11.70
N VAL B 43 27.66 17.51 10.58
CA VAL B 43 27.24 17.96 9.27
C VAL B 43 26.57 16.84 8.46
N LYS B 44 27.02 15.59 8.63
CA LYS B 44 26.49 14.46 7.87
C LYS B 44 24.98 14.20 8.01
N PRO B 45 24.30 14.43 9.15
CA PRO B 45 22.83 14.32 9.13
C PRO B 45 22.12 15.27 8.18
N PHE B 46 22.70 16.44 7.86
CA PHE B 46 22.07 17.31 6.87
C PHE B 46 22.16 16.75 5.46
N GLY B 47 23.07 15.83 5.20
CA GLY B 47 23.15 15.17 3.92
C GLY B 47 22.35 13.89 3.89
N ASP B 48 22.27 13.21 5.04
CA ASP B 48 21.45 12.03 5.14
C ASP B 48 19.97 12.38 5.06
N LEU B 49 19.58 13.54 5.60
CA LEU B 49 18.23 14.05 5.41
C LEU B 49 17.93 14.30 3.93
N PHE B 50 18.92 14.77 3.17
CA PHE B 50 18.67 15.04 1.76
C PHE B 50 18.57 13.76 0.95
N VAL B 51 19.40 12.75 1.25
CA VAL B 51 19.28 11.50 0.50
C VAL B 51 18.02 10.75 0.92
N ARG B 52 17.53 10.96 2.14
CA ARG B 52 16.23 10.41 2.51
C ARG B 52 15.10 11.11 1.78
N LEU B 53 15.17 12.44 1.64
CA LEU B 53 14.17 13.17 0.89
C LEU B 53 14.21 12.83 -0.60
N LEU B 54 15.37 12.43 -1.12
CA LEU B 54 15.45 12.00 -2.51
C LEU B 54 14.94 10.58 -2.69
N CYS B 55 15.14 9.69 -1.71
CA CYS B 55 14.58 8.36 -1.81
C CYS B 55 13.08 8.33 -1.56
N MET B 56 12.53 9.35 -0.89
CA MET B 56 11.09 9.39 -0.66
C MET B 56 10.31 9.56 -1.96
N LEU B 57 10.77 10.43 -2.85
CA LEU B 57 9.98 10.88 -3.98
C LEU B 57 9.97 9.90 -5.14
N VAL B 58 10.81 8.86 -5.12
CA VAL B 58 10.98 8.04 -6.31
C VAL B 58 9.85 7.04 -6.49
N MET B 59 9.15 6.65 -5.43
CA MET B 59 8.09 5.66 -5.58
C MET B 59 6.73 6.18 -6.06
N PRO B 60 6.17 7.29 -5.58
CA PRO B 60 4.89 7.73 -6.16
C PRO B 60 5.01 8.33 -7.55
N ILE B 61 6.16 8.92 -7.89
CA ILE B 61 6.33 9.51 -9.22
C ILE B 61 6.34 8.42 -10.29
N VAL B 62 7.12 7.36 -10.07
CA VAL B 62 7.25 6.30 -11.06
C VAL B 62 5.96 5.49 -11.23
N PHE B 63 5.02 5.60 -10.30
CA PHE B 63 3.70 5.00 -10.49
C PHE B 63 2.75 5.97 -11.18
N ALA B 64 2.56 7.16 -10.60
CA ALA B 64 1.54 8.09 -11.06
C ALA B 64 1.86 8.69 -12.42
N SER B 65 3.10 9.12 -12.62
CA SER B 65 3.51 9.70 -13.91
C SER B 65 3.42 8.67 -15.02
N LEU B 66 3.78 7.42 -14.72
CA LEU B 66 3.71 6.37 -15.73
C LEU B 66 2.27 6.01 -16.06
N VAL B 67 1.39 6.03 -15.06
CA VAL B 67 -0.03 5.73 -15.31
C VAL B 67 -0.64 6.80 -16.20
N VAL B 68 -0.38 8.08 -15.89
CA VAL B 68 -0.95 9.17 -16.68
C VAL B 68 -0.34 9.22 -18.08
N GLY B 69 0.97 8.96 -18.19
CA GLY B 69 1.60 8.98 -19.50
C GLY B 69 1.18 7.82 -20.38
N ALA B 70 0.99 6.63 -19.80
CA ALA B 70 0.51 5.52 -20.59
C ALA B 70 -0.97 5.68 -20.93
N ALA B 71 -1.71 6.40 -20.10
CA ALA B 71 -3.09 6.69 -20.42
C ALA B 71 -3.24 7.78 -21.48
N SER B 72 -2.22 8.60 -21.69
CA SER B 72 -2.33 9.72 -22.61
C SER B 72 -2.05 9.36 -24.07
N ILE B 73 -1.47 8.19 -24.34
CA ILE B 73 -1.05 7.85 -25.69
C ILE B 73 -2.24 7.40 -26.52
N SER B 74 -2.10 7.48 -27.83
CA SER B 74 -3.07 6.93 -28.78
C SER B 74 -2.32 6.65 -30.07
N PRO B 75 -2.14 5.38 -30.43
CA PRO B 75 -1.28 5.05 -31.58
C PRO B 75 -1.86 5.44 -32.94
N ALA B 76 -3.15 5.75 -33.02
CA ALA B 76 -3.71 6.26 -34.26
C ALA B 76 -3.65 7.78 -34.34
N ARG B 77 -3.75 8.46 -33.20
CA ARG B 77 -3.60 9.91 -33.17
C ARG B 77 -2.13 10.31 -33.32
N LEU B 78 -1.26 9.64 -32.57
CA LEU B 78 0.18 9.77 -32.79
C LEU B 78 0.54 9.14 -34.12
N GLY B 79 1.06 9.95 -35.04
CA GLY B 79 1.25 9.51 -36.42
C GLY B 79 2.36 8.50 -36.58
N ARG B 80 2.59 8.12 -37.85
CA ARG B 80 3.64 7.17 -38.18
C ARG B 80 5.02 7.76 -37.96
N VAL B 81 5.16 9.07 -38.19
CA VAL B 81 6.38 9.80 -37.84
C VAL B 81 6.66 9.69 -36.35
N GLY B 82 5.61 9.79 -35.54
CA GLY B 82 5.76 9.67 -34.10
C GLY B 82 6.22 8.29 -33.65
N VAL B 83 5.64 7.24 -34.22
CA VAL B 83 6.03 5.90 -33.77
C VAL B 83 7.42 5.53 -34.31
N LYS B 84 7.81 6.05 -35.48
CA LYS B 84 9.17 5.82 -35.97
C LYS B 84 10.19 6.55 -35.10
N ILE B 85 9.88 7.77 -34.66
CA ILE B 85 10.84 8.46 -33.81
C ILE B 85 10.85 7.92 -32.39
N VAL B 86 9.76 7.31 -31.91
CA VAL B 86 9.80 6.66 -30.61
C VAL B 86 10.65 5.39 -30.66
N VAL B 87 10.52 4.62 -31.75
CA VAL B 87 11.37 3.45 -31.96
C VAL B 87 12.85 3.85 -32.03
N TYR B 88 13.13 4.95 -32.73
CA TYR B 88 14.50 5.44 -32.85
C TYR B 88 15.06 5.91 -31.50
N TYR B 89 14.25 6.65 -30.73
CA TYR B 89 14.71 7.17 -29.45
C TYR B 89 15.00 6.05 -28.46
N LEU B 90 14.11 5.06 -28.37
CA LEU B 90 14.33 3.97 -27.43
C LEU B 90 15.50 3.07 -27.87
N LEU B 91 15.66 2.85 -29.18
CA LEU B 91 16.79 2.06 -29.66
C LEU B 91 18.12 2.76 -29.40
N THR B 92 18.18 4.08 -29.63
CA THR B 92 19.42 4.80 -29.43
C THR B 92 19.73 4.96 -27.94
N SER B 93 18.70 5.06 -27.09
CA SER B 93 18.96 5.12 -25.66
C SER B 93 19.45 3.78 -25.12
N ALA B 94 18.92 2.66 -25.64
CA ALA B 94 19.42 1.35 -25.24
C ALA B 94 20.87 1.15 -25.68
N PHE B 95 21.20 1.60 -26.91
CA PHE B 95 22.58 1.51 -27.36
C PHE B 95 23.50 2.42 -26.56
N ALA B 96 22.98 3.56 -26.09
CA ALA B 96 23.80 4.45 -25.27
C ALA B 96 24.11 3.85 -23.90
N VAL B 97 23.14 3.18 -23.28
CA VAL B 97 23.42 2.53 -22.00
C VAL B 97 24.37 1.36 -22.19
N THR B 98 24.22 0.62 -23.29
CA THR B 98 25.13 -0.50 -23.57
C THR B 98 26.56 -0.01 -23.81
N LEU B 99 26.72 1.08 -24.54
CA LEU B 99 28.05 1.61 -24.80
C LEU B 99 28.65 2.23 -23.54
N GLY B 100 27.83 2.79 -22.66
CA GLY B 100 28.34 3.30 -21.40
C GLY B 100 28.80 2.19 -20.48
N ILE B 101 28.07 1.07 -20.47
CA ILE B 101 28.50 -0.09 -19.69
C ILE B 101 29.79 -0.67 -20.25
N ILE B 102 29.94 -0.66 -21.58
CA ILE B 102 31.17 -1.13 -22.21
C ILE B 102 32.36 -0.23 -21.83
N MET B 103 32.17 1.09 -21.92
CA MET B 103 33.25 2.00 -21.59
C MET B 103 33.47 2.16 -20.09
N ALA B 104 32.59 1.62 -19.25
CA ALA B 104 32.87 1.53 -17.83
C ALA B 104 33.48 0.20 -17.44
N ARG B 105 33.31 -0.85 -18.24
CA ARG B 105 34.07 -2.07 -18.00
C ARG B 105 35.48 -1.97 -18.56
N LEU B 106 35.69 -1.16 -19.59
CA LEU B 106 37.00 -1.07 -20.21
C LEU B 106 37.96 -0.23 -19.38
N PHE B 107 37.44 0.71 -18.57
CA PHE B 107 38.28 1.63 -17.82
C PHE B 107 38.47 1.24 -16.37
N ASN B 108 37.51 0.53 -15.78
CA ASN B 108 37.39 0.19 -14.36
C ASN B 108 37.50 1.43 -13.46
N PRO B 109 36.50 2.31 -13.44
CA PRO B 109 36.58 3.45 -12.53
C PRO B 109 36.13 3.09 -11.12
N GLY B 110 36.84 3.62 -10.13
CA GLY B 110 36.53 3.34 -8.74
C GLY B 110 37.11 2.07 -8.18
N ALA B 111 37.71 1.22 -9.01
CA ALA B 111 38.34 -0.01 -8.53
C ALA B 111 39.64 0.35 -7.84
N GLY B 112 39.67 0.24 -6.51
CA GLY B 112 40.87 0.54 -5.75
C GLY B 112 40.63 1.54 -4.65
N ILE B 113 39.37 1.77 -4.30
CA ILE B 113 39.01 2.69 -3.24
C ILE B 113 38.84 1.97 -1.90
N HIS B 114 38.14 0.83 -1.92
CA HIS B 114 37.79 0.02 -0.75
C HIS B 114 37.07 0.86 0.31
N LEU B 115 35.93 1.40 -0.11
CA LEU B 115 35.18 2.32 0.73
C LEU B 115 34.45 1.56 1.84
N ALA B 116 34.57 2.05 3.06
CA ALA B 116 33.86 1.50 4.21
C ALA B 116 33.59 2.64 5.18
N VAL B 117 32.33 3.03 5.32
CA VAL B 117 32.01 4.19 6.14
C VAL B 117 31.85 3.78 7.60
N GLY B 118 30.96 2.82 7.87
CA GLY B 118 30.68 2.45 9.25
C GLY B 118 31.78 1.63 9.90
N GLY B 119 32.58 0.94 9.11
CA GLY B 119 33.60 0.08 9.64
C GLY B 119 33.51 -1.31 9.03
N GLN B 120 32.55 -1.48 8.12
CA GLN B 120 32.38 -2.72 7.40
C GLN B 120 32.06 -2.40 5.94
N GLN B 121 32.33 -3.37 5.07
CA GLN B 121 32.08 -3.16 3.65
C GLN B 121 30.62 -3.43 3.32
N PHE B 122 30.25 -3.13 2.08
CA PHE B 122 28.90 -3.36 1.62
C PHE B 122 28.71 -4.84 1.27
N GLN B 123 27.81 -5.50 1.97
CA GLN B 123 27.55 -6.89 1.69
C GLN B 123 26.61 -7.02 0.49
N PRO B 124 27.05 -7.65 -0.60
CA PRO B 124 26.20 -7.74 -1.78
C PRO B 124 25.13 -8.82 -1.62
N HIS B 125 24.04 -8.65 -2.36
CA HIS B 125 22.96 -9.61 -2.34
C HIS B 125 23.13 -10.62 -3.46
N GLN B 126 22.58 -11.80 -3.26
CA GLN B 126 22.71 -12.88 -4.25
C GLN B 126 21.86 -12.57 -5.47
N ALA B 127 22.50 -12.47 -6.62
CA ALA B 127 21.79 -12.14 -7.84
C ALA B 127 21.14 -13.39 -8.42
N PRO B 128 19.87 -13.34 -8.80
CA PRO B 128 19.22 -14.50 -9.42
C PRO B 128 19.74 -14.71 -10.83
N PRO B 129 19.48 -15.89 -11.45
CA PRO B 129 19.90 -16.10 -12.84
C PRO B 129 19.15 -15.26 -13.86
N LEU B 130 19.48 -15.44 -15.15
CA LEU B 130 18.98 -14.55 -16.18
C LEU B 130 17.49 -14.75 -16.44
N VAL B 131 17.02 -16.00 -16.43
CA VAL B 131 15.61 -16.28 -16.67
C VAL B 131 14.73 -15.81 -15.53
N HIS B 132 15.22 -15.86 -14.30
CA HIS B 132 14.42 -15.56 -13.13
C HIS B 132 14.20 -14.07 -12.91
N ILE B 133 14.87 -13.21 -13.67
CA ILE B 133 14.66 -11.76 -13.55
C ILE B 133 13.58 -11.29 -14.52
N LEU B 134 13.58 -11.83 -15.74
CA LEU B 134 12.53 -11.52 -16.70
C LEU B 134 11.18 -12.08 -16.30
N LEU B 135 11.15 -13.07 -15.40
CA LEU B 135 9.91 -13.48 -14.76
C LEU B 135 9.61 -12.69 -13.50
N ASP B 136 10.61 -12.01 -12.93
CA ASP B 136 10.39 -11.11 -11.82
C ASP B 136 10.07 -9.69 -12.28
N ILE B 137 10.02 -9.46 -13.60
CA ILE B 137 9.48 -8.19 -14.12
C ILE B 137 8.02 -8.05 -13.75
N VAL B 138 7.23 -9.08 -14.00
CA VAL B 138 5.81 -9.05 -13.65
C VAL B 138 5.67 -9.27 -12.14
N PRO B 139 4.92 -8.42 -11.43
CA PRO B 139 4.87 -8.54 -9.98
C PRO B 139 3.96 -9.66 -9.52
N THR B 140 4.35 -10.31 -8.43
CA THR B 140 3.46 -11.27 -7.78
C THR B 140 2.29 -10.57 -7.13
N ASN B 141 2.56 -9.46 -6.43
CA ASN B 141 1.53 -8.68 -5.76
C ASN B 141 1.73 -7.24 -6.19
N PRO B 142 0.74 -6.60 -6.82
CA PRO B 142 0.95 -5.21 -7.27
C PRO B 142 0.94 -4.20 -6.15
N PHE B 143 0.36 -4.52 -5.00
CA PHE B 143 0.50 -3.65 -3.84
C PHE B 143 1.80 -3.93 -3.10
N GLY B 144 2.23 -5.18 -3.08
CA GLY B 144 3.50 -5.54 -2.47
C GLY B 144 4.71 -5.13 -3.28
N ALA B 145 4.54 -4.76 -4.54
CA ALA B 145 5.63 -4.19 -5.31
C ALA B 145 5.81 -2.71 -5.02
N LEU B 146 4.73 -2.02 -4.65
CA LEU B 146 4.82 -0.62 -4.25
C LEU B 146 5.17 -0.47 -2.79
N ALA B 147 4.81 -1.45 -1.94
CA ALA B 147 5.16 -1.37 -0.53
C ALA B 147 6.65 -1.57 -0.31
N ASN B 148 7.28 -2.43 -1.10
CA ASN B 148 8.73 -2.53 -1.13
C ASN B 148 9.25 -1.57 -2.21
N GLY B 149 10.54 -1.64 -2.54
CA GLY B 149 11.03 -0.76 -3.58
C GLY B 149 10.56 -1.16 -4.95
N GLN B 150 11.17 -2.22 -5.51
CA GLN B 150 10.72 -2.98 -6.68
C GLN B 150 10.28 -2.10 -7.86
N VAL B 151 11.28 -1.40 -8.42
CA VAL B 151 11.01 -0.43 -9.48
C VAL B 151 10.49 -1.11 -10.75
N LEU B 152 11.13 -2.20 -11.15
CA LEU B 152 10.64 -2.92 -12.33
C LEU B 152 9.33 -3.68 -12.13
N PRO B 153 9.01 -4.25 -10.96
CA PRO B 153 7.64 -4.76 -10.79
C PRO B 153 6.58 -3.69 -10.55
N THR B 154 6.89 -2.40 -10.55
CA THR B 154 5.83 -1.40 -10.52
C THR B 154 5.74 -0.56 -11.78
N ILE B 155 6.81 -0.49 -12.58
CA ILE B 155 6.71 0.12 -13.90
C ILE B 155 5.75 -0.64 -14.80
N PHE B 156 5.86 -1.97 -14.79
CA PHE B 156 4.99 -2.84 -15.58
C PHE B 156 3.53 -2.70 -15.14
N PHE B 157 3.30 -2.61 -13.84
CA PHE B 157 1.93 -2.49 -13.35
C PHE B 157 1.35 -1.12 -13.66
N ALA B 158 2.17 -0.07 -13.61
CA ALA B 158 1.67 1.25 -13.95
C ALA B 158 1.32 1.37 -15.43
N ILE B 159 2.15 0.81 -16.30
CA ILE B 159 1.87 0.84 -17.74
C ILE B 159 0.64 -0.01 -18.06
N ILE B 160 0.52 -1.19 -17.43
CA ILE B 160 -0.60 -2.06 -17.71
C ILE B 160 -1.90 -1.55 -17.08
N LEU B 161 -1.81 -0.62 -16.12
CA LEU B 161 -3.02 0.03 -15.63
C LEU B 161 -3.41 1.20 -16.53
N GLY B 162 -2.42 1.93 -17.05
CA GLY B 162 -2.73 3.05 -17.93
C GLY B 162 -3.34 2.64 -19.25
N ILE B 163 -2.88 1.52 -19.81
CA ILE B 163 -3.46 1.01 -21.06
C ILE B 163 -4.91 0.55 -20.83
N ALA B 164 -5.19 -0.06 -19.68
CA ALA B 164 -6.55 -0.47 -19.37
C ALA B 164 -7.46 0.72 -19.12
N ILE B 165 -6.95 1.80 -18.53
CA ILE B 165 -7.75 3.01 -18.35
C ILE B 165 -8.05 3.66 -19.69
N THR B 166 -7.09 3.60 -20.63
CA THR B 166 -7.35 4.09 -21.99
C THR B 166 -8.43 3.26 -22.69
N TYR B 167 -8.38 1.92 -22.56
CA TYR B 167 -9.44 1.09 -23.12
C TYR B 167 -10.77 1.26 -22.43
N LEU B 168 -10.78 1.71 -21.17
CA LEU B 168 -12.02 1.96 -20.44
C LEU B 168 -12.66 3.30 -20.79
N MET B 169 -11.85 4.31 -21.08
CA MET B 169 -12.35 5.67 -21.20
C MET B 169 -13.18 5.86 -22.46
N ASN B 170 -12.92 5.07 -23.51
CA ASN B 170 -13.67 5.15 -24.75
C ASN B 170 -14.73 4.05 -24.85
N SER B 171 -15.18 3.51 -23.72
CA SER B 171 -16.20 2.47 -23.74
C SER B 171 -17.57 3.07 -24.02
N GLU B 172 -18.53 2.19 -24.32
CA GLU B 172 -19.86 2.65 -24.71
C GLU B 172 -20.75 2.93 -23.51
N ASN B 173 -20.57 2.21 -22.41
CA ASN B 173 -21.32 2.48 -21.19
C ASN B 173 -20.85 3.80 -20.58
N GLU B 174 -21.72 4.42 -19.79
CA GLU B 174 -21.47 5.75 -19.25
C GLU B 174 -20.89 5.73 -17.84
N LYS B 175 -21.38 4.82 -16.98
CA LYS B 175 -20.90 4.76 -15.61
C LYS B 175 -19.44 4.33 -15.53
N VAL B 176 -19.04 3.40 -16.42
CA VAL B 176 -17.65 2.97 -16.43
C VAL B 176 -16.74 4.06 -16.98
N ARG B 177 -17.26 4.90 -17.88
CA ARG B 177 -16.49 6.02 -18.40
C ARG B 177 -16.30 7.08 -17.33
N LYS B 178 -17.36 7.36 -16.56
CA LYS B 178 -17.24 8.28 -15.43
C LYS B 178 -16.27 7.76 -14.37
N SER B 179 -16.30 6.46 -14.11
CA SER B 179 -15.44 5.87 -13.09
C SER B 179 -13.98 5.90 -13.51
N ALA B 180 -13.69 5.53 -14.76
CA ALA B 180 -12.31 5.59 -15.23
C ALA B 180 -11.80 7.03 -15.35
N GLU B 181 -12.69 7.98 -15.67
CA GLU B 181 -12.29 9.38 -15.72
C GLU B 181 -11.93 9.91 -14.33
N THR B 182 -12.72 9.57 -13.31
CA THR B 182 -12.40 10.01 -11.95
C THR B 182 -11.13 9.33 -11.43
N LEU B 183 -10.89 8.07 -11.80
CA LEU B 183 -9.66 7.40 -11.38
C LEU B 183 -8.43 8.03 -12.02
N LEU B 184 -8.50 8.34 -13.31
CA LEU B 184 -7.38 8.98 -13.98
C LEU B 184 -7.13 10.39 -13.45
N ASP B 185 -8.21 11.10 -13.11
CA ASP B 185 -8.02 12.43 -12.53
C ASP B 185 -7.42 12.37 -11.13
N ALA B 186 -7.75 11.35 -10.34
CA ALA B 186 -7.15 11.22 -9.02
C ALA B 186 -5.67 10.89 -9.11
N ILE B 187 -5.28 9.99 -10.02
CA ILE B 187 -3.87 9.66 -10.16
C ILE B 187 -3.09 10.84 -10.77
N ASN B 188 -3.73 11.64 -11.64
CA ASN B 188 -3.09 12.84 -12.14
C ASN B 188 -2.90 13.88 -11.04
N GLY B 189 -3.84 13.97 -10.10
CA GLY B 189 -3.66 14.84 -8.95
C GLY B 189 -2.51 14.41 -8.06
N LEU B 190 -2.35 13.10 -7.88
CA LEU B 190 -1.21 12.59 -7.12
C LEU B 190 0.12 12.89 -7.83
N ALA B 191 0.14 12.76 -9.15
CA ALA B 191 1.36 13.06 -9.91
C ALA B 191 1.74 14.53 -9.81
N GLU B 192 0.77 15.43 -9.92
CA GLU B 192 1.10 16.85 -9.82
C GLU B 192 1.43 17.27 -8.40
N ALA B 193 0.87 16.59 -7.39
CA ALA B 193 1.28 16.85 -6.02
C ALA B 193 2.72 16.42 -5.79
N MET B 194 3.13 15.29 -6.38
CA MET B 194 4.53 14.89 -6.32
C MET B 194 5.44 15.87 -7.05
N TYR B 195 4.97 16.42 -8.17
CA TYR B 195 5.76 17.42 -8.89
C TYR B 195 5.88 18.72 -8.10
N LYS B 196 4.93 19.01 -7.20
CA LYS B 196 5.09 20.17 -6.34
C LYS B 196 6.00 19.88 -5.15
N ILE B 197 6.01 18.64 -4.64
CA ILE B 197 6.92 18.33 -3.53
C ILE B 197 8.38 18.29 -4.01
N VAL B 198 8.59 17.86 -5.27
CA VAL B 198 9.92 17.87 -5.88
C VAL B 198 10.48 19.30 -5.95
N ASN B 199 9.63 20.28 -6.22
CA ASN B 199 10.08 21.66 -6.30
C ASN B 199 10.36 22.29 -4.94
N GLY B 200 10.18 21.57 -3.84
CA GLY B 200 10.60 22.06 -2.54
C GLY B 200 11.82 21.31 -2.05
N VAL B 201 11.88 20.02 -2.38
CA VAL B 201 13.07 19.23 -2.07
C VAL B 201 14.27 19.74 -2.86
N MET B 202 14.04 20.17 -4.10
CA MET B 202 15.11 20.81 -4.86
C MET B 202 15.51 22.16 -4.29
N GLN B 203 14.61 22.85 -3.58
CA GLN B 203 15.01 24.07 -2.88
C GLN B 203 15.84 23.74 -1.65
N TYR B 204 15.56 22.62 -1.00
CA TYR B 204 16.41 22.21 0.13
C TYR B 204 17.77 21.70 -0.34
N ALA B 205 17.84 21.20 -1.58
CA ALA B 205 19.06 20.57 -2.10
C ALA B 205 20.40 21.32 -1.98
N PRO B 206 20.49 22.65 -2.08
CA PRO B 206 21.81 23.29 -1.89
C PRO B 206 22.28 23.40 -0.45
N ILE B 207 21.67 22.70 0.50
CA ILE B 207 22.20 22.54 1.84
C ILE B 207 22.65 21.10 2.07
N GLY B 208 21.81 20.13 1.68
CA GLY B 208 22.17 18.74 1.81
C GLY B 208 23.29 18.33 0.87
N VAL B 209 23.35 18.93 -0.31
CA VAL B 209 24.44 18.63 -1.24
C VAL B 209 25.76 19.16 -0.68
N PHE B 210 25.73 20.37 -0.09
CA PHE B 210 26.90 20.92 0.57
C PHE B 210 27.33 20.05 1.75
N ALA B 211 26.37 19.50 2.48
CA ALA B 211 26.71 18.60 3.60
C ALA B 211 27.34 17.31 3.12
N LEU B 212 26.81 16.73 2.03
CA LEU B 212 27.39 15.50 1.49
C LEU B 212 28.81 15.70 0.98
N ILE B 213 29.06 16.80 0.27
CA ILE B 213 30.41 17.00 -0.26
C ILE B 213 31.38 17.37 0.86
N ALA B 214 30.95 18.22 1.81
CA ALA B 214 31.80 18.58 2.93
C ALA B 214 32.04 17.42 3.88
N TYR B 215 31.21 16.39 3.84
CA TYR B 215 31.52 15.16 4.56
C TYR B 215 32.50 14.29 3.79
N VAL B 216 32.23 14.04 2.51
CA VAL B 216 32.97 13.01 1.77
C VAL B 216 34.38 13.48 1.46
N MET B 217 34.52 14.74 1.00
CA MET B 217 35.84 15.28 0.72
C MET B 217 36.65 15.52 1.99
N ALA B 218 36.01 15.60 3.15
CA ALA B 218 36.77 15.63 4.39
C ALA B 218 37.18 14.24 4.84
N GLU B 219 36.39 13.22 4.50
CA GLU B 219 36.76 11.86 4.84
C GLU B 219 37.92 11.36 3.99
N GLN B 220 37.78 11.43 2.67
CA GLN B 220 38.79 10.84 1.78
C GLN B 220 39.84 11.85 1.36
N GLY B 221 39.44 12.90 0.64
CA GLY B 221 40.34 14.00 0.35
C GLY B 221 41.14 13.98 -0.94
N VAL B 222 42.11 13.08 -1.05
CA VAL B 222 43.18 13.19 -2.04
C VAL B 222 42.97 12.24 -3.21
N HIS B 223 42.76 10.95 -2.93
CA HIS B 223 42.68 9.95 -3.99
C HIS B 223 41.40 10.07 -4.81
N VAL B 224 40.39 10.75 -4.26
CA VAL B 224 39.12 10.89 -4.97
C VAL B 224 39.26 11.77 -6.19
N VAL B 225 40.22 12.68 -6.23
CA VAL B 225 40.34 13.51 -7.43
C VAL B 225 40.94 12.69 -8.57
N GLY B 226 41.79 11.72 -8.27
CA GLY B 226 42.26 10.81 -9.31
C GLY B 226 41.18 9.86 -9.77
N GLU B 227 40.35 9.38 -8.83
CA GLU B 227 39.26 8.48 -9.20
C GLU B 227 38.21 9.20 -10.05
N LEU B 228 37.84 10.43 -9.68
CA LEU B 228 36.87 11.16 -10.49
C LEU B 228 37.47 11.67 -11.81
N ALA B 229 38.79 11.85 -11.87
CA ALA B 229 39.41 12.14 -13.16
C ALA B 229 39.33 10.94 -14.09
N LYS B 230 39.53 9.73 -13.55
CA LYS B 230 39.31 8.52 -14.36
C LYS B 230 37.84 8.36 -14.73
N VAL B 231 36.93 8.79 -13.86
CA VAL B 231 35.50 8.72 -14.15
C VAL B 231 35.13 9.64 -15.31
N THR B 232 35.60 10.90 -15.27
CA THR B 232 35.23 11.82 -16.33
C THR B 232 35.98 11.51 -17.62
N ALA B 233 37.15 10.87 -17.55
CA ALA B 233 37.79 10.40 -18.77
C ALA B 233 37.00 9.25 -19.40
N ALA B 234 36.55 8.30 -18.57
CA ALA B 234 35.75 7.19 -19.07
C ALA B 234 34.36 7.63 -19.54
N VAL B 235 33.87 8.77 -19.05
CA VAL B 235 32.64 9.32 -19.61
C VAL B 235 32.91 9.96 -20.96
N TYR B 236 33.94 10.81 -21.05
CA TYR B 236 34.12 11.61 -22.27
C TYR B 236 34.62 10.79 -23.46
N VAL B 237 35.47 9.78 -23.24
CA VAL B 237 35.93 9.02 -24.40
C VAL B 237 34.78 8.14 -24.93
N GLY B 238 33.95 7.60 -24.06
CA GLY B 238 32.77 6.88 -24.50
C GLY B 238 31.71 7.79 -25.06
N LEU B 239 31.73 9.06 -24.65
CA LEU B 239 30.74 10.02 -25.14
C LEU B 239 31.05 10.44 -26.57
N THR B 240 32.33 10.75 -26.83
CA THR B 240 32.74 11.02 -28.20
C THR B 240 32.66 9.78 -29.07
N LEU B 241 32.91 8.59 -28.51
CA LEU B 241 32.73 7.37 -29.27
C LEU B 241 31.26 7.10 -29.55
N GLN B 242 30.36 7.49 -28.64
CA GLN B 242 28.93 7.42 -28.87
C GLN B 242 28.52 8.26 -30.06
N ILE B 243 28.93 9.54 -30.07
CA ILE B 243 28.63 10.45 -31.18
C ILE B 243 29.17 9.88 -32.50
N LEU B 244 30.48 9.56 -32.52
CA LEU B 244 31.15 9.09 -33.73
C LEU B 244 30.52 7.81 -34.29
N LEU B 245 30.59 6.72 -33.51
CA LEU B 245 30.09 5.42 -33.96
C LEU B 245 28.60 5.45 -34.26
N VAL B 246 27.77 5.75 -33.26
CA VAL B 246 26.34 5.56 -33.42
C VAL B 246 25.76 6.57 -34.39
N TYR B 247 26.09 7.86 -34.22
CA TYR B 247 25.45 8.85 -35.07
C TYR B 247 26.03 8.87 -36.47
N PHE B 248 27.33 8.60 -36.64
CA PHE B 248 27.87 8.62 -37.99
C PHE B 248 27.48 7.37 -38.77
N VAL B 249 27.33 6.22 -38.11
CA VAL B 249 26.81 5.06 -38.81
C VAL B 249 25.32 5.24 -39.15
N LEU B 250 24.52 5.75 -38.20
CA LEU B 250 23.11 5.94 -38.47
C LEU B 250 22.83 7.11 -39.40
N LEU B 251 23.81 7.97 -39.67
CA LEU B 251 23.67 9.00 -40.69
C LEU B 251 24.20 8.57 -42.05
N LYS B 252 25.30 7.81 -42.09
CA LYS B 252 25.83 7.34 -43.37
C LYS B 252 25.06 6.16 -43.93
N ILE B 253 24.28 5.46 -43.10
CA ILE B 253 23.48 4.36 -43.62
C ILE B 253 22.24 4.88 -44.35
N TYR B 254 21.85 6.14 -44.12
CA TYR B 254 20.69 6.72 -44.77
C TYR B 254 21.06 7.79 -45.79
N GLY B 255 22.35 8.00 -46.03
CA GLY B 255 22.79 8.81 -47.15
C GLY B 255 23.08 10.27 -46.84
N ILE B 256 22.87 10.71 -45.61
CA ILE B 256 23.16 12.09 -45.25
C ILE B 256 24.64 12.20 -44.93
N ASP B 257 25.31 13.17 -45.56
CA ASP B 257 26.73 13.42 -45.31
C ASP B 257 26.91 13.93 -43.89
N PRO B 258 27.60 13.21 -43.00
CA PRO B 258 27.62 13.62 -41.59
C PRO B 258 28.47 14.84 -41.31
N ILE B 259 29.53 15.08 -42.09
CA ILE B 259 30.36 16.25 -41.88
C ILE B 259 29.62 17.52 -42.27
N SER B 260 28.97 17.50 -43.43
CA SER B 260 28.15 18.65 -43.85
C SER B 260 26.90 18.82 -43.00
N PHE B 261 26.43 17.75 -42.36
CA PHE B 261 25.33 17.88 -41.42
C PHE B 261 25.79 18.54 -40.13
N ILE B 262 26.88 18.06 -39.55
CA ILE B 262 27.32 18.56 -38.26
C ILE B 262 27.95 19.94 -38.36
N LYS B 263 28.49 20.33 -39.53
CA LYS B 263 29.02 21.67 -39.67
C LYS B 263 27.91 22.72 -39.80
N HIS B 264 26.70 22.30 -40.15
CA HIS B 264 25.55 23.18 -40.02
C HIS B 264 24.94 23.11 -38.63
N ALA B 265 24.94 21.93 -38.01
CA ALA B 265 24.35 21.76 -36.70
C ALA B 265 25.19 22.33 -35.56
N LYS B 266 26.44 22.70 -35.83
CA LYS B 266 27.34 23.15 -34.76
C LYS B 266 26.89 24.47 -34.13
N ASP B 267 26.19 25.32 -34.89
CA ASP B 267 25.81 26.65 -34.41
C ASP B 267 24.84 26.58 -33.24
N ALA B 268 24.03 25.52 -33.16
CA ALA B 268 23.20 25.27 -32.00
C ALA B 268 23.65 24.05 -31.20
N MET B 269 24.64 23.31 -31.67
CA MET B 269 25.24 22.28 -30.85
C MET B 269 26.16 22.88 -29.80
N LEU B 270 26.87 23.96 -30.14
CA LEU B 270 27.86 24.53 -29.23
C LEU B 270 27.22 25.26 -28.06
N THR B 271 26.01 25.77 -28.21
CA THR B 271 25.36 26.45 -27.09
C THR B 271 24.86 25.48 -26.03
N ALA B 272 24.75 24.20 -26.36
CA ALA B 272 24.43 23.20 -25.35
C ALA B 272 25.60 22.97 -24.41
N PHE B 273 26.83 23.20 -24.89
CA PHE B 273 28.01 23.01 -24.06
C PHE B 273 28.13 24.10 -23.00
N VAL B 274 27.57 25.29 -23.27
CA VAL B 274 27.67 26.41 -22.35
C VAL B 274 26.36 26.75 -21.67
N THR B 275 25.26 26.12 -22.07
CA THR B 275 23.95 26.41 -21.47
C THR B 275 23.57 25.40 -20.40
N ARG B 276 24.01 24.14 -20.55
CA ARG B 276 23.74 23.03 -19.63
C ARG B 276 22.24 22.78 -19.45
N SER B 277 21.46 22.95 -20.51
CA SER B 277 20.02 22.75 -20.45
C SER B 277 19.53 22.37 -21.83
N SER B 278 19.02 21.15 -21.97
CA SER B 278 18.50 20.68 -23.25
C SER B 278 17.13 21.23 -23.59
N SER B 279 16.48 21.95 -22.66
CA SER B 279 15.21 22.61 -22.94
C SER B 279 15.34 24.11 -23.08
N GLY B 280 16.36 24.72 -22.48
CA GLY B 280 16.63 26.14 -22.67
C GLY B 280 17.34 26.48 -23.96
N THR B 281 17.72 25.47 -24.74
CA THR B 281 18.28 25.68 -26.08
C THR B 281 17.32 25.23 -27.16
N LEU B 282 16.06 24.96 -26.80
CA LEU B 282 15.07 24.55 -27.79
C LEU B 282 14.74 25.62 -28.84
N PRO B 283 14.55 26.91 -28.52
CA PRO B 283 14.39 27.88 -29.61
C PRO B 283 15.64 28.08 -30.45
N VAL B 284 16.82 27.78 -29.89
CA VAL B 284 18.04 27.90 -30.67
C VAL B 284 18.15 26.73 -31.66
N THR B 285 17.86 25.51 -31.21
CA THR B 285 17.92 24.37 -32.12
C THR B 285 16.73 24.30 -33.06
N MET B 286 15.65 25.03 -32.79
CA MET B 286 14.59 25.17 -33.78
C MET B 286 15.08 25.89 -35.03
N ARG B 287 15.98 26.87 -34.85
CA ARG B 287 16.57 27.57 -35.99
C ARG B 287 17.42 26.64 -36.84
N VAL B 288 18.22 25.78 -36.21
CA VAL B 288 19.09 24.91 -36.99
C VAL B 288 18.31 23.73 -37.57
N ALA B 289 17.16 23.38 -36.97
CA ALA B 289 16.27 22.44 -37.65
C ALA B 289 15.61 23.09 -38.86
N LYS B 290 15.31 24.38 -38.78
CA LYS B 290 14.82 25.13 -39.93
C LYS B 290 15.89 25.32 -41.00
N GLU B 291 17.17 25.33 -40.60
CA GLU B 291 18.26 25.62 -41.54
C GLU B 291 18.47 24.51 -42.56
N MET B 292 18.04 23.29 -42.26
CA MET B 292 18.11 22.20 -43.22
C MET B 292 16.81 22.16 -44.02
N GLY B 293 16.61 21.10 -44.78
CA GLY B 293 15.42 20.99 -45.60
C GLY B 293 14.29 20.22 -44.96
N ILE B 294 14.18 20.32 -43.64
CA ILE B 294 13.14 19.60 -42.91
C ILE B 294 11.84 20.35 -43.04
N SER B 295 10.75 19.63 -43.34
CA SER B 295 9.44 20.24 -43.41
C SER B 295 8.94 20.61 -42.01
N GLU B 296 7.95 21.51 -41.97
CA GLU B 296 7.50 22.08 -40.71
C GLU B 296 6.75 21.06 -39.85
N GLY B 297 6.00 20.15 -40.47
CA GLY B 297 5.21 19.17 -39.75
C GLY B 297 6.01 18.11 -39.02
N ILE B 298 7.30 18.02 -39.27
CA ILE B 298 8.18 17.09 -38.58
C ILE B 298 8.91 17.76 -37.43
N TYR B 299 9.60 18.87 -37.72
CA TYR B 299 10.42 19.53 -36.70
C TYR B 299 9.61 20.45 -35.79
N SER B 300 8.34 20.71 -36.10
CA SER B 300 7.50 21.41 -35.14
C SER B 300 7.08 20.49 -33.99
N PHE B 301 7.08 19.19 -34.23
CA PHE B 301 6.61 18.20 -33.27
C PHE B 301 7.74 17.42 -32.63
N THR B 302 8.81 17.12 -33.37
CA THR B 302 9.75 16.10 -32.92
C THR B 302 10.73 16.63 -31.88
N LEU B 303 11.27 17.82 -32.10
CA LEU B 303 12.29 18.37 -31.19
C LEU B 303 11.77 18.71 -29.79
N PRO B 304 10.53 19.21 -29.58
CA PRO B 304 10.00 19.22 -28.20
C PRO B 304 9.77 17.83 -27.61
N LEU B 305 9.59 16.80 -28.43
CA LEU B 305 9.54 15.46 -27.89
C LEU B 305 10.94 14.92 -27.63
N GLY B 306 11.89 15.27 -28.49
CA GLY B 306 13.26 14.83 -28.30
C GLY B 306 13.98 15.49 -27.14
N ALA B 307 13.55 16.69 -26.76
CA ALA B 307 14.14 17.34 -25.60
C ALA B 307 13.64 16.78 -24.28
N THR B 308 12.61 15.93 -24.29
CA THR B 308 12.02 15.39 -23.08
C THR B 308 12.14 13.88 -22.96
N ILE B 309 12.06 13.16 -24.07
CA ILE B 309 12.16 11.71 -24.05
C ILE B 309 13.57 11.24 -24.42
N ASN B 310 14.14 11.81 -25.47
CA ASN B 310 15.40 11.32 -26.03
C ASN B 310 16.54 11.88 -25.19
N MET B 311 17.08 11.06 -24.29
CA MET B 311 18.22 11.42 -23.47
C MET B 311 19.28 10.34 -23.63
N ASP B 312 20.37 10.66 -24.31
CA ASP B 312 21.42 9.71 -24.66
C ASP B 312 22.65 9.83 -23.77
N GLY B 313 23.17 11.05 -23.61
CA GLY B 313 24.29 11.25 -22.72
C GLY B 313 23.95 10.98 -21.27
N THR B 314 22.72 11.31 -20.87
CA THR B 314 22.24 10.94 -19.54
C THR B 314 22.12 9.43 -19.40
N ALA B 315 21.77 8.74 -20.50
CA ALA B 315 21.69 7.29 -20.47
C ALA B 315 23.06 6.64 -20.38
N LEU B 316 24.08 7.24 -21.00
CA LEU B 316 25.45 6.71 -20.87
C LEU B 316 26.02 6.99 -19.48
N TYR B 317 25.77 8.19 -18.97
CA TYR B 317 26.23 8.55 -17.64
C TYR B 317 25.54 7.73 -16.56
N GLN B 318 24.31 7.28 -16.80
CA GLN B 318 23.63 6.39 -15.87
C GLN B 318 24.10 4.94 -15.98
N GLY B 319 25.08 4.64 -16.82
CA GLY B 319 25.73 3.35 -16.79
C GLY B 319 27.11 3.49 -16.17
N VAL B 320 27.80 4.57 -16.52
CA VAL B 320 29.15 4.77 -15.97
C VAL B 320 29.08 5.09 -14.47
N ALA B 321 28.15 5.97 -14.08
CA ALA B 321 28.03 6.32 -12.68
C ALA B 321 27.21 5.32 -11.88
N THR B 322 26.78 4.22 -12.48
CA THR B 322 26.27 3.11 -11.69
C THR B 322 27.23 1.93 -11.69
N PHE B 323 28.24 1.92 -12.57
CA PHE B 323 29.36 1.02 -12.35
C PHE B 323 30.39 1.59 -11.39
N PHE B 324 30.46 2.92 -11.26
CA PHE B 324 31.38 3.51 -10.29
C PHE B 324 30.98 3.16 -8.87
N ILE B 325 29.68 3.12 -8.58
CA ILE B 325 29.20 2.78 -7.23
C ILE B 325 29.52 1.32 -6.92
N ALA B 326 29.29 0.42 -7.87
CA ALA B 326 29.52 -1.00 -7.63
C ALA B 326 31.00 -1.34 -7.61
N ASN B 327 31.84 -0.56 -8.29
CA ASN B 327 33.27 -0.82 -8.22
C ASN B 327 33.94 -0.12 -7.05
N ALA B 328 33.32 0.91 -6.48
CA ALA B 328 33.85 1.49 -5.26
C ALA B 328 33.37 0.75 -4.03
N LEU B 329 32.22 0.09 -4.11
CA LEU B 329 31.69 -0.64 -2.96
C LEU B 329 32.20 -2.06 -2.86
N GLY B 330 33.06 -2.49 -3.78
CA GLY B 330 33.57 -3.85 -3.76
C GLY B 330 32.66 -4.89 -4.36
N SER B 331 31.45 -4.53 -4.77
CA SER B 331 30.52 -5.48 -5.36
C SER B 331 30.93 -5.83 -6.78
N HIS B 332 30.27 -6.84 -7.33
CA HIS B 332 30.56 -7.33 -8.68
C HIS B 332 29.24 -7.58 -9.39
N LEU B 333 28.90 -6.71 -10.34
CA LEU B 333 27.63 -6.81 -11.04
C LEU B 333 27.72 -7.89 -12.12
N THR B 334 26.96 -8.97 -11.93
CA THR B 334 26.93 -10.05 -12.89
C THR B 334 26.06 -9.69 -14.09
N VAL B 335 26.15 -10.51 -15.13
CA VAL B 335 25.23 -10.40 -16.25
C VAL B 335 23.86 -10.89 -15.81
N GLY B 336 22.83 -10.12 -16.15
CA GLY B 336 21.49 -10.39 -15.67
C GLY B 336 20.99 -9.22 -14.84
N GLN B 337 21.86 -8.70 -13.98
CA GLN B 337 21.66 -7.38 -13.39
C GLN B 337 22.49 -6.33 -14.09
N GLN B 338 23.13 -6.70 -15.20
CA GLN B 338 23.85 -5.78 -16.06
C GLN B 338 22.99 -5.27 -17.20
N LEU B 339 22.12 -6.12 -17.75
CA LEU B 339 21.09 -5.68 -18.68
C LEU B 339 19.85 -5.15 -17.97
N THR B 340 19.72 -5.40 -16.67
CA THR B 340 18.70 -4.73 -15.89
C THR B 340 18.95 -3.23 -15.83
N ILE B 341 20.22 -2.81 -15.86
CA ILE B 341 20.55 -1.39 -15.95
C ILE B 341 20.07 -0.81 -17.28
N VAL B 342 20.19 -1.58 -18.36
CA VAL B 342 19.73 -1.12 -19.67
C VAL B 342 18.20 -0.99 -19.68
N LEU B 343 17.52 -2.05 -19.24
CA LEU B 343 16.06 -2.08 -19.25
C LEU B 343 15.46 -1.08 -18.27
N THR B 344 16.19 -0.71 -17.23
CA THR B 344 15.70 0.29 -16.30
C THR B 344 16.04 1.71 -16.75
N ALA B 345 17.22 1.93 -17.36
CA ALA B 345 17.58 3.28 -17.79
C ALA B 345 16.84 3.70 -19.05
N VAL B 346 16.38 2.76 -19.87
CA VAL B 346 15.53 3.14 -21.00
C VAL B 346 14.15 3.54 -20.52
N LEU B 347 13.55 2.68 -19.68
CA LEU B 347 12.20 2.92 -19.20
C LEU B 347 12.12 4.04 -18.17
N ALA B 348 13.25 4.41 -17.57
CA ALA B 348 13.29 5.59 -16.72
C ALA B 348 13.26 6.86 -17.54
N SER B 349 13.89 6.86 -18.71
CA SER B 349 13.79 8.00 -19.61
C SER B 349 12.40 8.10 -20.20
N ILE B 350 11.79 6.96 -20.55
CA ILE B 350 10.42 7.01 -21.07
C ILE B 350 9.40 7.28 -19.97
N GLY B 351 9.73 7.04 -18.71
CA GLY B 351 8.78 7.22 -17.64
C GLY B 351 8.81 8.60 -17.03
N THR B 352 9.97 9.02 -16.53
CA THR B 352 10.12 10.32 -15.87
C THR B 352 10.43 11.39 -16.90
N ALA B 353 9.42 11.69 -17.72
CA ALA B 353 9.51 12.71 -18.76
C ALA B 353 8.69 13.91 -18.31
N GLY B 354 9.38 15.00 -17.98
CA GLY B 354 8.72 16.22 -17.55
C GLY B 354 8.70 16.46 -16.06
N VAL B 355 9.30 15.57 -15.26
CA VAL B 355 9.45 15.78 -13.83
C VAL B 355 10.52 16.84 -13.61
N PRO B 356 10.41 17.70 -12.59
CA PRO B 356 11.49 18.65 -12.33
C PRO B 356 12.71 18.06 -11.66
N GLY B 357 12.61 16.83 -11.14
CA GLY B 357 13.73 16.20 -10.48
C GLY B 357 14.20 14.95 -11.20
N ALA B 358 14.25 15.01 -12.53
CA ALA B 358 14.53 13.81 -13.33
C ALA B 358 15.95 13.31 -13.15
N GLY B 359 16.92 14.22 -12.99
CA GLY B 359 18.32 13.82 -12.96
C GLY B 359 18.74 13.07 -11.72
N ALA B 360 17.99 13.21 -10.63
CA ALA B 360 18.31 12.52 -9.39
C ALA B 360 17.48 11.24 -9.22
N ILE B 361 16.18 11.31 -9.48
CA ILE B 361 15.35 10.13 -9.34
C ILE B 361 15.60 9.15 -10.48
N MET B 362 16.11 9.61 -11.62
CA MET B 362 16.42 8.71 -12.72
C MET B 362 17.64 7.86 -12.43
N LEU B 363 18.49 8.28 -11.49
CA LEU B 363 19.58 7.44 -10.99
C LEU B 363 19.18 6.69 -9.74
N CYS B 364 18.28 7.27 -8.93
CA CYS B 364 17.78 6.58 -7.75
C CYS B 364 17.01 5.33 -8.11
N MET B 365 16.20 5.38 -9.17
CA MET B 365 15.43 4.21 -9.57
C MET B 365 16.23 3.22 -10.41
N VAL B 366 17.48 3.53 -10.75
CA VAL B 366 18.38 2.54 -11.32
C VAL B 366 19.18 1.85 -10.22
N LEU B 367 19.66 2.64 -9.25
CA LEU B 367 20.37 2.06 -8.11
C LEU B 367 19.45 1.26 -7.20
N HIS B 368 18.15 1.57 -7.21
CA HIS B 368 17.19 0.71 -6.52
C HIS B 368 16.98 -0.59 -7.28
N SER B 369 16.96 -0.53 -8.61
CA SER B 369 16.69 -1.70 -9.43
C SER B 369 17.87 -2.65 -9.48
N VAL B 370 19.09 -2.15 -9.29
CA VAL B 370 20.25 -3.04 -9.22
C VAL B 370 20.29 -3.76 -7.87
N GLY B 371 20.03 -3.04 -6.80
CA GLY B 371 20.09 -3.62 -5.46
C GLY B 371 21.02 -2.84 -4.55
N LEU B 372 21.23 -1.57 -4.88
CA LEU B 372 22.15 -0.69 -4.15
C LEU B 372 21.37 0.52 -3.67
N PRO B 373 20.63 0.40 -2.56
CA PRO B 373 19.79 1.51 -2.12
C PRO B 373 20.61 2.64 -1.52
N LEU B 374 20.08 3.86 -1.64
CA LEU B 374 20.84 5.04 -1.25
C LEU B 374 20.82 5.34 0.23
N THR B 375 20.16 4.51 1.05
CA THR B 375 20.21 4.72 2.49
C THR B 375 21.35 3.96 3.15
N ASP B 376 21.96 3.02 2.46
CA ASP B 376 23.16 2.36 2.96
C ASP B 376 24.30 3.37 2.94
N PRO B 377 25.03 3.56 4.05
CA PRO B 377 26.02 4.64 4.11
C PRO B 377 27.23 4.46 3.21
N ASN B 378 27.46 3.27 2.66
CA ASN B 378 28.51 3.11 1.68
C ASN B 378 28.10 3.66 0.31
N VAL B 379 26.81 3.60 -0.02
CA VAL B 379 26.35 4.04 -1.33
C VAL B 379 26.34 5.56 -1.41
N ALA B 380 26.00 6.22 -0.30
CA ALA B 380 25.83 7.68 -0.30
C ALA B 380 27.15 8.40 -0.50
N ALA B 381 28.27 7.81 -0.04
CA ALA B 381 29.57 8.46 -0.20
C ALA B 381 30.01 8.47 -1.66
N ALA B 382 29.89 7.33 -2.34
CA ALA B 382 30.25 7.29 -3.75
C ALA B 382 29.25 8.06 -4.61
N TYR B 383 27.98 8.09 -4.21
CA TYR B 383 26.98 8.94 -4.86
C TYR B 383 27.34 10.41 -4.71
N ALA B 384 27.90 10.78 -3.56
CA ALA B 384 28.34 12.16 -3.37
C ALA B 384 29.57 12.47 -4.20
N MET B 385 30.44 11.48 -4.42
CA MET B 385 31.58 11.70 -5.32
C MET B 385 31.10 11.95 -6.75
N ILE B 386 30.09 11.19 -7.18
CA ILE B 386 29.50 11.39 -8.50
C ILE B 386 28.86 12.78 -8.61
N LEU B 387 28.10 13.17 -7.58
CA LEU B 387 27.48 14.51 -7.59
C LEU B 387 28.52 15.62 -7.50
N GLY B 388 29.68 15.36 -6.90
CA GLY B 388 30.72 16.36 -6.87
C GLY B 388 31.36 16.56 -8.24
N ILE B 389 31.54 15.47 -8.99
CA ILE B 389 32.09 15.58 -10.34
C ILE B 389 31.03 15.93 -11.39
N ASP B 390 29.74 15.95 -11.00
CA ASP B 390 28.60 16.00 -11.92
C ASP B 390 28.54 17.20 -12.87
N ALA B 391 29.26 18.30 -12.63
CA ALA B 391 29.05 19.51 -13.42
C ALA B 391 29.60 19.38 -14.84
N ILE B 392 30.85 18.94 -14.97
CA ILE B 392 31.48 18.83 -16.29
C ILE B 392 30.82 17.69 -17.08
N LEU B 393 30.41 16.64 -16.37
CA LEU B 393 29.62 15.58 -16.99
C LEU B 393 28.26 16.08 -17.47
N ASP B 394 27.67 17.04 -16.75
CA ASP B 394 26.41 17.62 -17.20
C ASP B 394 26.60 18.46 -18.45
N MET B 395 27.74 19.15 -18.54
CA MET B 395 28.09 19.88 -19.77
C MET B 395 28.15 18.94 -20.98
N GLY B 396 28.94 17.87 -20.87
CA GLY B 396 29.02 16.91 -21.97
C GLY B 396 27.73 16.17 -22.24
N ARG B 397 26.94 15.92 -21.18
CA ARG B 397 25.65 15.25 -21.31
C ARG B 397 24.67 16.08 -22.10
N THR B 398 24.60 17.39 -21.83
CA THR B 398 23.74 18.27 -22.61
C THR B 398 24.23 18.39 -24.05
N MET B 399 25.57 18.39 -24.23
CA MET B 399 26.18 18.45 -25.56
C MET B 399 25.75 17.28 -26.44
N VAL B 400 25.67 16.08 -25.88
CA VAL B 400 25.19 14.95 -26.67
C VAL B 400 23.66 14.89 -26.71
N ASN B 401 23.00 15.33 -25.63
CA ASN B 401 21.55 15.27 -25.52
C ASN B 401 20.85 16.18 -26.53
N VAL B 402 21.53 17.23 -26.98
CA VAL B 402 20.96 18.08 -28.02
C VAL B 402 21.26 17.53 -29.42
N THR B 403 22.46 16.98 -29.63
CA THR B 403 22.83 16.42 -30.94
C THR B 403 21.98 15.19 -31.27
N GLY B 404 21.54 14.44 -30.26
CA GLY B 404 20.76 13.23 -30.46
C GLY B 404 19.38 13.44 -31.06
N ASP B 405 18.88 14.67 -31.12
CA ASP B 405 17.62 14.98 -31.78
C ASP B 405 17.81 15.51 -33.18
N LEU B 406 18.87 16.30 -33.40
CA LEU B 406 19.17 16.77 -34.74
C LEU B 406 19.66 15.64 -35.64
N THR B 407 20.23 14.59 -35.06
CA THR B 407 20.51 13.42 -35.87
C THR B 407 19.31 12.49 -36.00
N GLY B 408 18.20 12.80 -35.34
CA GLY B 408 17.04 11.94 -35.37
C GLY B 408 15.93 12.44 -36.28
N THR B 409 15.76 13.75 -36.35
CA THR B 409 14.75 14.29 -37.26
C THR B 409 15.19 14.20 -38.71
N ALA B 410 16.50 14.21 -38.96
CA ALA B 410 17.01 14.12 -40.32
C ALA B 410 16.75 12.75 -40.94
N ILE B 411 16.81 11.68 -40.13
CA ILE B 411 16.52 10.34 -40.62
C ILE B 411 15.04 10.23 -41.02
N VAL B 412 14.16 10.79 -40.18
CA VAL B 412 12.72 10.74 -40.45
C VAL B 412 12.37 11.60 -41.67
N ALA B 413 13.00 12.77 -41.80
CA ALA B 413 12.81 13.58 -43.00
C ALA B 413 13.42 12.92 -44.23
N LYS B 414 14.40 12.02 -44.06
CA LYS B 414 14.91 11.28 -45.20
C LYS B 414 13.99 10.16 -45.64
N THR B 415 13.34 9.44 -44.72
CA THR B 415 12.44 8.37 -45.17
C THR B 415 11.13 8.93 -45.70
N GLU B 416 10.55 9.91 -45.00
CA GLU B 416 9.34 10.55 -45.50
C GLU B 416 9.64 11.47 -46.70
N TYR C 4 -31.19 -5.80 20.94
CA TYR C 4 -30.20 -5.30 19.99
C TYR C 4 -30.40 -3.82 19.74
N ARG C 5 -31.59 -3.45 19.27
CA ARG C 5 -31.90 -2.05 19.03
C ARG C 5 -31.95 -1.26 20.33
N LYS C 6 -32.45 -1.88 21.40
CA LYS C 6 -32.46 -1.23 22.71
C LYS C 6 -31.05 -1.08 23.27
N TYR C 7 -30.12 -1.93 22.83
CA TYR C 7 -28.72 -1.85 23.24
C TYR C 7 -27.94 -0.83 22.43
N ILE C 8 -28.30 -0.63 21.16
CA ILE C 8 -27.61 0.36 20.33
C ILE C 8 -28.02 1.77 20.74
N GLU C 9 -29.31 1.99 21.03
CA GLU C 9 -29.80 3.34 21.34
C GLU C 9 -29.34 3.85 22.68
N TYR C 10 -28.72 3.01 23.52
CA TYR C 10 -28.08 3.48 24.74
C TYR C 10 -26.91 4.39 24.39
N PRO C 11 -26.65 5.42 25.18
CA PRO C 11 -25.48 6.27 24.93
C PRO C 11 -24.20 5.51 25.21
N VAL C 12 -23.21 5.73 24.33
CA VAL C 12 -22.07 4.82 24.26
C VAL C 12 -21.07 5.04 25.41
N LEU C 13 -20.98 6.25 25.95
CA LEU C 13 -19.99 6.50 26.99
C LEU C 13 -20.44 5.91 28.34
N GLN C 14 -21.70 6.09 28.71
CA GLN C 14 -22.23 5.40 29.88
C GLN C 14 -22.28 3.89 29.67
N LYS C 15 -22.44 3.45 28.42
CA LYS C 15 -22.39 2.03 28.10
C LYS C 15 -21.02 1.44 28.40
N ILE C 16 -19.95 2.10 27.93
CA ILE C 16 -18.62 1.55 28.14
C ILE C 16 -18.19 1.74 29.59
N LEU C 17 -18.72 2.75 30.29
CA LEU C 17 -18.41 2.91 31.71
C LEU C 17 -19.07 1.82 32.55
N ILE C 18 -20.34 1.50 32.26
CA ILE C 18 -20.99 0.43 33.01
C ILE C 18 -20.44 -0.92 32.59
N GLY C 19 -19.86 -1.02 31.38
CA GLY C 19 -19.15 -2.24 31.02
C GLY C 19 -17.87 -2.40 31.82
N LEU C 20 -17.15 -1.30 32.04
CA LEU C 20 -15.96 -1.32 32.89
C LEU C 20 -16.30 -1.71 34.33
N ILE C 21 -17.37 -1.13 34.88
CA ILE C 21 -17.73 -1.38 36.28
C ILE C 21 -18.25 -2.81 36.44
N LEU C 22 -19.05 -3.30 35.49
CA LEU C 22 -19.48 -4.69 35.55
C LEU C 22 -18.35 -5.66 35.25
N GLY C 23 -17.31 -5.22 34.56
CA GLY C 23 -16.18 -6.08 34.31
C GLY C 23 -15.27 -6.28 35.49
N ALA C 24 -14.98 -5.18 36.21
CA ALA C 24 -13.96 -5.22 37.26
C ALA C 24 -14.35 -6.14 38.42
N ILE C 25 -15.56 -6.00 38.92
CA ILE C 25 -16.00 -6.77 40.09
C ILE C 25 -16.14 -8.24 39.74
N VAL C 26 -16.69 -8.53 38.55
CA VAL C 26 -16.90 -9.90 38.12
C VAL C 26 -15.57 -10.60 37.86
N GLY C 27 -14.60 -9.88 37.28
CA GLY C 27 -13.26 -10.43 37.12
C GLY C 27 -12.57 -10.67 38.45
N LEU C 28 -12.82 -9.80 39.44
CA LEU C 28 -12.21 -9.99 40.75
C LEU C 28 -12.78 -11.22 41.46
N ILE C 29 -14.10 -11.43 41.39
CA ILE C 29 -14.63 -12.60 42.11
C ILE C 29 -14.32 -13.90 41.36
N LEU C 30 -14.24 -13.86 40.02
CA LEU C 30 -13.81 -15.06 39.31
C LEU C 30 -12.33 -15.35 39.54
N GLY C 31 -11.51 -14.32 39.75
CA GLY C 31 -10.12 -14.55 40.09
C GLY C 31 -9.94 -15.07 41.50
N HIS C 32 -10.81 -14.65 42.42
CA HIS C 32 -10.71 -15.13 43.79
C HIS C 32 -11.23 -16.56 43.93
N TYR C 33 -12.32 -16.90 43.23
CA TYR C 33 -12.88 -18.23 43.40
C TYR C 33 -12.11 -19.33 42.67
N GLY C 34 -11.14 -18.99 41.84
CA GLY C 34 -10.28 -19.98 41.22
C GLY C 34 -10.64 -20.37 39.81
N TYR C 35 -11.65 -19.75 39.20
CA TYR C 35 -12.00 -20.03 37.82
C TYR C 35 -11.28 -19.09 36.86
N ALA C 36 -9.96 -19.01 36.96
CA ALA C 36 -9.20 -18.09 36.12
C ALA C 36 -8.86 -18.70 34.77
N HIS C 37 -8.59 -20.00 34.73
CA HIS C 37 -8.20 -20.65 33.48
C HIS C 37 -9.36 -20.74 32.51
N ALA C 38 -10.59 -20.92 33.02
CA ALA C 38 -11.76 -20.88 32.15
C ALA C 38 -11.98 -19.50 31.57
N VAL C 39 -11.69 -18.46 32.36
CA VAL C 39 -11.77 -17.09 31.85
C VAL C 39 -10.74 -16.87 30.76
N HIS C 40 -9.49 -17.29 31.00
CA HIS C 40 -8.42 -17.14 30.03
C HIS C 40 -8.67 -17.95 28.75
N THR C 41 -9.42 -19.05 28.84
CA THR C 41 -9.64 -19.82 27.62
C THR C 41 -10.94 -19.46 26.91
N TYR C 42 -11.91 -18.81 27.57
CA TYR C 42 -13.20 -18.56 26.93
C TYR C 42 -13.57 -17.09 26.76
N VAL C 43 -12.97 -16.17 27.53
CA VAL C 43 -13.37 -14.77 27.50
C VAL C 43 -12.32 -13.89 26.83
N LYS C 44 -11.04 -14.21 26.98
CA LYS C 44 -9.95 -13.40 26.42
C LYS C 44 -9.98 -13.18 24.90
N PRO C 45 -10.44 -14.11 24.04
CA PRO C 45 -10.59 -13.75 22.62
C PRO C 45 -11.57 -12.61 22.34
N PHE C 46 -12.57 -12.39 23.19
CA PHE C 46 -13.45 -11.26 22.99
C PHE C 46 -12.77 -9.92 23.29
N GLY C 47 -11.67 -9.93 24.04
CA GLY C 47 -10.90 -8.72 24.27
C GLY C 47 -9.79 -8.56 23.26
N ASP C 48 -9.25 -9.69 22.80
CA ASP C 48 -8.24 -9.64 21.75
C ASP C 48 -8.84 -9.20 20.42
N LEU C 49 -10.10 -9.57 20.17
CA LEU C 49 -10.83 -9.04 19.03
C LEU C 49 -11.00 -7.53 19.12
N PHE C 50 -11.21 -7.01 20.33
CA PHE C 50 -11.39 -5.57 20.47
C PHE C 50 -10.08 -4.82 20.30
N VAL C 51 -8.98 -5.36 20.83
CA VAL C 51 -7.71 -4.65 20.64
C VAL C 51 -7.23 -4.77 19.19
N ARG C 52 -7.65 -5.83 18.49
CA ARG C 52 -7.37 -5.91 17.06
C ARG C 52 -8.19 -4.90 16.28
N LEU C 53 -9.47 -4.72 16.65
CA LEU C 53 -10.31 -3.72 16.01
C LEU C 53 -9.83 -2.31 16.32
N LEU C 54 -9.17 -2.11 17.46
CA LEU C 54 -8.62 -0.79 17.76
C LEU C 54 -7.30 -0.55 17.03
N CYS C 55 -6.49 -1.59 16.83
CA CYS C 55 -5.27 -1.41 16.06
C CYS C 55 -5.54 -1.29 14.57
N MET C 56 -6.69 -1.77 14.09
CA MET C 56 -7.02 -1.65 12.67
C MET C 56 -7.21 -0.19 12.26
N LEU C 57 -7.91 0.60 13.08
CA LEU C 57 -8.38 1.91 12.65
C LEU C 57 -7.32 2.99 12.72
N VAL C 58 -6.15 2.72 13.31
CA VAL C 58 -5.22 3.80 13.59
C VAL C 58 -4.42 4.21 12.34
N MET C 59 -4.26 3.33 11.36
CA MET C 59 -3.47 3.68 10.20
C MET C 59 -4.18 4.51 9.11
N PRO C 60 -5.43 4.22 8.68
CA PRO C 60 -6.04 5.10 7.69
C PRO C 60 -6.47 6.45 8.24
N ILE C 61 -6.80 6.53 9.52
CA ILE C 61 -7.23 7.79 10.11
C ILE C 61 -6.08 8.79 10.14
N VAL C 62 -4.91 8.35 10.63
CA VAL C 62 -3.76 9.24 10.77
C VAL C 62 -3.19 9.66 9.42
N PHE C 63 -3.55 8.99 8.33
CA PHE C 63 -3.18 9.47 7.00
C PHE C 63 -4.25 10.41 6.43
N ALA C 64 -5.49 9.94 6.36
CA ALA C 64 -6.56 10.67 5.67
C ALA C 64 -6.96 11.95 6.40
N SER C 65 -7.14 11.87 7.73
CA SER C 65 -7.51 13.03 8.52
C SER C 65 -6.43 14.09 8.48
N LEU C 66 -5.16 13.66 8.51
CA LEU C 66 -4.06 14.60 8.47
C LEU C 66 -3.93 15.26 7.10
N VAL C 67 -4.20 14.50 6.03
CA VAL C 67 -4.15 15.07 4.68
C VAL C 67 -5.23 16.13 4.51
N VAL C 68 -6.46 15.82 4.95
CA VAL C 68 -7.56 16.77 4.79
C VAL C 68 -7.37 17.98 5.70
N GLY C 69 -6.88 17.76 6.91
CA GLY C 69 -6.66 18.87 7.83
C GLY C 69 -5.53 19.79 7.39
N ALA C 70 -4.45 19.22 6.85
CA ALA C 70 -3.37 20.05 6.35
C ALA C 70 -3.78 20.74 5.05
N ALA C 71 -4.69 20.15 4.30
CA ALA C 71 -5.19 20.81 3.10
C ALA C 71 -6.19 21.91 3.42
N SER C 72 -6.79 21.91 4.60
CA SER C 72 -7.83 22.88 4.94
C SER C 72 -7.30 24.21 5.46
N ILE C 73 -6.02 24.27 5.85
CA ILE C 73 -5.50 25.48 6.49
C ILE C 73 -5.18 26.54 5.44
N SER C 74 -5.14 27.79 5.90
CA SER C 74 -4.68 28.91 5.08
C SER C 74 -4.16 29.97 6.04
N PRO C 75 -2.84 30.23 6.04
CA PRO C 75 -2.27 31.13 7.06
C PRO C 75 -2.63 32.59 6.89
N ALA C 76 -3.16 33.00 5.74
CA ALA C 76 -3.66 34.36 5.58
C ALA C 76 -5.12 34.48 5.96
N ARG C 77 -5.91 33.43 5.73
CA ARG C 77 -7.31 33.43 6.16
C ARG C 77 -7.41 33.24 7.66
N LEU C 78 -6.67 32.28 8.20
CA LEU C 78 -6.52 32.14 9.65
C LEU C 78 -5.72 33.33 10.17
N GLY C 79 -6.33 34.13 11.03
CA GLY C 79 -5.75 35.39 11.44
C GLY C 79 -4.54 35.25 12.35
N ARG C 80 -4.02 36.41 12.76
CA ARG C 80 -2.87 36.44 13.66
C ARG C 80 -3.22 35.92 15.04
N VAL C 81 -4.45 36.16 15.48
CA VAL C 81 -4.97 35.56 16.72
C VAL C 81 -4.95 34.04 16.62
N GLY C 82 -5.30 33.51 15.45
CA GLY C 82 -5.29 32.07 15.25
C GLY C 82 -3.91 31.47 15.31
N VAL C 83 -2.92 32.12 14.68
CA VAL C 83 -1.58 31.53 14.69
C VAL C 83 -0.91 31.70 16.06
N LYS C 84 -1.26 32.77 16.80
CA LYS C 84 -0.73 32.89 18.17
C LYS C 84 -1.34 31.84 19.08
N ILE C 85 -2.63 31.55 18.93
CA ILE C 85 -3.22 30.53 19.80
C ILE C 85 -2.81 29.12 19.37
N VAL C 86 -2.45 28.89 18.10
CA VAL C 86 -1.92 27.59 17.72
C VAL C 86 -0.52 27.38 18.29
N VAL C 87 0.31 28.44 18.26
CA VAL C 87 1.63 28.38 18.88
C VAL C 87 1.50 28.11 20.39
N TYR C 88 0.54 28.78 21.03
CA TYR C 88 0.32 28.58 22.47
C TYR C 88 -0.15 27.16 22.78
N TYR C 89 -1.08 26.63 21.98
CA TYR C 89 -1.64 25.30 22.24
C TYR C 89 -0.58 24.22 22.07
N LEU C 90 0.23 24.32 21.00
CA LEU C 90 1.25 23.31 20.79
C LEU C 90 2.38 23.41 21.81
N LEU C 91 2.74 24.63 22.22
CA LEU C 91 3.76 24.79 23.26
C LEU C 91 3.29 24.24 24.60
N THR C 92 2.04 24.52 24.98
CA THR C 92 1.54 24.05 26.25
C THR C 92 1.31 22.54 26.24
N SER C 93 0.94 21.97 25.09
CA SER C 93 0.81 20.53 25.01
C SER C 93 2.16 19.82 25.11
N ALA C 94 3.20 20.41 24.50
CA ALA C 94 4.54 19.85 24.63
C ALA C 94 5.04 19.91 26.06
N PHE C 95 4.77 21.04 26.74
CA PHE C 95 5.15 21.15 28.15
C PHE C 95 4.35 20.20 29.02
N ALA C 96 3.10 19.90 28.65
CA ALA C 96 2.30 18.95 29.42
C ALA C 96 2.83 17.53 29.29
N VAL C 97 3.25 17.13 28.09
CA VAL C 97 3.83 15.78 27.93
C VAL C 97 5.16 15.69 28.66
N THR C 98 5.97 16.77 28.62
CA THR C 98 7.24 16.77 29.32
C THR C 98 7.04 16.68 30.84
N LEU C 99 6.06 17.40 31.37
CA LEU C 99 5.81 17.35 32.81
C LEU C 99 5.20 16.01 33.22
N GLY C 100 4.43 15.38 32.34
CA GLY C 100 3.91 14.07 32.64
C GLY C 100 4.99 13.01 32.65
N ILE C 101 5.96 13.12 31.74
CA ILE C 101 7.11 12.22 31.73
C ILE C 101 7.96 12.42 32.98
N ILE C 102 8.10 13.68 33.43
CA ILE C 102 8.83 13.98 34.66
C ILE C 102 8.13 13.36 35.88
N MET C 103 6.82 13.56 35.98
CA MET C 103 6.08 13.01 37.12
C MET C 103 5.83 11.51 37.00
N ALA C 104 6.14 10.89 35.87
CA ALA C 104 6.15 9.44 35.80
C ALA C 104 7.53 8.84 36.04
N ARG C 105 8.59 9.62 35.84
CA ARG C 105 9.91 9.16 36.27
C ARG C 105 10.12 9.36 37.76
N LEU C 106 9.46 10.35 38.36
CA LEU C 106 9.65 10.62 39.77
C LEU C 106 8.92 9.62 40.66
N PHE C 107 7.85 9.02 40.16
CA PHE C 107 7.03 8.13 40.98
C PHE C 107 7.31 6.65 40.76
N ASN C 108 7.79 6.29 39.57
CA ASN C 108 7.97 4.92 39.07
C ASN C 108 6.70 4.09 39.21
N PRO C 109 5.65 4.33 38.41
CA PRO C 109 4.46 3.48 38.51
C PRO C 109 4.62 2.21 37.68
N GLY C 110 4.14 1.11 38.25
CA GLY C 110 4.23 -0.18 37.58
C GLY C 110 5.53 -0.92 37.76
N ALA C 111 6.55 -0.29 38.35
CA ALA C 111 7.82 -0.97 38.60
C ALA C 111 7.64 -1.93 39.76
N GLY C 112 7.64 -3.23 39.46
CA GLY C 112 7.49 -4.24 40.49
C GLY C 112 6.37 -5.21 40.21
N ILE C 113 5.89 -5.24 38.97
CA ILE C 113 4.83 -6.14 38.57
C ILE C 113 5.39 -7.43 37.97
N HIS C 114 6.38 -7.29 37.07
CA HIS C 114 6.99 -8.39 36.32
C HIS C 114 5.94 -9.20 35.56
N LEU C 115 5.26 -8.50 34.66
CA LEU C 115 4.14 -9.09 33.94
C LEU C 115 4.66 -10.02 32.85
N ALA C 116 4.09 -11.22 32.78
CA ALA C 116 4.40 -12.17 31.72
C ALA C 116 3.15 -13.01 31.48
N VAL C 117 2.53 -12.82 30.32
CA VAL C 117 1.26 -13.49 30.06
C VAL C 117 1.49 -14.89 29.48
N GLY C 118 2.26 -14.97 28.39
CA GLY C 118 2.44 -16.26 27.74
C GLY C 118 3.38 -17.19 28.47
N GLY C 119 4.27 -16.65 29.29
CA GLY C 119 5.27 -17.45 29.97
C GLY C 119 6.65 -16.89 29.75
N GLN C 120 6.73 -15.79 29.00
CA GLN C 120 7.98 -15.10 28.76
C GLN C 120 7.74 -13.59 28.85
N GLN C 121 8.81 -12.86 29.11
CA GLN C 121 8.69 -11.42 29.25
C GLN C 121 8.73 -10.75 27.87
N PHE C 122 8.47 -9.45 27.86
CA PHE C 122 8.49 -8.67 26.63
C PHE C 122 9.93 -8.38 26.25
N GLN C 123 10.35 -8.86 25.09
CA GLN C 123 11.71 -8.58 24.63
C GLN C 123 11.76 -7.21 23.99
N PRO C 124 12.55 -6.28 24.52
CA PRO C 124 12.60 -4.93 23.96
C PRO C 124 13.45 -4.88 22.70
N HIS C 125 13.14 -3.89 21.86
CA HIS C 125 13.88 -3.69 20.63
C HIS C 125 15.00 -2.69 20.86
N GLN C 126 16.05 -2.80 20.05
CA GLN C 126 17.22 -1.93 20.19
C GLN C 126 16.86 -0.52 19.71
N ALA C 127 16.98 0.44 20.61
CA ALA C 127 16.64 1.81 20.27
C ALA C 127 17.80 2.48 19.54
N PRO C 128 17.56 3.15 18.42
CA PRO C 128 18.63 3.86 17.71
C PRO C 128 19.05 5.10 18.49
N PRO C 129 20.21 5.70 18.15
CA PRO C 129 20.63 6.94 18.83
C PRO C 129 19.76 8.15 18.51
N LEU C 130 20.11 9.30 19.08
CA LEU C 130 19.23 10.48 19.01
C LEU C 130 19.18 11.07 17.61
N VAL C 131 20.32 11.12 16.91
CA VAL C 131 20.36 11.68 15.57
C VAL C 131 19.64 10.80 14.57
N HIS C 132 19.67 9.49 14.74
CA HIS C 132 19.13 8.55 13.78
C HIS C 132 17.60 8.47 13.81
N ILE C 133 16.95 9.07 14.79
CA ILE C 133 15.49 9.08 14.84
C ILE C 133 14.92 10.30 14.13
N LEU C 134 15.56 11.46 14.29
CA LEU C 134 15.14 12.65 13.58
C LEU C 134 15.42 12.57 12.09
N LEU C 135 16.29 11.65 11.66
CA LEU C 135 16.42 11.32 10.26
C LEU C 135 15.48 10.20 9.84
N ASP C 136 14.95 9.44 10.79
CA ASP C 136 13.91 8.45 10.52
C ASP C 136 12.51 9.04 10.59
N ILE C 137 12.40 10.33 10.88
CA ILE C 137 11.11 11.02 10.74
C ILE C 137 10.65 11.02 9.28
N VAL C 138 11.55 11.42 8.38
CA VAL C 138 11.24 11.42 6.95
C VAL C 138 11.30 9.98 6.43
N PRO C 139 10.27 9.51 5.73
CA PRO C 139 10.24 8.10 5.33
C PRO C 139 11.14 7.84 4.13
N THR C 140 11.74 6.66 4.13
CA THR C 140 12.47 6.20 2.94
C THR C 140 11.50 5.87 1.82
N ASN C 141 10.42 5.17 2.13
CA ASN C 141 9.40 4.81 1.15
C ASN C 141 8.06 5.24 1.73
N PRO C 142 7.31 6.11 1.06
CA PRO C 142 6.04 6.56 1.63
C PRO C 142 4.94 5.53 1.57
N PHE C 143 5.05 4.53 0.68
CA PHE C 143 4.11 3.41 0.72
C PHE C 143 4.55 2.38 1.75
N GLY C 144 5.86 2.20 1.91
CA GLY C 144 6.39 1.29 2.91
C GLY C 144 6.28 1.79 4.33
N ALA C 145 5.99 3.08 4.52
CA ALA C 145 5.71 3.57 5.85
C ALA C 145 4.26 3.32 6.24
N LEU C 146 3.36 3.26 5.27
CA LEU C 146 1.97 2.91 5.54
C LEU C 146 1.74 1.40 5.57
N ALA C 147 2.56 0.63 4.84
CA ALA C 147 2.43 -0.82 4.87
C ALA C 147 2.88 -1.40 6.20
N ASN C 148 3.90 -0.81 6.82
CA ASN C 148 4.27 -1.14 8.19
C ASN C 148 3.51 -0.18 9.11
N GLY C 149 3.85 -0.18 10.40
CA GLY C 149 3.17 0.74 11.28
C GLY C 149 3.61 2.19 11.07
N GLN C 150 4.79 2.54 11.56
CA GLN C 150 5.57 3.75 11.26
C GLN C 150 4.72 5.02 11.28
N VAL C 151 4.28 5.37 12.49
CA VAL C 151 3.37 6.50 12.68
C VAL C 151 4.06 7.82 12.33
N LEU C 152 5.27 8.02 12.81
CA LEU C 152 5.99 9.24 12.48
C LEU C 152 6.48 9.33 11.03
N PRO C 153 6.88 8.25 10.35
CA PRO C 153 7.10 8.39 8.90
C PRO C 153 5.86 8.46 8.04
N THR C 154 4.64 8.44 8.60
CA THR C 154 3.47 8.71 7.77
C THR C 154 2.74 10.00 8.14
N ILE C 155 2.94 10.51 9.35
CA ILE C 155 2.44 11.84 9.68
C ILE C 155 3.10 12.91 8.81
N PHE C 156 4.42 12.81 8.66
CA PHE C 156 5.17 13.75 7.83
C PHE C 156 4.74 13.69 6.39
N PHE C 157 4.49 12.48 5.88
CA PHE C 157 4.09 12.34 4.48
C PHE C 157 2.67 12.85 4.27
N ALA C 158 1.78 12.65 5.24
CA ALA C 158 0.42 13.15 5.11
C ALA C 158 0.37 14.68 5.13
N ILE C 159 1.16 15.29 6.02
CA ILE C 159 1.21 16.75 6.07
C ILE C 159 1.84 17.34 4.81
N ILE C 160 2.91 16.70 4.32
CA ILE C 160 3.59 17.20 3.15
C ILE C 160 2.80 16.92 1.87
N LEU C 161 1.82 16.01 1.92
CA LEU C 161 0.91 15.86 0.79
C LEU C 161 -0.22 16.87 0.84
N GLY C 162 -0.71 17.17 2.04
CA GLY C 162 -1.78 18.15 2.18
C GLY C 162 -1.36 19.56 1.80
N ILE C 163 -0.13 19.94 2.16
CA ILE C 163 0.36 21.26 1.78
C ILE C 163 0.53 21.37 0.26
N ALA C 164 0.97 20.30 -0.39
CA ALA C 164 1.10 20.30 -1.84
C ALA C 164 -0.25 20.33 -2.53
N ILE C 165 -1.27 19.68 -1.96
CA ILE C 165 -2.61 19.75 -2.53
C ILE C 165 -3.19 21.16 -2.38
N THR C 166 -2.87 21.84 -1.27
CA THR C 166 -3.27 23.24 -1.11
C THR C 166 -2.59 24.14 -2.15
N TYR C 167 -1.29 23.94 -2.37
CA TYR C 167 -0.61 24.70 -3.42
C TYR C 167 -1.09 24.36 -4.83
N LEU C 168 -1.63 23.16 -5.04
CA LEU C 168 -2.17 22.77 -6.33
C LEU C 168 -3.56 23.31 -6.60
N MET C 169 -4.39 23.44 -5.57
CA MET C 169 -5.80 23.75 -5.74
C MET C 169 -6.02 25.18 -6.21
N ASN C 170 -5.10 26.09 -5.87
CA ASN C 170 -5.21 27.48 -6.30
C ASN C 170 -4.31 27.78 -7.50
N SER C 171 -3.97 26.77 -8.29
CA SER C 171 -3.14 26.98 -9.47
C SER C 171 -3.95 27.62 -10.59
N GLU C 172 -3.23 28.09 -11.62
CA GLU C 172 -3.89 28.81 -12.70
C GLU C 172 -4.43 27.88 -13.77
N ASN C 173 -3.78 26.73 -13.99
CA ASN C 173 -4.30 25.75 -14.92
C ASN C 173 -5.56 25.10 -14.36
N GLU C 174 -6.39 24.57 -15.25
CA GLU C 174 -7.70 24.03 -14.88
C GLU C 174 -7.71 22.53 -14.65
N LYS C 175 -6.97 21.78 -15.48
CA LYS C 175 -6.95 20.33 -15.35
C LYS C 175 -6.27 19.89 -14.06
N VAL C 176 -5.22 20.61 -13.65
CA VAL C 176 -4.53 20.26 -12.41
C VAL C 176 -5.39 20.64 -11.21
N ARG C 177 -6.23 21.67 -11.34
CA ARG C 177 -7.14 22.03 -10.26
C ARG C 177 -8.24 21.00 -10.11
N LYS C 178 -8.77 20.51 -11.23
CA LYS C 178 -9.75 19.43 -11.21
C LYS C 178 -9.16 18.15 -10.62
N SER C 179 -7.91 17.84 -10.97
CA SER C 179 -7.27 16.63 -10.50
C SER C 179 -7.01 16.69 -9.00
N ALA C 180 -6.47 17.81 -8.51
CA ALA C 180 -6.24 17.95 -7.08
C ALA C 180 -7.55 17.99 -6.29
N GLU C 181 -8.61 18.56 -6.87
CA GLU C 181 -9.90 18.57 -6.20
C GLU C 181 -10.48 17.17 -6.07
N THR C 182 -10.38 16.35 -7.13
CA THR C 182 -10.87 14.97 -7.03
C THR C 182 -10.03 14.14 -6.08
N LEU C 183 -8.72 14.38 -6.02
CA LEU C 183 -7.88 13.65 -5.08
C LEU C 183 -8.22 13.99 -3.63
N LEU C 184 -8.42 15.29 -3.34
CA LEU C 184 -8.78 15.68 -1.99
C LEU C 184 -10.16 15.18 -1.60
N ASP C 185 -11.09 15.14 -2.56
CA ASP C 185 -12.41 14.59 -2.25
C ASP C 185 -12.36 13.08 -2.01
N ALA C 186 -11.49 12.35 -2.71
CA ALA C 186 -11.37 10.92 -2.46
C ALA C 186 -10.78 10.64 -1.08
N ILE C 187 -9.74 11.39 -0.69
CA ILE C 187 -9.15 11.18 0.62
C ILE C 187 -10.11 11.62 1.73
N ASN C 188 -10.93 12.66 1.47
CA ASN C 188 -11.96 13.04 2.44
C ASN C 188 -13.02 11.97 2.58
N GLY C 189 -13.36 11.29 1.48
CA GLY C 189 -14.29 10.18 1.56
C GLY C 189 -13.74 9.02 2.38
N LEU C 190 -12.44 8.74 2.22
CA LEU C 190 -11.81 7.70 3.05
C LEU C 190 -11.79 8.09 4.53
N ALA C 191 -11.55 9.37 4.82
CA ALA C 191 -11.56 9.83 6.21
C ALA C 191 -12.93 9.71 6.85
N GLU C 192 -13.99 10.07 6.12
CA GLU C 192 -15.33 9.97 6.70
C GLU C 192 -15.80 8.52 6.77
N ALA C 193 -15.33 7.65 5.87
CA ALA C 193 -15.62 6.22 6.01
C ALA C 193 -14.96 5.64 7.25
N MET C 194 -13.74 6.07 7.55
CA MET C 194 -13.09 5.65 8.79
C MET C 194 -13.82 6.19 10.02
N TYR C 195 -14.35 7.41 9.93
CA TYR C 195 -15.12 7.96 11.04
C TYR C 195 -16.44 7.23 11.24
N LYS C 196 -16.98 6.60 10.18
CA LYS C 196 -18.16 5.77 10.36
C LYS C 196 -17.82 4.38 10.90
N ILE C 197 -16.65 3.83 10.56
CA ILE C 197 -16.27 2.53 11.11
C ILE C 197 -15.93 2.65 12.61
N VAL C 198 -15.36 3.80 13.01
CA VAL C 198 -15.08 4.07 14.41
C VAL C 198 -16.36 4.06 15.24
N ASN C 199 -17.46 4.57 14.69
CA ASN C 199 -18.72 4.60 15.41
C ASN C 199 -19.41 3.24 15.49
N GLY C 200 -18.84 2.19 14.92
CA GLY C 200 -19.35 0.84 15.13
C GLY C 200 -18.44 0.05 16.03
N VAL C 201 -17.14 0.30 15.90
CA VAL C 201 -16.17 -0.32 16.81
C VAL C 201 -16.38 0.18 18.23
N MET C 202 -16.75 1.45 18.39
CA MET C 202 -17.11 1.96 19.71
C MET C 202 -18.41 1.37 20.22
N GLN C 203 -19.31 0.93 19.34
CA GLN C 203 -20.49 0.21 19.80
C GLN C 203 -20.13 -1.19 20.26
N TYR C 204 -19.13 -1.82 19.63
CA TYR C 204 -18.68 -3.14 20.08
C TYR C 204 -17.90 -3.03 21.39
N ALA C 205 -17.29 -1.88 21.65
CA ALA C 205 -16.39 -1.68 22.80
C ALA C 205 -16.90 -2.09 24.19
N PRO C 206 -18.18 -1.94 24.58
CA PRO C 206 -18.57 -2.42 25.91
C PRO C 206 -18.72 -3.93 26.05
N ILE C 207 -18.25 -4.72 25.11
CA ILE C 207 -18.10 -6.16 25.29
C ILE C 207 -16.63 -6.56 25.39
N GLY C 208 -15.82 -6.03 24.47
CA GLY C 208 -14.39 -6.30 24.53
C GLY C 208 -13.70 -5.68 25.72
N VAL C 209 -14.18 -4.51 26.17
CA VAL C 209 -13.60 -3.89 27.36
C VAL C 209 -13.94 -4.73 28.59
N PHE C 210 -15.17 -5.23 28.66
CA PHE C 210 -15.56 -6.14 29.74
C PHE C 210 -14.73 -7.41 29.72
N ALA C 211 -14.44 -7.93 28.52
CA ALA C 211 -13.60 -9.12 28.41
C ALA C 211 -12.17 -8.88 28.87
N LEU C 212 -11.61 -7.72 28.51
CA LEU C 212 -10.25 -7.38 28.92
C LEU C 212 -10.14 -7.22 30.44
N ILE C 213 -11.10 -6.54 31.06
CA ILE C 213 -11.01 -6.34 32.50
C ILE C 213 -11.30 -7.64 33.25
N ALA C 214 -12.28 -8.42 32.79
CA ALA C 214 -12.59 -9.69 33.43
C ALA C 214 -11.50 -10.73 33.21
N TYR C 215 -10.63 -10.54 32.21
CA TYR C 215 -9.44 -11.37 32.11
C TYR C 215 -8.33 -10.89 33.05
N VAL C 216 -8.02 -9.60 33.03
CA VAL C 216 -6.83 -9.10 33.70
C VAL C 216 -7.00 -9.11 35.22
N MET C 217 -8.17 -8.65 35.69
CA MET C 217 -8.42 -8.68 37.13
C MET C 217 -8.63 -10.09 37.66
N ALA C 218 -8.93 -11.05 36.80
CA ALA C 218 -8.93 -12.44 37.25
C ALA C 218 -7.53 -13.03 37.25
N GLU C 219 -6.65 -12.55 36.38
CA GLU C 219 -5.28 -13.04 36.39
C GLU C 219 -4.50 -12.51 37.60
N GLN C 220 -4.48 -11.19 37.77
CA GLN C 220 -3.65 -10.60 38.82
C GLN C 220 -4.41 -10.39 40.13
N GLY C 221 -5.44 -9.57 40.11
CA GLY C 221 -6.33 -9.45 41.25
C GLY C 221 -6.04 -8.40 42.29
N VAL C 222 -4.99 -8.56 43.08
CA VAL C 222 -4.82 -7.85 44.34
C VAL C 222 -3.81 -6.71 44.22
N HIS C 223 -2.61 -6.98 43.70
CA HIS C 223 -1.55 -5.99 43.66
C HIS C 223 -1.83 -4.87 42.65
N VAL C 224 -2.73 -5.12 41.71
CA VAL C 224 -3.03 -4.14 40.68
C VAL C 224 -3.76 -2.94 41.26
N VAL C 225 -4.49 -3.10 42.37
CA VAL C 225 -5.16 -1.93 42.93
C VAL C 225 -4.15 -0.99 43.59
N GLY C 226 -3.06 -1.54 44.14
CA GLY C 226 -2.00 -0.68 44.65
C GLY C 226 -1.22 -0.01 43.54
N GLU C 227 -0.99 -0.75 42.44
CA GLU C 227 -0.27 -0.16 41.30
C GLU C 227 -1.09 0.94 40.63
N LEU C 228 -2.39 0.72 40.44
CA LEU C 228 -3.21 1.78 39.85
C LEU C 228 -3.48 2.93 40.81
N ALA C 229 -3.42 2.69 42.13
CA ALA C 229 -3.48 3.80 43.07
C ALA C 229 -2.22 4.66 42.97
N LYS C 230 -1.06 4.04 42.80
CA LYS C 230 0.15 4.82 42.54
C LYS C 230 0.09 5.54 41.19
N VAL C 231 -0.58 4.92 40.20
CA VAL C 231 -0.74 5.54 38.89
C VAL C 231 -1.60 6.80 38.99
N THR C 232 -2.76 6.69 39.66
CA THR C 232 -3.64 7.86 39.74
C THR C 232 -3.08 8.92 40.68
N ALA C 233 -2.25 8.55 41.66
CA ALA C 233 -1.56 9.55 42.46
C ALA C 233 -0.53 10.29 41.62
N ALA C 234 0.25 9.56 40.82
CA ALA C 234 1.23 10.19 39.94
C ALA C 234 0.59 10.99 38.82
N VAL C 235 -0.66 10.69 38.46
CA VAL C 235 -1.37 11.54 37.52
C VAL C 235 -1.83 12.83 38.21
N TYR C 236 -2.47 12.71 39.38
CA TYR C 236 -3.11 13.88 39.98
C TYR C 236 -2.11 14.87 40.57
N VAL C 237 -0.99 14.41 41.14
CA VAL C 237 -0.05 15.40 41.68
C VAL C 237 0.65 16.15 40.54
N GLY C 238 0.95 15.47 39.44
CA GLY C 238 1.48 16.16 38.28
C GLY C 238 0.44 16.99 37.57
N LEU C 239 -0.83 16.65 37.75
CA LEU C 239 -1.90 17.40 37.10
C LEU C 239 -2.14 18.73 37.81
N THR C 240 -2.19 18.69 39.15
CA THR C 240 -2.25 19.93 39.91
C THR C 240 -0.98 20.75 39.78
N LEU C 241 0.18 20.08 39.66
CA LEU C 241 1.43 20.80 39.42
C LEU C 241 1.45 21.43 38.02
N GLN C 242 0.81 20.77 37.05
CA GLN C 242 0.64 21.34 35.70
C GLN C 242 -0.14 22.63 35.76
N ILE C 243 -1.33 22.59 36.41
CA ILE C 243 -2.16 23.79 36.56
C ILE C 243 -1.40 24.90 37.25
N LEU C 244 -0.84 24.61 38.43
CA LEU C 244 -0.15 25.60 39.27
C LEU C 244 1.03 26.22 38.54
N LEU C 245 2.05 25.41 38.21
CA LEU C 245 3.27 25.91 37.59
C LEU C 245 2.99 26.56 36.24
N VAL C 246 2.47 25.80 35.28
CA VAL C 246 2.40 26.29 33.90
C VAL C 246 1.38 27.42 33.78
N TYR C 247 0.17 27.23 34.30
CA TYR C 247 -0.84 28.25 34.07
C TYR C 247 -0.62 29.47 34.96
N PHE C 248 -0.12 29.31 36.19
CA PHE C 248 0.09 30.49 37.01
C PHE C 248 1.30 31.29 36.57
N VAL C 249 2.35 30.64 36.04
CA VAL C 249 3.45 31.39 35.48
C VAL C 249 3.04 32.08 34.19
N LEU C 250 2.32 31.37 33.30
CA LEU C 250 1.88 31.98 32.05
C LEU C 250 0.78 33.01 32.23
N LEU C 251 0.14 33.07 33.40
CA LEU C 251 -0.80 34.13 33.70
C LEU C 251 -0.16 35.30 34.43
N LYS C 252 0.78 35.05 35.33
CA LYS C 252 1.44 36.13 36.05
C LYS C 252 2.50 36.81 35.20
N ILE C 253 2.99 36.18 34.12
CA ILE C 253 3.96 36.82 33.27
C ILE C 253 3.29 37.85 32.35
N TYR C 254 1.97 37.77 32.17
CA TYR C 254 1.24 38.70 31.33
C TYR C 254 0.36 39.66 32.13
N GLY C 255 0.41 39.59 33.46
CA GLY C 255 -0.21 40.59 34.29
C GLY C 255 -1.60 40.29 34.78
N ILE C 256 -2.19 39.17 34.38
CA ILE C 256 -3.52 38.81 34.86
C ILE C 256 -3.39 38.15 36.22
N ASP C 257 -4.15 38.64 37.19
CA ASP C 257 -4.17 38.07 38.53
C ASP C 257 -4.78 36.67 38.49
N PRO C 258 -4.02 35.61 38.80
CA PRO C 258 -4.54 34.26 38.58
C PRO C 258 -5.60 33.84 39.57
N ILE C 259 -5.58 34.36 40.79
CA ILE C 259 -6.59 34.00 41.78
C ILE C 259 -7.93 34.60 41.42
N SER C 260 -7.94 35.89 41.04
CA SER C 260 -9.17 36.55 40.60
C SER C 260 -9.63 36.02 39.24
N PHE C 261 -8.73 35.47 38.43
CA PHE C 261 -9.14 34.82 37.19
C PHE C 261 -9.82 33.50 37.47
N ILE C 262 -9.20 32.65 38.29
CA ILE C 262 -9.73 31.31 38.50
C ILE C 262 -10.96 31.32 39.40
N LYS C 263 -11.13 32.34 40.25
CA LYS C 263 -12.34 32.41 41.06
C LYS C 263 -13.55 32.84 40.25
N HIS C 264 -13.34 33.46 39.08
CA HIS C 264 -14.42 33.65 38.13
C HIS C 264 -14.59 32.44 37.23
N ALA C 265 -13.48 31.80 36.85
CA ALA C 265 -13.53 30.65 35.94
C ALA C 265 -14.05 29.38 36.60
N LYS C 266 -14.16 29.34 37.93
CA LYS C 266 -14.53 28.11 38.63
C LYS C 266 -15.96 27.67 38.32
N ASP C 267 -16.85 28.62 37.99
CA ASP C 267 -18.26 28.30 37.78
C ASP C 267 -18.47 27.39 36.57
N ALA C 268 -17.59 27.47 35.58
CA ALA C 268 -17.59 26.54 34.48
C ALA C 268 -16.40 25.59 34.49
N MET C 269 -15.45 25.78 35.39
CA MET C 269 -14.40 24.79 35.56
C MET C 269 -14.91 23.58 36.32
N LEU C 270 -15.81 23.79 37.30
CA LEU C 270 -16.28 22.70 38.15
C LEU C 270 -17.21 21.74 37.42
N THR C 271 -17.92 22.20 36.38
CA THR C 271 -18.80 21.31 35.65
C THR C 271 -18.04 20.35 34.74
N ALA C 272 -16.77 20.64 34.46
CA ALA C 272 -15.94 19.69 33.73
C ALA C 272 -15.59 18.49 34.59
N PHE C 273 -15.54 18.67 35.91
CA PHE C 273 -15.22 17.57 36.80
C PHE C 273 -16.36 16.56 36.91
N VAL C 274 -17.59 17.01 36.67
CA VAL C 274 -18.76 16.14 36.78
C VAL C 274 -19.39 15.82 35.43
N THR C 275 -18.94 16.44 34.34
CA THR C 275 -19.51 16.18 33.03
C THR C 275 -18.69 15.19 32.22
N ARG C 276 -17.36 15.18 32.42
CA ARG C 276 -16.41 14.30 31.73
C ARG C 276 -16.45 14.48 30.22
N SER C 277 -16.66 15.70 29.76
CA SER C 277 -16.74 15.98 28.33
C SER C 277 -16.33 17.43 28.09
N SER C 278 -15.22 17.63 27.40
CA SER C 278 -14.74 18.97 27.10
C SER C 278 -15.50 19.65 25.98
N SER C 279 -16.39 18.94 25.29
CA SER C 279 -17.24 19.54 24.27
C SER C 279 -18.68 19.71 24.73
N GLY C 280 -19.15 18.91 25.68
CA GLY C 280 -20.46 19.09 26.26
C GLY C 280 -20.56 20.19 27.30
N THR C 281 -19.44 20.81 27.64
CA THR C 281 -19.42 21.98 28.52
C THR C 281 -19.06 23.25 27.75
N LEU C 282 -19.04 23.19 26.42
CA LEU C 282 -18.74 24.36 25.62
C LEU C 282 -19.75 25.51 25.75
N PRO C 283 -21.09 25.30 25.75
CA PRO C 283 -21.97 26.45 26.04
C PRO C 283 -21.85 26.96 27.46
N VAL C 284 -21.41 26.12 28.40
CA VAL C 284 -21.22 26.59 29.77
C VAL C 284 -19.98 27.47 29.87
N THR C 285 -18.88 27.06 29.24
CA THR C 285 -17.67 27.87 29.30
C THR C 285 -17.72 29.07 28.36
N MET C 286 -18.67 29.10 27.41
CA MET C 286 -18.90 30.32 26.64
C MET C 286 -19.41 31.44 27.55
N ARG C 287 -20.22 31.09 28.55
CA ARG C 287 -20.70 32.08 29.51
C ARG C 287 -19.57 32.67 30.33
N VAL C 288 -18.63 31.83 30.79
CA VAL C 288 -17.55 32.35 31.61
C VAL C 288 -16.49 33.04 30.77
N ALA C 289 -16.41 32.72 29.48
CA ALA C 289 -15.58 33.55 28.60
C ALA C 289 -16.23 34.91 28.37
N LYS C 290 -17.57 34.95 28.32
CA LYS C 290 -18.28 36.22 28.26
C LYS C 290 -18.18 37.01 29.55
N GLU C 291 -17.99 36.32 30.69
CA GLU C 291 -17.98 36.98 32.00
C GLU C 291 -16.77 37.86 32.22
N MET C 292 -15.69 37.63 31.49
CA MET C 292 -14.52 38.50 31.58
C MET C 292 -14.65 39.58 30.50
N GLY C 293 -13.57 40.33 30.27
CA GLY C 293 -13.61 41.41 29.31
C GLY C 293 -13.11 41.02 27.93
N ILE C 294 -13.35 39.77 27.54
CA ILE C 294 -12.89 39.27 26.25
C ILE C 294 -13.87 39.75 25.17
N SER C 295 -13.33 40.26 24.08
CA SER C 295 -14.16 40.68 22.96
C SER C 295 -14.72 39.46 22.23
N GLU C 296 -15.79 39.70 21.47
CA GLU C 296 -16.54 38.61 20.84
C GLU C 296 -15.76 37.91 19.74
N GLY C 297 -14.95 38.66 18.99
CA GLY C 297 -14.20 38.10 17.88
C GLY C 297 -13.08 37.15 18.27
N ILE C 298 -12.73 37.09 19.55
CA ILE C 298 -11.72 36.15 20.03
C ILE C 298 -12.36 34.90 20.60
N TYR C 299 -13.29 35.05 21.55
CA TYR C 299 -13.88 33.91 22.23
C TYR C 299 -15.00 33.26 21.42
N SER C 300 -15.46 33.87 20.34
CA SER C 300 -16.38 33.18 19.46
C SER C 300 -15.66 32.13 18.62
N PHE C 301 -14.37 32.31 18.40
CA PHE C 301 -13.56 31.44 17.55
C PHE C 301 -12.66 30.50 18.33
N THR C 302 -12.10 30.96 19.45
CA THR C 302 -10.97 30.26 20.05
C THR C 302 -11.40 29.03 20.85
N LEU C 303 -12.46 29.16 21.65
CA LEU C 303 -12.90 28.07 22.52
C LEU C 303 -13.44 26.84 21.77
N PRO C 304 -14.16 26.96 20.64
CA PRO C 304 -14.40 25.76 19.83
C PRO C 304 -13.14 25.18 19.20
N LEU C 305 -12.09 25.97 19.02
CA LEU C 305 -10.82 25.39 18.57
C LEU C 305 -10.07 24.78 19.75
N GLY C 306 -10.17 25.40 20.93
CA GLY C 306 -9.51 24.88 22.11
C GLY C 306 -10.13 23.61 22.66
N ALA C 307 -11.41 23.38 22.39
CA ALA C 307 -12.05 22.15 22.82
C ALA C 307 -11.69 20.96 21.93
N THR C 308 -11.06 21.19 20.78
CA THR C 308 -10.74 20.13 19.84
C THR C 308 -9.25 19.92 19.64
N ILE C 309 -8.46 20.98 19.67
CA ILE C 309 -7.02 20.88 19.47
C ILE C 309 -6.27 20.88 20.80
N ASN C 310 -6.63 21.79 21.70
CA ASN C 310 -5.88 22.00 22.93
C ASN C 310 -6.29 20.94 23.94
N MET C 311 -5.47 19.90 24.08
CA MET C 311 -5.69 18.84 25.07
C MET C 311 -4.42 18.70 25.89
N ASP C 312 -4.48 19.12 27.15
CA ASP C 312 -3.33 19.16 28.04
C ASP C 312 -3.30 18.01 29.04
N GLY C 313 -4.42 17.78 29.74
CA GLY C 313 -4.49 16.65 30.64
C GLY C 313 -4.41 15.31 29.93
N THR C 314 -4.99 15.24 28.73
CA THR C 314 -4.84 14.05 27.91
C THR C 314 -3.40 13.88 27.46
N ALA C 315 -2.70 15.00 27.24
CA ALA C 315 -1.28 14.93 26.87
C ALA C 315 -0.41 14.48 28.03
N LEU C 316 -0.75 14.86 29.26
CA LEU C 316 0.00 14.39 30.43
C LEU C 316 -0.29 12.92 30.72
N TYR C 317 -1.56 12.53 30.59
CA TYR C 317 -1.95 11.15 30.81
C TYR C 317 -1.37 10.22 29.75
N GLN C 318 -1.14 10.73 28.54
CA GLN C 318 -0.46 9.96 27.50
C GLN C 318 1.05 9.89 27.69
N GLY C 319 1.60 10.46 28.76
CA GLY C 319 2.97 10.22 29.12
C GLY C 319 3.03 9.29 30.31
N VAL C 320 2.14 9.51 31.28
CA VAL C 320 2.13 8.66 32.47
C VAL C 320 1.67 7.25 32.13
N ALA C 321 0.62 7.12 31.32
CA ALA C 321 0.12 5.80 30.95
C ALA C 321 0.89 5.18 29.80
N THR C 322 1.94 5.84 29.30
CA THR C 322 2.87 5.13 28.42
C THR C 322 4.19 4.85 29.10
N PHE C 323 4.46 5.45 30.26
CA PHE C 323 5.52 4.94 31.11
C PHE C 323 5.07 3.79 31.99
N PHE C 324 3.77 3.70 32.29
CA PHE C 324 3.26 2.57 33.06
C PHE C 324 3.41 1.26 32.28
N ILE C 325 3.19 1.30 30.96
CA ILE C 325 3.32 0.10 30.14
C ILE C 325 4.77 -0.36 30.09
N ALA C 326 5.70 0.59 29.91
CA ALA C 326 7.11 0.23 29.79
C ALA C 326 7.71 -0.15 31.12
N ASN C 327 7.16 0.33 32.24
CA ASN C 327 7.67 -0.08 33.54
C ASN C 327 7.00 -1.34 34.05
N ALA C 328 5.82 -1.71 33.52
CA ALA C 328 5.24 -2.99 33.87
C ALA C 328 5.78 -4.11 32.99
N LEU C 329 6.22 -3.79 31.79
CA LEU C 329 6.73 -4.79 30.87
C LEU C 329 8.22 -5.08 31.05
N GLY C 330 8.88 -4.41 32.00
CA GLY C 330 10.29 -4.61 32.21
C GLY C 330 11.21 -3.86 31.27
N SER C 331 10.66 -3.16 30.29
CA SER C 331 11.48 -2.41 29.34
C SER C 331 12.02 -1.13 29.99
N HIS C 332 12.95 -0.49 29.29
CA HIS C 332 13.59 0.73 29.78
C HIS C 332 13.66 1.73 28.63
N LEU C 333 12.83 2.77 28.69
CA LEU C 333 12.77 3.74 27.62
C LEU C 333 13.94 4.72 27.74
N THR C 334 14.83 4.67 26.75
CA THR C 334 15.98 5.57 26.74
C THR C 334 15.57 6.95 26.25
N VAL C 335 16.49 7.91 26.41
CA VAL C 335 16.31 9.22 25.81
C VAL C 335 16.50 9.09 24.30
N GLY C 336 15.60 9.71 23.54
CA GLY C 336 15.57 9.55 22.11
C GLY C 336 14.26 8.91 21.68
N GLN C 337 13.83 7.89 22.40
CA GLN C 337 12.45 7.44 22.34
C GLN C 337 11.63 7.96 23.50
N GLN C 338 12.21 8.87 24.29
CA GLN C 338 11.51 9.56 25.36
C GLN C 338 10.96 10.90 24.89
N LEU C 339 11.68 11.61 24.02
CA LEU C 339 11.15 12.78 23.35
C LEU C 339 10.34 12.41 22.11
N THR C 340 10.45 11.16 21.64
CA THR C 340 9.54 10.67 20.61
C THR C 340 8.10 10.63 21.13
N ILE C 341 7.93 10.37 22.43
CA ILE C 341 6.62 10.44 23.06
C ILE C 341 6.08 11.86 23.01
N VAL C 342 6.94 12.86 23.22
CA VAL C 342 6.52 14.26 23.16
C VAL C 342 6.13 14.64 21.73
N LEU C 343 7.01 14.33 20.77
CA LEU C 343 6.77 14.69 19.37
C LEU C 343 5.59 13.92 18.78
N THR C 344 5.27 12.76 19.32
CA THR C 344 4.11 12.01 18.84
C THR C 344 2.83 12.44 19.54
N ALA C 345 2.88 12.75 20.84
CA ALA C 345 1.68 13.14 21.56
C ALA C 345 1.23 14.56 21.22
N VAL C 346 2.14 15.43 20.78
CA VAL C 346 1.71 16.74 20.30
C VAL C 346 1.03 16.61 18.95
N LEU C 347 1.67 15.91 18.03
CA LEU C 347 1.16 15.80 16.67
C LEU C 347 -0.03 14.85 16.59
N ALA C 348 -0.24 14.01 17.60
CA ALA C 348 -1.47 13.23 17.67
C ALA C 348 -2.66 14.09 18.07
N SER C 349 -2.43 15.08 18.94
CA SER C 349 -3.48 16.02 19.29
C SER C 349 -3.78 16.94 18.11
N ILE C 350 -2.75 17.36 17.38
CA ILE C 350 -3.01 18.20 16.21
C ILE C 350 -3.55 17.40 15.04
N GLY C 351 -3.36 16.08 15.01
CA GLY C 351 -3.81 15.27 13.90
C GLY C 351 -5.21 14.74 14.07
N THR C 352 -5.45 14.00 15.14
CA THR C 352 -6.75 13.38 15.38
C THR C 352 -7.66 14.36 16.13
N ALA C 353 -8.06 15.40 15.42
CA ALA C 353 -8.95 16.43 15.94
C ALA C 353 -10.32 16.24 15.29
N GLY C 354 -11.29 15.81 16.08
CA GLY C 354 -12.64 15.59 15.60
C GLY C 354 -13.01 14.17 15.28
N VAL C 355 -12.11 13.22 15.51
CA VAL C 355 -12.40 11.80 15.36
C VAL C 355 -13.26 11.37 16.54
N PRO C 356 -14.22 10.45 16.37
CA PRO C 356 -14.99 9.98 17.54
C PRO C 356 -14.24 9.01 18.41
N GLY C 357 -13.11 8.48 17.97
CA GLY C 357 -12.34 7.55 18.77
C GLY C 357 -10.97 8.07 19.13
N ALA C 358 -10.89 9.35 19.50
CA ALA C 358 -9.60 10.00 19.70
C ALA C 358 -8.87 9.47 20.92
N GLY C 359 -9.60 9.12 21.99
CA GLY C 359 -8.96 8.75 23.24
C GLY C 359 -8.26 7.40 23.21
N ALA C 360 -8.63 6.53 22.27
CA ALA C 360 -8.00 5.22 22.15
C ALA C 360 -6.92 5.20 21.08
N ILE C 361 -7.20 5.77 19.91
CA ILE C 361 -6.20 5.77 18.86
C ILE C 361 -5.10 6.79 19.15
N MET C 362 -5.35 7.79 20.00
CA MET C 362 -4.32 8.74 20.37
C MET C 362 -3.28 8.13 21.30
N LEU C 363 -3.63 7.03 21.97
CA LEU C 363 -2.66 6.25 22.74
C LEU C 363 -2.11 5.09 21.92
N CYS C 364 -2.91 4.55 21.00
CA CYS C 364 -2.43 3.50 20.11
C CYS C 364 -1.31 3.99 19.22
N MET C 365 -1.41 5.20 18.69
CA MET C 365 -0.37 5.73 17.81
C MET C 365 0.81 6.30 18.58
N VAL C 366 0.77 6.35 19.91
CA VAL C 366 1.96 6.64 20.69
C VAL C 366 2.68 5.34 21.08
N LEU C 367 1.91 4.33 21.47
CA LEU C 367 2.50 3.03 21.78
C LEU C 367 3.04 2.34 20.53
N HIS C 368 2.50 2.66 19.35
CA HIS C 368 3.11 2.19 18.11
C HIS C 368 4.41 2.93 17.83
N SER C 369 4.45 4.23 18.13
CA SER C 369 5.63 5.04 17.83
C SER C 369 6.79 4.76 18.78
N VAL C 370 6.49 4.30 19.99
CA VAL C 370 7.58 3.91 20.91
C VAL C 370 8.16 2.57 20.50
N GLY C 371 7.31 1.62 20.14
CA GLY C 371 7.77 0.29 19.78
C GLY C 371 7.11 -0.78 20.61
N LEU C 372 5.92 -0.46 21.15
CA LEU C 372 5.17 -1.36 22.03
C LEU C 372 3.80 -1.57 21.41
N PRO C 373 3.68 -2.48 20.44
CA PRO C 373 2.40 -2.66 19.75
C PRO C 373 1.39 -3.39 20.63
N LEU C 374 0.11 -3.10 20.39
CA LEU C 374 -0.94 -3.60 21.25
C LEU C 374 -1.37 -5.03 20.94
N THR C 375 -0.75 -5.70 19.98
CA THR C 375 -1.06 -7.09 19.73
C THR C 375 -0.18 -8.05 20.52
N ASP C 376 0.91 -7.56 21.08
CA ASP C 376 1.73 -8.35 21.99
C ASP C 376 0.95 -8.57 23.27
N PRO C 377 0.80 -9.81 23.74
CA PRO C 377 -0.10 -10.06 24.89
C PRO C 377 0.38 -9.49 26.21
N ASN C 378 1.64 -9.06 26.32
CA ASN C 378 2.07 -8.37 27.52
C ASN C 378 1.59 -6.93 27.55
N VAL C 379 1.44 -6.29 26.38
CA VAL C 379 1.04 -4.89 26.32
C VAL C 379 -0.44 -4.74 26.62
N ALA C 380 -1.25 -5.71 26.18
CA ALA C 380 -2.70 -5.61 26.31
C ALA C 380 -3.15 -5.71 27.76
N ALA C 381 -2.41 -6.43 28.61
CA ALA C 381 -2.80 -6.57 30.01
C ALA C 381 -2.61 -5.26 30.76
N ALA C 382 -1.46 -4.62 30.58
CA ALA C 382 -1.22 -3.34 31.24
C ALA C 382 -2.07 -2.23 30.63
N TYR C 383 -2.37 -2.33 29.33
CA TYR C 383 -3.32 -1.41 28.70
C TYR C 383 -4.72 -1.58 29.30
N ALA C 384 -5.08 -2.81 29.64
CA ALA C 384 -6.37 -3.06 30.28
C ALA C 384 -6.38 -2.51 31.71
N MET C 385 -5.23 -2.56 32.40
CA MET C 385 -5.16 -1.95 33.73
C MET C 385 -5.36 -0.44 33.65
N ILE C 386 -4.77 0.19 32.63
CA ILE C 386 -4.95 1.62 32.41
C ILE C 386 -6.41 1.94 32.09
N LEU C 387 -7.03 1.15 31.21
CA LEU C 387 -8.45 1.36 30.89
C LEU C 387 -9.36 1.08 32.07
N GLY C 388 -8.95 0.21 32.99
CA GLY C 388 -9.74 -0.02 34.18
C GLY C 388 -9.70 1.15 35.15
N ILE C 389 -8.52 1.79 35.26
CA ILE C 389 -8.43 2.97 36.12
C ILE C 389 -8.86 4.25 35.42
N ASP C 390 -9.16 4.19 34.11
CA ASP C 390 -9.33 5.36 33.23
C ASP C 390 -10.42 6.34 33.63
N ALA C 391 -11.39 5.98 34.48
CA ALA C 391 -12.55 6.85 34.70
C ALA C 391 -12.20 8.09 35.52
N ILE C 392 -11.52 7.91 36.66
CA ILE C 392 -11.17 9.02 37.53
C ILE C 392 -10.12 9.90 36.86
N LEU C 393 -9.22 9.27 36.10
CA LEU C 393 -8.27 10.01 35.28
C LEU C 393 -8.98 10.82 34.20
N ASP C 394 -10.09 10.31 33.65
CA ASP C 394 -10.84 11.08 32.66
C ASP C 394 -11.52 12.28 33.29
N MET C 395 -11.97 12.12 34.53
CA MET C 395 -12.52 13.26 35.29
C MET C 395 -11.49 14.37 35.45
N GLY C 396 -10.29 14.03 35.96
CA GLY C 396 -9.25 15.03 36.10
C GLY C 396 -8.74 15.58 34.78
N ARG C 397 -8.72 14.73 33.74
CA ARG C 397 -8.29 15.14 32.42
C ARG C 397 -9.21 16.18 31.82
N THR C 398 -10.53 15.98 31.95
CA THR C 398 -11.48 16.99 31.48
C THR C 398 -11.39 18.26 32.31
N MET C 399 -11.12 18.12 33.61
CA MET C 399 -10.95 19.27 34.51
C MET C 399 -9.81 20.18 34.06
N VAL C 400 -8.69 19.60 33.63
CA VAL C 400 -7.60 20.43 33.12
C VAL C 400 -7.82 20.83 31.66
N ASN C 401 -8.47 19.97 30.88
CA ASN C 401 -8.69 20.21 29.46
C ASN C 401 -9.60 21.39 29.20
N VAL C 402 -10.47 21.72 30.16
CA VAL C 402 -11.31 22.90 30.03
C VAL C 402 -10.60 24.15 30.50
N THR C 403 -9.82 24.05 31.59
CA THR C 403 -9.08 25.20 32.14
C THR C 403 -8.01 25.68 31.16
N GLY C 404 -7.45 24.77 30.36
CA GLY C 404 -6.39 25.10 29.43
C GLY C 404 -6.79 26.02 28.29
N ASP C 405 -8.08 26.25 28.08
CA ASP C 405 -8.55 27.20 27.08
C ASP C 405 -8.90 28.55 27.69
N LEU C 406 -9.47 28.54 28.89
CA LEU C 406 -9.76 29.78 29.59
C LEU C 406 -8.50 30.49 30.02
N THR C 407 -7.41 29.75 30.23
CA THR C 407 -6.14 30.41 30.45
C THR C 407 -5.43 30.79 29.16
N GLY C 408 -6.00 30.43 28.01
CA GLY C 408 -5.37 30.70 26.74
C GLY C 408 -5.96 31.87 25.99
N THR C 409 -7.29 32.02 26.09
CA THR C 409 -7.90 33.18 25.44
C THR C 409 -7.61 34.48 26.18
N ALA C 410 -7.35 34.40 27.49
CA ALA C 410 -7.06 35.60 28.26
C ALA C 410 -5.71 36.20 27.89
N ILE C 411 -4.73 35.35 27.56
CA ILE C 411 -3.43 35.84 27.12
C ILE C 411 -3.55 36.58 25.78
N VAL C 412 -4.33 36.01 24.86
CA VAL C 412 -4.52 36.60 23.54
C VAL C 412 -5.31 37.91 23.65
N ALA C 413 -6.33 37.93 24.50
CA ALA C 413 -7.05 39.18 24.77
C ALA C 413 -6.19 40.20 25.50
N LYS C 414 -5.14 39.76 26.21
CA LYS C 414 -4.22 40.71 26.82
C LYS C 414 -3.26 41.32 25.82
N THR C 415 -2.76 40.54 24.84
CA THR C 415 -1.83 41.15 23.88
C THR C 415 -2.57 42.01 22.87
N GLU C 416 -3.69 41.51 22.35
CA GLU C 416 -4.49 42.32 21.43
C GLU C 416 -5.23 43.43 22.17
C 7O9 D . -19.08 -22.39 -15.49
F2 7O9 D . -6.01 -20.31 -17.31
C13 7O9 D . -6.59 -21.31 -16.60
F 7O9 D . -6.34 -22.51 -17.22
F1 7O9 D . -6.07 -21.33 -15.33
C12 7O9 D . -8.08 -21.07 -16.54
C11 7O9 D . -8.96 -22.10 -16.82
C10 7O9 D . -10.32 -21.87 -16.76
C14 7O9 D . -8.54 -19.80 -16.21
C15 7O9 D . -9.91 -19.58 -16.15
C9 7O9 D . -10.79 -20.61 -16.42
C8 7O9 D . -12.29 -20.35 -16.37
O5 7O9 D . -13.04 -21.17 -16.75
N 7O9 D . -12.77 -19.09 -15.85
C7 7O9 D . -14.18 -18.88 -15.61
C6 7O9 D . -14.82 -19.57 -14.59
C16 7O9 D . -14.89 -17.99 -16.40
C17 7O9 D . -16.24 -17.78 -16.17
C18 7O9 D . -16.87 -18.47 -15.15
C5 7O9 D . -16.17 -19.36 -14.37
C4 7O9 D . -16.86 -20.12 -13.25
O4 7O9 D . -17.83 -20.97 -13.82
C2 7O9 D . -17.81 -22.28 -13.35
C3 7O9 D . -16.41 -22.88 -13.48
O3 7O9 D . -15.86 -22.95 -14.62
O2 7O9 D . -15.81 -23.30 -12.46
C1 7O9 D . -18.79 -23.11 -14.17
N1 7O9 D . -18.21 -24.40 -14.47
O1 7O9 D . -20.05 -21.61 -15.59
O 7O9 D . -18.31 -22.57 -16.47
C10 6OU E . -1.21 -14.19 -26.91
C11 6OU E . -1.55 -12.83 -26.21
C12 6OU E . -0.26 -11.94 -26.12
C13 6OU E . -0.66 -10.42 -26.25
C14 6OU E . -1.80 -10.08 -25.25
C15 6OU E . -2.21 -8.60 -25.43
C16 6OU E . -3.72 -8.54 -25.84
O17 6OU E . -4.05 -8.91 -26.92
O18 6OU E . -4.68 -8.03 -24.94
C19 6OU E . -5.82 -7.46 -25.57
C20 6OU E . -6.88 -7.15 -24.51
C21 6OU E . -8.25 -7.60 -25.03
O22 6OU E . -9.28 -7.00 -24.27
P23 6OU E . -10.80 -6.93 -24.95
O24 6OU E . -11.81 -6.51 -23.90
O25 6OU E . -11.16 -8.30 -25.49
O26 6OU E . -10.81 -5.82 -26.18
C27 6OU E . -10.76 -6.29 -27.51
C28 6OU E . -10.50 -5.11 -28.47
N29 6OU E . -11.11 -3.90 -27.92
O30 6OU E . -6.91 -5.77 -24.25
C31 6OU E . -6.44 -5.38 -22.98
O32 6OU E . -7.20 -5.15 -22.10
C33 6OU E . -4.92 -5.26 -22.72
C34 6OU E . -4.67 -4.66 -21.32
C35 6OU E . -4.01 -5.72 -20.38
C36 6OU E . -2.80 -6.42 -21.10
C37 6OU E . -2.58 -7.85 -20.50
C38 6OU E . -1.06 -8.09 -20.20
C39 6OU E . -0.65 -9.55 -20.64
C40 6OU E . 0.90 -9.63 -20.75
C41 6OU E . 1.50 -10.67 -21.43
C42 6OU E . 3.05 -10.71 -21.51
C43 6OU E . 3.48 -11.30 -22.89
C11 6OU F . -22.06 -9.98 2.85
C12 6OU F . -22.19 -9.07 1.59
C13 6OU F . -20.95 -9.29 0.65
C14 6OU F . -20.93 -8.18 -0.43
C15 6OU F . -20.21 -8.70 -1.70
C16 6OU F . -21.23 -8.74 -2.89
O17 6OU F . -22.39 -8.78 -2.67
O18 6OU F . -20.76 -8.74 -4.23
C19 6OU F . -21.70 -8.26 -5.16
C20 6OU F . -22.78 -9.32 -5.41
C21 6OU F . -22.82 -9.66 -6.90
O22 6OU F . -24.10 -10.09 -7.30
P23 6OU F . -24.58 -9.81 -8.88
O24 6OU F . -24.07 -10.91 -9.77
O25 6OU F . -26.09 -9.78 -8.94
O26 6OU F . -23.97 -8.36 -9.39
C27 6OU F . -22.66 -8.31 -9.92
C28 6OU F . -22.07 -6.91 -9.74
N29 6OU F . -20.83 -6.98 -8.96
O30 6OU F . -24.02 -8.82 -4.99
C31 6OU F . -24.67 -9.56 -3.98
O32 6OU F . -24.13 -10.47 -3.45
C33 6OU F . -26.11 -9.20 -3.57
C34 6OU F . -26.30 -9.54 -2.06
C35 6OU F . -26.22 -11.08 -1.85
C36 6OU F . -24.91 -11.44 -1.05
C37 6OU F . -25.07 -10.97 0.44
C 7O9 G . 19.76 18.61 -19.18
F2 7O9 G . 20.26 17.35 -5.90
C13 7O9 G . 21.07 16.76 -6.81
F 7O9 G . 22.34 17.24 -6.67
F1 7O9 G . 21.07 15.41 -6.61
C12 7O9 G . 20.56 17.07 -8.20
C11 7O9 G . 21.43 17.49 -9.17
C10 7O9 G . 20.96 17.78 -10.44
C14 7O9 G . 19.21 16.91 -8.47
C15 7O9 G . 18.74 17.19 -9.74
C9 7O9 G . 19.61 17.63 -10.71
C8 7O9 G . 19.08 17.94 -12.11
O5 7O9 G . 19.77 18.46 -12.91
N 7O9 G . 17.71 17.60 -12.43
C7 7O9 G . 17.22 17.72 -13.80
C6 7O9 G . 17.68 16.86 -14.77
C16 7O9 G . 16.29 18.69 -14.12
C17 7O9 G . 15.83 18.81 -15.41
C18 7O9 G . 16.29 17.94 -16.39
C5 7O9 G . 17.22 16.97 -16.06
C4 7O9 G . 17.74 16.01 -17.13
O4 7O9 G . 18.44 16.76 -18.09
C2 7O9 G . 19.69 16.24 -18.44
C3 7O9 G . 20.54 16.01 -17.20
O3 7O9 G . 20.82 16.97 -16.43
O2 7O9 G . 20.97 14.85 -16.93
C1 7O9 G . 20.40 17.23 -19.36
N1 7O9 G . 21.80 17.31 -18.99
O1 7O9 G . 18.82 18.97 -19.94
O 7O9 G . 20.17 19.37 -18.27
C10 6OU H . 16.02 25.80 2.05
C11 6OU H . 14.56 25.26 1.85
C12 6OU H . 13.92 24.91 3.22
C13 6OU H . 12.37 25.19 3.18
C14 6OU H . 11.74 24.51 1.93
C15 6OU H . 10.22 24.86 1.87
C16 6OU H . 9.92 25.62 0.54
O17 6OU H . 10.32 26.73 0.40
O18 6OU H . 9.17 25.00 -0.48
C19 6OU H . 8.47 25.90 -1.31
C20 6OU H . 7.87 25.14 -2.51
C21 6OU H . 8.11 25.95 -3.78
O22 6OU H . 7.26 25.50 -4.81
P23 6OU H . 6.99 26.52 -6.10
O24 6OU H . 6.31 25.76 -7.22
O25 6OU H . 8.30 27.08 -6.59
O26 6OU H . 6.01 27.77 -5.61
C27 6OU H . 6.61 29.03 -5.35
C28 6OU H . 5.58 29.95 -4.66
N29 6OU H . 4.24 29.61 -5.12
O30 6OU H . 6.49 24.96 -2.31
C31 6OU H . 6.08 23.64 -2.07
O32 6OU H . 5.64 22.98 -2.95
C33 6OU H . 6.21 23.02 -0.66
C34 6OU H . 5.55 21.63 -0.61
C35 6OU H . 6.62 20.53 -0.41
C36 6OU H . 7.59 20.90 0.77
C37 6OU H . 8.98 20.20 0.56
C38 6OU H . 9.45 19.54 1.90
C39 6OU H . 11.00 19.79 2.09
C40 6OU H . 11.38 19.52 3.59
C41 6OU H . 12.56 19.99 4.10
C42 6OU H . 12.89 19.70 5.58
C43 6OU H . 13.68 20.91 6.20
C11 6OU I . 5.40 2.11 -23.72
C12 6OU I . 4.60 3.40 -23.37
C13 6OU I . 5.12 4.00 -22.02
C14 6OU I . 4.13 5.11 -21.54
C15 6OU I . 4.89 6.14 -20.67
C16 6OU I . 4.85 7.53 -21.37
O17 6OU I . 4.66 7.60 -22.54
O18 6OU I . 5.06 8.72 -20.63
C19 6OU I . 4.50 9.86 -21.22
C20 6OU I . 5.37 10.31 -22.41
C21 6OU I . 5.83 11.75 -22.17
O22 6OU I . 6.05 12.43 -23.39
P23 6OU I . 5.84 14.09 -23.43
O24 6OU I . 7.09 14.79 -22.96
O25 6OU I . 5.53 14.52 -24.86
O26 6OU I . 4.58 14.50 -22.45
C27 6OU I . 4.82 14.71 -21.07
C28 6OU I . 3.53 14.46 -20.27
N29 6OU I . 3.75 13.40 -19.29
O30 6OU I . 4.61 10.23 -23.58
C31 6OU I . 5.13 9.38 -24.58
O32 6OU I . 6.07 8.69 -24.36
C33 6OU I . 4.49 9.34 -25.98
C34 6OU I . 4.64 7.90 -26.56
C35 6OU I . 6.14 7.61 -26.84
C36 6OU I . 6.66 6.51 -25.84
C37 6OU I . 6.03 5.12 -26.23
C 7O9 J . -12.83 14.64 26.96
F2 7O9 J . -12.69 1.58 24.18
C13 7O9 J . -11.88 2.24 25.04
F 7O9 J . -12.14 1.82 26.31
F1 7O9 J . -10.57 1.99 24.73
C12 7O9 J . -12.15 3.73 24.93
C11 7O9 J . -12.33 4.48 26.07
C10 7O9 J . -12.59 5.84 25.96
C14 7O9 J . -12.22 4.30 23.67
C15 7O9 J . -12.47 5.66 23.56
C9 7O9 J . -12.65 6.42 24.71
C8 7O9 J . -12.93 7.91 24.58
O5 7O9 J . -13.24 8.54 25.52
N 7O9 J . -12.82 8.54 23.27
C7 7O9 J . -12.91 9.98 23.14
C6 7O9 J . -11.88 10.78 23.64
C16 7O9 J . -13.99 10.55 22.53
C17 7O9 J . -14.08 11.93 22.40
C18 7O9 J . -13.05 12.72 22.89
C5 7O9 J . -11.96 12.15 23.51
C4 7O9 J . -10.85 13.02 24.07
O4 7O9 J . -11.36 13.81 25.09
C2 7O9 J . -10.59 13.83 26.26
C3 7O9 J . -10.32 12.41 26.75
O3 7O9 J . -11.28 11.64 27.03
O2 7O9 J . -9.13 12.00 26.87
C1 7O9 J . -11.36 14.59 27.34
N1 7O9 J . -11.22 13.91 28.61
O1 7O9 J . -13.29 15.62 26.32
O 7O9 J . -13.58 13.68 27.30
C10 6OU K . -22.44 -4.75 19.98
C11 6OU K . -22.15 -4.21 18.54
C12 6OU K . -22.05 -5.42 17.55
C13 6OU K . -22.61 -4.98 16.13
C14 6OU K . -21.95 -3.66 15.68
C15 6OU K . -22.55 -3.22 14.32
C16 6OU K . -23.23 -1.83 14.48
O17 6OU K . -24.23 -1.73 15.12
O18 6OU K . -22.67 -0.68 13.88
C19 6OU K . -23.61 0.34 13.58
C20 6OU K . -22.87 1.60 13.12
C21 6OU K . -23.51 2.81 13.81
O22 6OU K . -23.12 4.00 13.14
P23 6OU K . -24.06 5.36 13.37
O24 6OU K . -23.34 6.57 12.82
O25 6OU K . -24.32 5.55 14.85
O26 6OU K . -25.50 5.17 12.58
C27 6OU K . -26.65 4.83 13.34
C28 6OU K . -27.80 4.45 12.37
N29 6OU K . -27.67 5.21 11.14
O30 6OU K . -22.97 1.74 11.73
C31 6OU K . -21.76 1.55 11.03
O32 6OU K . -21.12 2.47 10.67
C33 6OU K . -21.26 0.12 10.70
C34 6OU K . -20.02 0.18 9.78
C35 6OU K . -18.76 -0.34 10.55
C36 6OU K . -19.05 -1.70 11.28
C37 6OU K . -18.10 -1.85 12.52
C38 6OU K . -17.48 -3.29 12.53
C39 6OU K . -17.47 -3.84 14.02
C40 6OU K . -17.27 -5.39 13.98
C41 6OU K . -17.56 -6.16 15.08
C42 6OU K . -17.35 -7.69 15.01
C43 6OU K . -18.44 -8.42 15.85
C11 6OU L . 1.13 21.77 11.06
C12 6OU L . -0.32 21.67 10.46
C13 6OU L . -0.94 20.26 10.78
C14 6OU L . -2.23 20.08 9.95
C15 6OU L . -3.18 19.10 10.67
C16 6OU L . -4.48 19.86 11.07
O17 6OU L . -4.48 21.04 11.16
O18 6OU L . -5.67 19.14 11.33
C19 6OU L . -6.86 19.90 11.16
C20 6OU L . -7.03 20.85 12.34
C21 6OU L . -8.38 20.58 13.01
O22 6OU L . -8.89 21.75 13.64
P23 6OU L . -10.55 21.91 13.77
O24 6OU L . -11.05 21.18 15.00
O25 6OU L . -10.90 23.37 13.88
O26 6OU L . -11.28 21.27 12.42
C27 6OU L . -11.56 19.88 12.38
C28 6OU L . -11.61 19.41 10.91
N29 6OU L . -10.62 18.35 10.69
O30 6OU L . -6.98 22.18 11.87
C31 6OU L . -5.96 22.98 12.43
O32 6OU L . -5.14 22.51 13.14
C33 6OU L . -5.92 24.49 12.12
C34 6OU L . -4.43 24.96 12.11
C35 6OU L . -3.85 24.85 13.55
C36 6OU L . -2.76 23.71 13.61
C37 6OU L . -1.49 24.17 12.83
#